data_6D8A
#
_entry.id   6D8A
#
_cell.length_a   68.411
_cell.length_b   118.985
_cell.length_c   118.818
_cell.angle_alpha   90.000
_cell.angle_beta   95.510
_cell.angle_gamma   90.000
#
_symmetry.space_group_name_H-M   'P 1 21 1'
#
loop_
_entity.id
_entity.type
_entity.pdbx_description
1 polymer 'Uncharacterized protein'
2 polymer "RNA (5'-R(P*UP*UP*AP*CP*UP*GP*CP*AP*CP*AP*GP*GP*UP*GP*AP*CP*GP*A)-3')"
3 polymer "DNA (5'-D(P*TP*CP*GP*TP*CP*AP*CP*CP*TP*GP*TP*GP*CP*AP*GP*AP*AP*TP*AP*AP*C)-3')"
4 non-polymer (4S)-2-METHYL-2,4-PENTANEDIOL
5 non-polymer 'MAGNESIUM ION'
6 non-polymer 'ACETATE ION'
7 water water
#
loop_
_entity_poly.entity_id
_entity_poly.type
_entity_poly.pdbx_seq_one_letter_code
_entity_poly.pdbx_strand_id
1 'polypeptide(L)'
;MHHHHHHDYKDDDDKAPVQAADEMYDSNPHPDRRQLVSNGFEVNLPDQVEVIVRDLPDPSKVKEERTRLMGYWFVHWFDG
KLFHLRIKAGGPNVDGEHRAIRTAEHPWLLRARLDDALEEALPKYAAVKKRPFTFLAQKDELIDAAATAAGLSHRLLNSF
KVIPRFALSPKIYEPVDGTTRVGVFVTIGMRYDIEASLRDLLEAGIDLRGMYVVRRKRQPGERGLLGRVRAISDDMVQLF
EETDLASVNVNDAKLEGSKENFTRCLSALLGHNYKKLLNALDDQEAGYRTGPRFDDAVRRMGEFLAKKPIRLADNINAQV
GDRIVFSNEGQARNVRLAPKVEYVFDRTGAKSAEYAWRGLSQFGPFDRPSFANRSPRILVVYPSSTQGKVENFLSAFRDG
MGSNYSGFSKGFVDLMGLTKVEFVMCPVEVSSADRNGAHTKYNSAIEDKLAGAGEVHAGIVVLFEDHARLPDDRNPYIHT
KSLLLTLGVPTQQVRMPTVLLEPKSLQYTLQNFSIATYAKLNGTPWTVNHDKAINDELVVGMGLAELSGSRTEKRQRFVG
ITTVFAGDGSYLLGNVSKECEYEGYSDAIRESMTGILRELKKRNNWRPGDTVRVVFHAHRPLKRVDVASIVFECTREIGS
DQNIQMAFVTVSHDHPFVLIDRSERGLEAYKGSTARKGVFAPPRGAISRVGRLTRLLAVNSPQLIKRANTPLPTPLLVSL
HPDSTFKDVDYLAEQALKFTSLSWRSTLPAATPVTIFYSERIAELLGRLKSIPNWSSANLNIKLKWSRWFL
;
A,F
2 'polyribonucleotide' UUACUGCACAGGUGACGA C,H
3 'polydeoxyribonucleotide'
;(DC)(DT)(DG)(DT)(DC)(DG)(DT)(DC)(DA)(DC)(DC)(DT)(DG)(DT)(DG)(DC)(DA)(DG)(DA)(DA)
(DT)(DA)(DA)(DC)(DT)(DG)
;
G,J
#
loop_
_chem_comp.id
_chem_comp.type
_chem_comp.name
_chem_comp.formula
A RNA linking ADENOSINE-5'-MONOPHOSPHATE 'C10 H14 N5 O7 P'
ACT non-polymer 'ACETATE ION' 'C2 H3 O2 -1'
C RNA linking CYTIDINE-5'-MONOPHOSPHATE 'C9 H14 N3 O8 P'
DA DNA linking 2'-DEOXYADENOSINE-5'-MONOPHOSPHATE 'C10 H14 N5 O6 P'
DC DNA linking 2'-DEOXYCYTIDINE-5'-MONOPHOSPHATE 'C9 H14 N3 O7 P'
DG DNA linking 2'-DEOXYGUANOSINE-5'-MONOPHOSPHATE 'C10 H14 N5 O7 P'
DT DNA linking THYMIDINE-5'-MONOPHOSPHATE 'C10 H15 N2 O8 P'
G RNA linking GUANOSINE-5'-MONOPHOSPHATE 'C10 H14 N5 O8 P'
MG non-polymer 'MAGNESIUM ION' 'Mg 2'
MPD non-polymer (4S)-2-METHYL-2,4-PENTANEDIOL 'C6 H14 O2'
U RNA linking URIDINE-5'-MONOPHOSPHATE 'C9 H13 N2 O9 P'
#
# COMPACT_ATOMS: atom_id res chain seq x y z
N ARG A 34 -29.07 36.48 26.60
CA ARG A 34 -29.77 35.34 27.15
C ARG A 34 -29.61 34.08 26.31
N GLN A 35 -29.40 34.24 25.00
CA GLN A 35 -29.54 33.13 24.07
C GLN A 35 -28.47 33.20 22.99
N LEU A 36 -27.93 32.03 22.65
CA LEU A 36 -26.99 31.90 21.55
C LEU A 36 -27.59 31.02 20.45
N VAL A 37 -27.56 31.54 19.23
CA VAL A 37 -28.13 30.87 18.06
C VAL A 37 -27.03 30.11 17.34
N SER A 38 -27.35 28.90 16.87
CA SER A 38 -26.41 28.07 16.13
C SER A 38 -26.61 28.24 14.62
N ASN A 39 -25.68 27.65 13.86
CA ASN A 39 -25.79 27.53 12.42
C ASN A 39 -26.50 26.26 11.98
N GLY A 40 -27.34 25.67 12.84
CA GLY A 40 -27.94 24.39 12.52
C GLY A 40 -29.45 24.37 12.68
N PHE A 41 -30.09 23.40 12.01
CA PHE A 41 -31.54 23.24 12.09
C PHE A 41 -31.91 21.87 12.65
N GLU A 42 -32.89 21.87 13.56
CA GLU A 42 -33.55 20.64 13.98
C GLU A 42 -34.03 19.85 12.77
N VAL A 43 -33.93 18.53 12.85
CA VAL A 43 -34.49 17.61 11.86
C VAL A 43 -35.51 16.73 12.57
N ASN A 44 -36.79 16.87 12.21
CA ASN A 44 -37.84 16.00 12.76
C ASN A 44 -37.79 14.67 12.03
N LEU A 45 -37.54 13.61 12.78
CA LEU A 45 -37.46 12.26 12.22
C LEU A 45 -38.61 11.43 12.73
N PRO A 46 -38.89 10.30 12.11
CA PRO A 46 -39.84 9.35 12.70
C PRO A 46 -39.29 8.83 14.02
N ASP A 47 -40.19 8.48 14.92
CA ASP A 47 -39.80 7.85 16.17
C ASP A 47 -39.06 6.53 15.95
N GLN A 48 -39.24 5.92 14.78
CA GLN A 48 -38.95 4.50 14.60
C GLN A 48 -38.82 4.22 13.11
N VAL A 49 -37.96 3.26 12.78
CA VAL A 49 -37.79 2.82 11.40
C VAL A 49 -37.52 1.32 11.40
N GLU A 50 -38.19 0.60 10.50
CA GLU A 50 -38.10 -0.85 10.45
C GLU A 50 -36.94 -1.25 9.54
N VAL A 51 -36.14 -2.22 10.02
CA VAL A 51 -34.83 -2.53 9.47
C VAL A 51 -34.68 -4.05 9.38
N ILE A 52 -33.73 -4.48 8.56
CA ILE A 52 -33.30 -5.88 8.52
C ILE A 52 -31.82 -5.90 8.88
N VAL A 53 -31.45 -6.87 9.71
CA VAL A 53 -30.11 -6.95 10.27
C VAL A 53 -29.50 -8.31 9.91
N ARG A 54 -28.22 -8.28 9.52
CA ARG A 54 -27.42 -9.48 9.37
C ARG A 54 -26.12 -9.29 10.15
N ASP A 55 -25.69 -10.33 10.86
CA ASP A 55 -24.33 -10.35 11.35
C ASP A 55 -23.39 -10.47 10.15
N LEU A 56 -22.37 -9.62 10.10
CA LEU A 56 -21.42 -9.58 8.98
C LEU A 56 -20.02 -9.28 9.53
N PRO A 57 -19.51 -10.14 10.40
CA PRO A 57 -18.27 -9.79 11.11
C PRO A 57 -17.11 -9.39 10.20
N ASP A 58 -17.19 -9.72 8.90
CA ASP A 58 -16.16 -9.31 7.96
C ASP A 58 -16.63 -8.06 7.23
N PRO A 59 -16.07 -6.88 7.52
CA PRO A 59 -16.55 -5.65 6.87
C PRO A 59 -16.05 -5.47 5.45
N SER A 60 -15.12 -6.31 4.98
CA SER A 60 -14.75 -6.27 3.58
C SER A 60 -15.97 -6.51 2.69
N LYS A 61 -16.86 -7.40 3.13
CA LYS A 61 -18.06 -7.71 2.37
C LYS A 61 -18.90 -6.47 2.10
N VAL A 62 -18.81 -5.45 2.96
CA VAL A 62 -19.73 -4.32 2.89
C VAL A 62 -19.70 -3.68 1.51
N LYS A 63 -18.50 -3.47 0.96
CA LYS A 63 -18.36 -2.84 -0.34
C LYS A 63 -19.35 -3.43 -1.36
N GLU A 64 -19.27 -4.75 -1.56
CA GLU A 64 -20.05 -5.39 -2.61
C GLU A 64 -21.55 -5.33 -2.31
N GLU A 65 -21.92 -5.48 -1.04
CA GLU A 65 -23.34 -5.55 -0.70
C GLU A 65 -24.03 -4.21 -0.90
N ARG A 66 -23.36 -3.11 -0.58
CA ARG A 66 -23.94 -1.80 -0.89
C ARG A 66 -24.18 -1.67 -2.39
N THR A 67 -23.34 -2.31 -3.21
CA THR A 67 -23.52 -2.23 -4.67
C THR A 67 -24.69 -3.10 -5.12
N ARG A 68 -24.72 -4.36 -4.68
CA ARG A 68 -25.75 -5.28 -5.14
C ARG A 68 -27.14 -4.79 -4.83
N LEU A 69 -27.31 -4.03 -3.74
CA LEU A 69 -28.62 -3.57 -3.30
C LEU A 69 -28.82 -2.07 -3.54
N MET A 70 -27.88 -1.40 -4.21
CA MET A 70 -27.95 0.03 -4.41
C MET A 70 -29.32 0.44 -4.94
N GLY A 71 -29.78 1.61 -4.48
CA GLY A 71 -31.02 2.17 -4.96
C GLY A 71 -32.24 1.64 -4.24
N TYR A 72 -32.21 0.35 -3.88
CA TYR A 72 -33.32 -0.26 -3.17
C TYR A 72 -33.10 -0.28 -1.66
N TRP A 73 -31.84 -0.26 -1.22
CA TRP A 73 -31.53 -0.39 0.19
C TRP A 73 -30.47 0.62 0.60
N PHE A 74 -30.71 1.33 1.71
CA PHE A 74 -29.65 2.01 2.44
C PHE A 74 -29.06 1.01 3.42
N VAL A 75 -27.73 0.97 3.48
CA VAL A 75 -26.98 -0.10 4.10
C VAL A 75 -25.93 0.53 5.01
N HIS A 76 -25.69 -0.10 6.15
CA HIS A 76 -24.85 0.53 7.16
C HIS A 76 -24.26 -0.53 8.08
N TRP A 77 -22.94 -0.50 8.24
CA TRP A 77 -22.21 -1.39 9.14
C TRP A 77 -22.01 -0.69 10.47
N PHE A 78 -22.09 -1.46 11.56
CA PHE A 78 -21.95 -0.91 12.90
C PHE A 78 -21.86 -2.04 13.92
N ASP A 79 -20.68 -2.19 14.53
CA ASP A 79 -20.44 -3.16 15.60
C ASP A 79 -20.84 -4.58 15.19
N GLY A 80 -20.30 -5.01 14.05
CA GLY A 80 -20.41 -6.39 13.62
C GLY A 80 -21.66 -6.74 12.84
N LYS A 81 -22.56 -5.79 12.62
CA LYS A 81 -23.83 -6.05 11.99
C LYS A 81 -24.03 -5.16 10.78
N LEU A 82 -24.79 -5.66 9.80
CA LEU A 82 -25.20 -4.90 8.64
C LEU A 82 -26.67 -4.54 8.80
N PHE A 83 -26.98 -3.24 8.81
CA PHE A 83 -28.35 -2.76 8.89
C PHE A 83 -28.83 -2.37 7.51
N HIS A 84 -30.05 -2.78 7.18
CA HIS A 84 -30.65 -2.56 5.86
C HIS A 84 -31.94 -1.76 6.03
N LEU A 85 -32.03 -0.61 5.37
CA LEU A 85 -33.22 0.25 5.41
C LEU A 85 -33.78 0.35 4.00
N ARG A 86 -34.90 -0.33 3.74
CA ARG A 86 -35.49 -0.30 2.40
C ARG A 86 -35.85 1.13 2.03
N ILE A 87 -35.43 1.56 0.84
CA ILE A 87 -35.71 2.91 0.38
C ILE A 87 -36.68 2.94 -0.80
N LYS A 88 -36.70 1.91 -1.64
CA LYS A 88 -37.63 1.80 -2.74
C LYS A 88 -38.14 0.36 -2.77
N ALA A 89 -39.41 0.18 -3.12
CA ALA A 89 -39.95 -1.18 -3.24
C ALA A 89 -39.26 -1.91 -4.37
N GLY A 90 -39.19 -3.23 -4.25
CA GLY A 90 -38.64 -4.06 -5.31
C GLY A 90 -37.32 -4.73 -4.96
N GLY A 91 -37.20 -6.01 -5.28
CA GLY A 91 -35.99 -6.75 -5.05
C GLY A 91 -34.78 -6.02 -5.61
N PRO A 92 -33.57 -6.45 -5.23
CA PRO A 92 -33.23 -7.71 -4.57
C PRO A 92 -33.60 -7.77 -3.09
N ASN A 93 -34.10 -8.93 -2.64
CA ASN A 93 -34.47 -9.09 -1.25
C ASN A 93 -33.24 -9.44 -0.41
N VAL A 94 -33.35 -9.15 0.89
CA VAL A 94 -32.25 -9.35 1.83
C VAL A 94 -32.79 -10.12 3.04
N ASP A 95 -31.98 -11.06 3.50
CA ASP A 95 -32.29 -11.86 4.68
C ASP A 95 -31.98 -11.08 5.95
N GLY A 96 -32.33 -11.67 7.09
CA GLY A 96 -31.94 -11.15 8.38
C GLY A 96 -33.11 -10.91 9.30
N GLU A 97 -32.77 -10.60 10.55
CA GLU A 97 -33.79 -10.32 11.56
C GLU A 97 -34.46 -8.98 11.29
N HIS A 98 -35.79 -8.95 11.46
CA HIS A 98 -36.58 -7.74 11.20
C HIS A 98 -36.74 -6.98 12.52
N ARG A 99 -35.83 -6.07 12.80
CA ARG A 99 -35.82 -5.30 14.04
C ARG A 99 -36.29 -3.87 13.79
N ALA A 100 -36.85 -3.26 14.82
CA ALA A 100 -37.17 -1.83 14.80
C ALA A 100 -36.02 -1.06 15.45
N ILE A 101 -35.74 0.13 14.92
CA ILE A 101 -34.72 1.00 15.47
C ILE A 101 -35.38 2.32 15.82
N ARG A 102 -35.35 2.66 17.11
CA ARG A 102 -35.96 3.89 17.61
C ARG A 102 -34.94 5.02 17.55
N THR A 103 -35.35 6.13 16.95
CA THR A 103 -34.42 7.22 16.65
C THR A 103 -33.85 7.81 17.93
N ALA A 104 -34.66 7.86 18.99
CA ALA A 104 -34.19 8.44 20.24
C ALA A 104 -33.06 7.61 20.86
N GLU A 105 -33.03 6.30 20.60
CA GLU A 105 -32.03 5.43 21.20
C GLU A 105 -30.78 5.27 20.33
N HIS A 106 -30.95 5.24 19.01
CA HIS A 106 -29.86 4.89 18.08
C HIS A 106 -29.88 5.87 16.92
N PRO A 107 -29.68 7.16 17.20
CA PRO A 107 -29.82 8.17 16.14
C PRO A 107 -28.73 8.08 15.07
N TRP A 108 -27.73 7.23 15.25
CA TRP A 108 -26.69 7.07 14.23
C TRP A 108 -27.27 6.59 12.90
N LEU A 109 -28.31 5.75 12.95
CA LEU A 109 -28.84 5.16 11.72
C LEU A 109 -29.39 6.24 10.80
N LEU A 110 -30.38 7.00 11.28
CA LEU A 110 -30.97 8.04 10.44
C LEU A 110 -30.02 9.20 10.22
N ARG A 111 -29.08 9.45 11.14
CA ARG A 111 -28.09 10.48 10.88
C ARG A 111 -27.28 10.15 9.63
N ALA A 112 -26.81 8.91 9.52
CA ALA A 112 -26.08 8.47 8.34
C ALA A 112 -26.95 8.56 7.09
N ARG A 113 -28.17 8.04 7.17
CA ARG A 113 -29.11 8.12 6.05
C ARG A 113 -29.35 9.57 5.65
N LEU A 114 -29.26 10.51 6.58
CA LEU A 114 -29.52 11.91 6.27
C LEU A 114 -28.41 12.49 5.39
N ASP A 115 -27.17 12.02 5.54
CA ASP A 115 -26.12 12.41 4.60
C ASP A 115 -26.57 12.20 3.16
N ASP A 116 -26.97 10.96 2.83
CA ASP A 116 -27.40 10.66 1.46
C ASP A 116 -28.67 11.40 1.11
N ALA A 117 -29.69 11.34 1.97
CA ALA A 117 -30.98 11.95 1.65
C ALA A 117 -30.80 13.43 1.29
N LEU A 118 -29.92 14.14 2.01
CA LEU A 118 -29.73 15.56 1.75
C LEU A 118 -29.25 15.79 0.32
N GLU A 119 -28.33 14.96 -0.16
CA GLU A 119 -27.86 15.07 -1.53
C GLU A 119 -29.03 14.93 -2.51
N GLU A 120 -29.87 13.92 -2.31
CA GLU A 120 -30.98 13.66 -3.22
C GLU A 120 -32.06 14.72 -3.14
N ALA A 121 -32.14 15.44 -2.02
CA ALA A 121 -33.09 16.54 -1.90
C ALA A 121 -32.64 17.79 -2.63
N LEU A 122 -31.41 17.82 -3.15
CA LEU A 122 -30.87 18.99 -3.82
C LEU A 122 -30.24 18.58 -5.15
N PRO A 123 -31.00 17.90 -6.01
CA PRO A 123 -30.36 17.22 -7.14
C PRO A 123 -29.79 18.16 -8.18
N LYS A 124 -30.13 19.45 -8.11
CA LYS A 124 -29.55 20.44 -9.00
C LYS A 124 -28.18 20.92 -8.53
N TYR A 125 -27.75 20.51 -7.34
CA TYR A 125 -26.47 20.93 -6.76
C TYR A 125 -25.55 19.73 -6.67
N ALA A 126 -24.48 19.73 -7.45
CA ALA A 126 -23.61 18.58 -7.53
C ALA A 126 -22.67 18.54 -6.33
N ALA A 127 -22.48 17.33 -5.80
CA ALA A 127 -21.56 17.14 -4.69
C ALA A 127 -20.13 17.28 -5.18
N VAL A 128 -19.40 18.27 -4.64
CA VAL A 128 -17.94 18.25 -4.78
C VAL A 128 -17.31 17.46 -3.65
N LYS A 129 -18.07 17.16 -2.60
CA LYS A 129 -17.59 16.32 -1.50
C LYS A 129 -18.81 15.68 -0.85
N LYS A 130 -18.63 14.49 -0.31
CA LYS A 130 -19.72 13.80 0.39
C LYS A 130 -19.35 13.62 1.86
N ARG A 131 -20.40 13.48 2.67
CA ARG A 131 -20.29 13.22 4.10
C ARG A 131 -19.20 14.07 4.74
N PRO A 132 -19.44 15.38 4.94
CA PRO A 132 -20.70 16.07 4.66
C PRO A 132 -20.92 16.48 3.21
N PHE A 133 -22.18 16.49 2.80
CA PHE A 133 -22.56 16.96 1.47
C PHE A 133 -22.09 18.39 1.27
N THR A 134 -21.18 18.58 0.31
CA THR A 134 -20.61 19.88 -0.01
C THR A 134 -20.83 20.18 -1.50
N PHE A 135 -21.24 21.42 -1.80
CA PHE A 135 -21.65 21.76 -3.16
C PHE A 135 -21.41 23.25 -3.40
N LEU A 136 -21.45 23.64 -4.67
CA LEU A 136 -21.16 25.02 -5.06
C LEU A 136 -22.44 25.81 -5.33
N ALA A 137 -22.41 27.09 -4.96
CA ALA A 137 -23.41 28.03 -5.46
C ALA A 137 -23.44 27.94 -6.98
N GLN A 138 -24.63 28.08 -7.56
CA GLN A 138 -24.78 27.87 -8.98
C GLN A 138 -24.55 29.14 -9.79
N LYS A 139 -24.95 30.30 -9.27
CA LYS A 139 -24.81 31.54 -10.01
C LYS A 139 -23.62 32.39 -9.56
N ASP A 140 -23.49 32.65 -8.26
CA ASP A 140 -22.58 33.68 -7.82
C ASP A 140 -21.12 33.28 -8.05
N GLU A 141 -20.33 34.28 -8.46
CA GLU A 141 -18.90 34.09 -8.74
C GLU A 141 -18.24 35.41 -8.39
N LEU A 142 -17.42 35.42 -7.34
CA LEU A 142 -17.10 36.68 -6.69
C LEU A 142 -15.95 37.45 -7.33
N ILE A 143 -15.13 36.82 -8.17
CA ILE A 143 -14.09 37.58 -8.85
C ILE A 143 -14.71 38.49 -9.91
N ASP A 144 -15.59 37.93 -10.76
CA ASP A 144 -16.37 38.79 -11.64
C ASP A 144 -17.03 39.91 -10.85
N ALA A 145 -17.76 39.54 -9.79
CA ALA A 145 -18.46 40.53 -8.98
C ALA A 145 -17.51 41.62 -8.47
N ALA A 146 -16.31 41.24 -8.02
CA ALA A 146 -15.40 42.21 -7.42
C ALA A 146 -14.70 43.07 -8.47
N ALA A 147 -14.40 42.51 -9.64
CA ALA A 147 -13.80 43.31 -10.70
C ALA A 147 -14.76 44.39 -11.15
N THR A 148 -16.00 44.01 -11.45
CA THR A 148 -17.05 44.98 -11.73
C THR A 148 -17.14 46.05 -10.65
N ALA A 149 -17.02 45.65 -9.38
CA ALA A 149 -17.24 46.59 -8.29
C ALA A 149 -16.07 47.54 -8.09
N ALA A 150 -14.86 47.11 -8.46
CA ALA A 150 -13.69 47.99 -8.38
C ALA A 150 -13.43 48.74 -9.68
N GLY A 151 -14.09 48.37 -10.77
CA GLY A 151 -13.86 49.01 -12.05
C GLY A 151 -12.67 48.46 -12.79
N LEU A 152 -12.45 47.15 -12.72
CA LEU A 152 -11.30 46.49 -13.31
C LEU A 152 -11.74 45.47 -14.33
N SER A 153 -10.82 45.14 -15.24
CA SER A 153 -11.10 44.20 -16.31
C SER A 153 -9.77 43.61 -16.79
N HIS A 154 -9.88 42.46 -17.45
CA HIS A 154 -8.76 41.79 -18.09
C HIS A 154 -9.34 40.54 -18.76
N ARG A 155 -8.73 40.10 -19.85
CA ARG A 155 -9.26 39.02 -20.66
C ARG A 155 -9.05 37.64 -20.06
N LEU A 156 -8.29 37.52 -18.98
CA LEU A 156 -8.09 36.24 -18.32
C LEU A 156 -8.70 36.20 -16.93
N LEU A 157 -9.21 37.33 -16.41
CA LEU A 157 -9.97 37.30 -15.17
C LEU A 157 -11.01 36.19 -15.20
N ASN A 158 -11.77 36.11 -16.29
CA ASN A 158 -12.88 35.16 -16.38
C ASN A 158 -12.46 33.74 -16.06
N SER A 159 -11.16 33.46 -16.04
CA SER A 159 -10.65 32.14 -15.72
C SER A 159 -10.19 32.02 -14.27
N PHE A 160 -10.35 33.06 -13.47
CA PHE A 160 -10.07 33.05 -12.04
C PHE A 160 -11.39 33.07 -11.30
N LYS A 161 -11.63 32.05 -10.46
CA LYS A 161 -12.96 31.85 -9.89
C LYS A 161 -12.91 31.70 -8.38
N VAL A 162 -13.84 32.41 -7.73
CA VAL A 162 -14.07 32.33 -6.29
C VAL A 162 -15.56 32.09 -6.12
N ILE A 163 -15.93 30.86 -5.71
CA ILE A 163 -17.31 30.42 -5.73
C ILE A 163 -17.71 30.00 -4.30
N PRO A 164 -18.80 30.56 -3.77
CA PRO A 164 -19.26 30.08 -2.46
C PRO A 164 -19.54 28.58 -2.43
N ARG A 165 -19.10 27.94 -1.34
CA ARG A 165 -19.20 26.50 -1.13
C ARG A 165 -19.97 26.30 0.17
N PHE A 166 -20.98 25.42 0.15
CA PHE A 166 -21.81 25.12 1.31
C PHE A 166 -21.63 23.65 1.69
N ALA A 167 -21.62 23.38 3.00
CA ALA A 167 -21.69 22.02 3.48
C ALA A 167 -22.86 21.89 4.46
N LEU A 168 -23.51 20.73 4.40
CA LEU A 168 -24.63 20.41 5.27
C LEU A 168 -24.23 19.21 6.12
N SER A 169 -24.05 19.42 7.41
CA SER A 169 -23.48 18.38 8.26
C SER A 169 -24.51 17.86 9.24
N PRO A 170 -24.99 16.63 9.07
CA PRO A 170 -25.89 16.04 10.08
C PRO A 170 -25.11 15.63 11.32
N LYS A 171 -25.45 16.23 12.45
CA LYS A 171 -24.72 16.02 13.70
C LYS A 171 -25.69 15.67 14.81
N ILE A 172 -25.28 14.77 15.70
CA ILE A 172 -26.06 14.43 16.88
C ILE A 172 -25.66 15.37 18.01
N TYR A 173 -26.66 15.91 18.70
CA TYR A 173 -26.47 16.82 19.83
C TYR A 173 -27.51 16.48 20.90
N GLU A 174 -27.38 17.11 22.06
CA GLU A 174 -28.28 16.84 23.20
C GLU A 174 -28.98 18.11 23.66
N PRO A 175 -30.25 18.31 23.32
CA PRO A 175 -30.94 19.55 23.73
C PRO A 175 -31.06 19.69 25.25
N VAL A 176 -31.26 18.59 25.96
CA VAL A 176 -31.03 18.49 27.40
C VAL A 176 -30.30 17.18 27.64
N ASP A 177 -29.76 17.02 28.84
CA ASP A 177 -29.00 15.81 29.15
C ASP A 177 -29.87 14.58 29.03
N GLY A 178 -29.36 13.56 28.33
CA GLY A 178 -30.01 12.28 28.26
C GLY A 178 -30.92 12.06 27.07
N THR A 179 -31.24 13.09 26.30
CA THR A 179 -32.05 12.95 25.10
C THR A 179 -31.27 13.50 23.92
N THR A 180 -31.13 12.67 22.88
CA THR A 180 -30.38 13.00 21.68
C THR A 180 -31.31 13.43 20.57
N ARG A 181 -30.84 14.34 19.74
CA ARG A 181 -31.54 14.71 18.52
C ARG A 181 -30.53 14.87 17.39
N VAL A 182 -31.03 14.95 16.16
CA VAL A 182 -30.18 15.14 14.99
C VAL A 182 -30.46 16.51 14.39
N GLY A 183 -29.41 17.29 14.24
CA GLY A 183 -29.50 18.57 13.59
C GLY A 183 -28.74 18.61 12.28
N VAL A 184 -29.02 19.60 11.44
CA VAL A 184 -28.29 19.82 10.21
C VAL A 184 -27.61 21.19 10.30
N PHE A 185 -26.29 21.20 10.18
CA PHE A 185 -25.48 22.39 10.40
C PHE A 185 -24.88 22.84 9.07
N VAL A 186 -25.02 24.14 8.81
CA VAL A 186 -24.65 24.76 7.54
C VAL A 186 -23.34 25.52 7.73
N THR A 187 -22.37 25.24 6.88
CA THR A 187 -21.13 26.01 6.89
C THR A 187 -20.82 26.52 5.49
N ILE A 188 -20.11 27.64 5.45
CA ILE A 188 -19.83 28.35 4.20
C ILE A 188 -18.35 28.60 4.07
N GLY A 189 -17.78 28.25 2.92
CA GLY A 189 -16.44 28.65 2.56
C GLY A 189 -16.36 29.12 1.13
N MET A 190 -15.17 29.17 0.55
CA MET A 190 -14.96 29.65 -0.81
C MET A 190 -14.06 28.68 -1.56
N ARG A 191 -14.52 28.19 -2.70
CA ARG A 191 -13.64 27.50 -3.64
C ARG A 191 -12.86 28.54 -4.43
N TYR A 192 -11.54 28.50 -4.33
CA TYR A 192 -10.67 29.25 -5.24
C TYR A 192 -10.16 28.28 -6.31
N ASP A 193 -10.27 28.67 -7.58
CA ASP A 193 -9.84 27.82 -8.68
C ASP A 193 -9.27 28.69 -9.79
N ILE A 194 -8.23 28.16 -10.44
CA ILE A 194 -7.60 28.78 -11.60
C ILE A 194 -7.76 27.79 -12.74
N GLU A 195 -8.76 27.99 -13.60
CA GLU A 195 -9.05 27.07 -14.68
C GLU A 195 -8.30 27.40 -15.96
N ALA A 196 -7.55 28.51 -15.99
CA ALA A 196 -6.84 28.92 -17.19
C ALA A 196 -5.79 27.88 -17.58
N SER A 197 -5.68 27.63 -18.89
CA SER A 197 -4.59 26.81 -19.39
C SER A 197 -3.26 27.54 -19.19
N LEU A 198 -2.21 26.75 -18.99
CA LEU A 198 -0.90 27.32 -18.68
C LEU A 198 -0.29 28.03 -19.88
N ARG A 199 -0.64 27.61 -21.10
CA ARG A 199 -0.13 28.27 -22.29
C ARG A 199 -0.44 29.77 -22.25
N ASP A 200 -1.68 30.12 -21.91
CA ASP A 200 -2.06 31.53 -21.81
C ASP A 200 -1.20 32.26 -20.78
N LEU A 201 -1.05 31.68 -19.58
CA LEU A 201 -0.47 32.39 -18.46
C LEU A 201 1.00 32.72 -18.70
N LEU A 202 1.76 31.81 -19.30
CA LEU A 202 3.09 32.16 -19.77
C LEU A 202 3.02 33.32 -20.76
N GLU A 203 2.23 33.13 -21.83
CA GLU A 203 2.15 34.13 -22.90
C GLU A 203 1.72 35.49 -22.40
N ALA A 204 1.12 35.58 -21.21
CA ALA A 204 0.60 36.85 -20.71
C ALA A 204 1.59 37.60 -19.83
N GLY A 205 2.78 37.06 -19.60
CA GLY A 205 3.82 37.73 -18.86
C GLY A 205 4.07 37.22 -17.44
N ILE A 206 3.64 36.00 -17.12
CA ILE A 206 3.70 35.48 -15.77
C ILE A 206 4.76 34.39 -15.71
N ASP A 207 5.74 34.54 -14.82
CA ASP A 207 6.70 33.46 -14.65
C ASP A 207 6.03 32.34 -13.88
N LEU A 208 5.75 31.24 -14.58
CA LEU A 208 5.21 30.05 -13.94
C LEU A 208 6.24 29.32 -13.11
N ARG A 209 7.52 29.54 -13.37
CA ARG A 209 8.57 28.74 -12.75
C ARG A 209 8.37 28.66 -11.24
N GLY A 210 8.41 27.44 -10.71
CA GLY A 210 8.35 27.21 -9.28
C GLY A 210 6.97 27.12 -8.69
N MET A 211 5.92 27.36 -9.47
CA MET A 211 4.55 27.29 -8.97
C MET A 211 4.08 25.84 -8.90
N TYR A 212 3.13 25.58 -7.99
CA TYR A 212 2.60 24.23 -7.81
C TYR A 212 1.48 23.96 -8.78
N VAL A 213 1.43 22.71 -9.28
CA VAL A 213 0.55 22.32 -10.37
C VAL A 213 -0.19 21.03 -9.99
N VAL A 214 -1.48 20.99 -10.31
CA VAL A 214 -2.38 19.94 -9.85
C VAL A 214 -3.14 19.41 -11.06
N ARG A 215 -3.69 18.20 -10.90
CA ARG A 215 -4.44 17.56 -11.97
C ARG A 215 -5.74 18.30 -12.22
N ARG A 216 -6.00 18.65 -13.49
CA ARG A 216 -7.31 19.15 -13.87
C ARG A 216 -8.40 18.16 -13.50
N LYS A 217 -8.26 16.93 -13.95
CA LYS A 217 -9.17 15.84 -13.67
C LYS A 217 -8.46 14.87 -12.74
N ARG A 218 -9.00 14.68 -11.54
CA ARG A 218 -8.35 13.88 -10.52
C ARG A 218 -8.73 12.42 -10.69
N GLN A 219 -7.75 11.55 -10.55
CA GLN A 219 -7.89 10.14 -10.85
C GLN A 219 -8.54 9.41 -9.66
N PRO A 220 -9.44 8.46 -9.91
CA PRO A 220 -10.18 7.81 -8.82
C PRO A 220 -9.36 7.59 -7.55
N GLY A 221 -9.70 8.35 -6.51
CA GLY A 221 -8.97 8.31 -5.27
C GLY A 221 -7.48 8.47 -5.48
N GLU A 222 -7.10 9.44 -6.30
CA GLU A 222 -5.71 9.64 -6.66
C GLU A 222 -5.20 10.99 -6.15
N ARG A 223 -3.87 11.08 -6.08
CA ARG A 223 -3.24 12.34 -5.71
C ARG A 223 -3.57 13.41 -6.75
N GLY A 224 -3.66 14.65 -6.29
CA GLY A 224 -3.95 15.75 -7.17
C GLY A 224 -2.70 16.52 -7.52
N LEU A 225 -1.88 16.79 -6.50
CA LEU A 225 -0.66 17.55 -6.71
C LEU A 225 0.26 16.79 -7.66
N LEU A 226 0.89 17.53 -8.57
CA LEU A 226 1.83 16.96 -9.51
C LEU A 226 3.27 17.36 -9.25
N GLY A 227 3.50 18.60 -8.86
CA GLY A 227 4.85 19.11 -8.67
C GLY A 227 4.89 20.59 -8.96
N ARG A 228 6.09 21.08 -9.30
CA ARG A 228 6.33 22.47 -9.66
C ARG A 228 6.84 22.50 -11.09
N VAL A 229 6.49 23.56 -11.81
CA VAL A 229 6.89 23.66 -13.20
C VAL A 229 8.36 24.07 -13.26
N ARG A 230 9.18 23.27 -13.94
CA ARG A 230 10.55 23.68 -14.15
C ARG A 230 10.66 24.60 -15.36
N ALA A 231 10.08 24.18 -16.47
CA ALA A 231 10.16 24.90 -17.73
C ALA A 231 8.98 24.46 -18.59
N ILE A 232 8.87 25.06 -19.77
CA ILE A 232 7.95 24.57 -20.79
C ILE A 232 8.67 24.70 -22.13
N SER A 233 8.78 23.56 -22.83
CA SER A 233 9.22 23.53 -24.22
C SER A 233 8.20 22.85 -25.10
N ASP A 234 7.14 22.30 -24.53
CA ASP A 234 6.15 21.55 -25.28
C ASP A 234 4.80 21.61 -24.56
N ASP A 235 3.77 21.09 -25.22
CA ASP A 235 2.47 20.88 -24.57
C ASP A 235 2.59 20.10 -23.26
N MET A 236 3.70 19.39 -23.07
CA MET A 236 4.02 18.75 -21.80
C MET A 236 5.03 19.60 -21.06
N VAL A 237 4.88 19.66 -19.73
CA VAL A 237 5.73 20.49 -18.88
C VAL A 237 6.60 19.60 -18.02
N GLN A 238 7.87 19.98 -17.89
CA GLN A 238 8.80 19.31 -17.00
C GLN A 238 8.58 19.78 -15.56
N LEU A 239 8.63 18.84 -14.63
CA LEU A 239 8.36 19.12 -13.23
C LEU A 239 9.57 18.83 -12.37
N PHE A 240 9.66 19.56 -11.26
CA PHE A 240 10.63 19.28 -10.20
C PHE A 240 9.89 19.30 -8.88
N GLU A 241 10.34 18.49 -7.93
CA GLU A 241 9.54 18.13 -6.76
C GLU A 241 8.28 17.40 -7.21
N GLU A 242 8.42 16.61 -8.28
CA GLU A 242 7.31 15.84 -8.82
C GLU A 242 6.85 14.78 -7.82
N THR A 243 5.53 14.54 -7.80
CA THR A 243 4.95 13.48 -6.98
C THR A 243 4.90 12.16 -7.73
N ASP A 244 4.63 12.19 -9.03
CA ASP A 244 4.61 11.03 -9.88
C ASP A 244 5.75 11.19 -10.91
N LEU A 245 5.59 10.58 -12.07
CA LEU A 245 6.38 10.87 -13.26
C LEU A 245 6.65 12.36 -13.45
N ALA A 246 7.76 12.67 -14.11
CA ALA A 246 8.31 14.03 -14.19
C ALA A 246 7.75 14.84 -15.35
N SER A 247 6.68 14.38 -15.98
CA SER A 247 6.15 15.02 -17.18
C SER A 247 4.64 14.84 -17.18
N VAL A 248 3.91 15.90 -17.56
CA VAL A 248 2.48 15.81 -17.81
C VAL A 248 2.09 16.89 -18.80
N ASN A 249 0.94 16.71 -19.44
CA ASN A 249 0.51 17.60 -20.50
C ASN A 249 -0.20 18.83 -19.92
N VAL A 250 0.02 19.98 -20.56
CA VAL A 250 -0.56 21.24 -20.10
C VAL A 250 -2.07 21.10 -19.94
N ASN A 251 -2.67 20.12 -20.61
CA ASN A 251 -4.11 19.93 -20.55
C ASN A 251 -4.55 18.90 -19.52
N ASP A 252 -3.60 18.19 -18.92
CA ASP A 252 -3.87 17.41 -17.73
C ASP A 252 -3.60 18.21 -16.45
N ALA A 253 -3.04 19.42 -16.55
CA ALA A 253 -2.54 20.15 -15.40
C ALA A 253 -3.10 21.57 -15.32
N LYS A 254 -3.23 22.05 -14.08
CA LYS A 254 -3.61 23.42 -13.78
C LYS A 254 -2.89 23.87 -12.52
N LEU A 255 -2.76 25.18 -12.34
CA LEU A 255 -2.23 25.71 -11.09
C LEU A 255 -3.17 25.34 -9.95
N GLU A 256 -2.61 25.02 -8.79
CA GLU A 256 -3.44 24.83 -7.61
C GLU A 256 -4.08 26.16 -7.21
N GLY A 257 -5.26 26.07 -6.59
CA GLY A 257 -6.05 27.25 -6.28
C GLY A 257 -5.60 27.94 -5.01
N SER A 258 -4.29 27.98 -4.80
CA SER A 258 -3.70 28.67 -3.66
C SER A 258 -3.81 30.18 -3.80
N LYS A 259 -3.70 30.87 -2.66
CA LYS A 259 -3.60 32.32 -2.70
C LYS A 259 -2.31 32.76 -3.37
N GLU A 260 -1.19 32.09 -3.06
CA GLU A 260 0.08 32.41 -3.71
C GLU A 260 -0.08 32.52 -5.22
N ASN A 261 -0.62 31.47 -5.85
CA ASN A 261 -0.78 31.52 -7.29
C ASN A 261 -1.80 32.57 -7.72
N PHE A 262 -2.78 32.89 -6.88
CA PHE A 262 -3.72 33.95 -7.22
C PHE A 262 -3.03 35.31 -7.27
N THR A 263 -2.25 35.64 -6.24
CA THR A 263 -1.63 36.94 -6.19
C THR A 263 -0.48 37.06 -7.18
N ARG A 264 0.36 36.02 -7.29
CA ARG A 264 1.42 36.03 -8.30
C ARG A 264 0.85 36.23 -9.70
N CYS A 265 -0.29 35.59 -9.99
CA CYS A 265 -0.87 35.69 -11.32
C CYS A 265 -1.56 37.03 -11.53
N LEU A 266 -2.23 37.55 -10.50
CA LEU A 266 -3.05 38.75 -10.64
C LEU A 266 -2.23 40.03 -10.55
N SER A 267 -1.12 40.01 -9.82
CA SER A 267 -0.23 41.15 -9.82
C SER A 267 0.43 41.30 -11.19
N ALA A 268 0.78 40.18 -11.81
CA ALA A 268 1.39 40.16 -13.13
C ALA A 268 0.36 40.19 -14.27
N LEU A 269 -0.84 40.67 -13.99
CA LEU A 269 -1.82 40.96 -15.04
C LEU A 269 -2.60 42.23 -14.78
N LEU A 270 -2.65 42.70 -13.54
CA LEU A 270 -3.42 43.88 -13.17
C LEU A 270 -2.59 44.96 -12.50
N GLY A 271 -1.46 44.62 -11.91
CA GLY A 271 -0.80 45.48 -10.95
C GLY A 271 -0.47 46.87 -11.47
N HIS A 272 -0.06 47.74 -10.55
CA HIS A 272 -0.09 47.48 -9.10
C HIS A 272 -1.50 47.79 -8.58
N ASN A 273 -2.47 47.66 -9.48
CA ASN A 273 -3.87 47.94 -9.20
C ASN A 273 -4.61 46.76 -8.58
N TYR A 274 -3.99 45.58 -8.54
CA TYR A 274 -4.71 44.38 -8.14
C TYR A 274 -5.12 44.41 -6.67
N LYS A 275 -4.43 45.19 -5.84
CA LYS A 275 -4.87 45.35 -4.46
C LYS A 275 -6.32 45.83 -4.40
N LYS A 276 -6.72 46.66 -5.37
CA LYS A 276 -8.12 47.10 -5.42
C LYS A 276 -9.05 45.92 -5.71
N LEU A 277 -8.59 44.97 -6.53
CA LEU A 277 -9.37 43.75 -6.74
C LEU A 277 -9.46 42.95 -5.45
N LEU A 278 -8.31 42.70 -4.82
CA LEU A 278 -8.28 41.88 -3.61
C LEU A 278 -9.29 42.39 -2.57
N ASN A 279 -9.20 43.67 -2.21
CA ASN A 279 -10.15 44.18 -1.22
C ASN A 279 -11.57 44.15 -1.77
N ALA A 280 -11.76 44.38 -3.07
CA ALA A 280 -13.09 44.20 -3.65
C ALA A 280 -13.58 42.77 -3.46
N LEU A 281 -12.74 41.80 -3.81
CA LEU A 281 -13.01 40.40 -3.48
C LEU A 281 -13.33 40.24 -2.01
N ASP A 282 -12.46 40.80 -1.16
CA ASP A 282 -12.69 40.81 0.29
C ASP A 282 -14.09 41.29 0.64
N ASP A 283 -14.54 42.38 0.00
CA ASP A 283 -15.87 42.90 0.25
C ASP A 283 -16.95 41.87 -0.10
N GLN A 284 -16.76 41.12 -1.18
CA GLN A 284 -17.77 40.17 -1.63
C GLN A 284 -17.92 39.03 -0.63
N GLU A 285 -16.80 38.46 -0.19
CA GLU A 285 -16.86 37.32 0.72
C GLU A 285 -17.49 37.71 2.05
N ALA A 286 -17.18 38.91 2.54
CA ALA A 286 -17.86 39.37 3.75
C ALA A 286 -19.38 39.29 3.60
N GLY A 287 -19.87 39.43 2.37
CA GLY A 287 -21.28 39.28 2.08
C GLY A 287 -21.82 37.90 2.30
N TYR A 288 -20.95 36.92 2.60
CA TYR A 288 -21.38 35.58 2.96
C TYR A 288 -20.91 35.14 4.33
N ARG A 289 -19.92 35.82 4.91
CA ARG A 289 -19.23 35.33 6.10
C ARG A 289 -19.42 36.18 7.35
N THR A 290 -19.74 37.46 7.23
CA THR A 290 -20.01 38.26 8.42
C THR A 290 -21.28 37.74 9.09
N GLY A 291 -21.37 38.02 10.39
CA GLY A 291 -22.40 37.47 11.24
C GLY A 291 -23.79 37.60 10.65
N PRO A 292 -24.28 38.84 10.53
CA PRO A 292 -25.63 39.02 9.95
C PRO A 292 -25.78 38.33 8.60
N ARG A 293 -24.79 38.50 7.71
CA ARG A 293 -24.86 37.90 6.39
C ARG A 293 -24.70 36.39 6.45
N PHE A 294 -23.94 35.87 7.41
CA PHE A 294 -23.89 34.42 7.58
C PHE A 294 -25.20 33.88 8.15
N ASP A 295 -25.75 34.56 9.14
CA ASP A 295 -27.06 34.20 9.68
C ASP A 295 -28.12 34.21 8.58
N ASP A 296 -28.06 35.19 7.67
CA ASP A 296 -29.04 35.26 6.60
C ASP A 296 -28.89 34.08 5.64
N ALA A 297 -27.65 33.73 5.26
CA ALA A 297 -27.47 32.63 4.33
C ALA A 297 -27.90 31.30 4.95
N VAL A 298 -27.69 31.14 6.26
CA VAL A 298 -28.14 29.94 6.95
C VAL A 298 -29.67 29.88 6.97
N ARG A 299 -30.31 31.00 7.32
CA ARG A 299 -31.76 31.08 7.29
C ARG A 299 -32.30 30.66 5.92
N ARG A 300 -31.74 31.25 4.86
CA ARG A 300 -32.20 30.95 3.51
C ARG A 300 -31.92 29.51 3.11
N MET A 301 -30.81 28.94 3.56
CA MET A 301 -30.56 27.52 3.35
C MET A 301 -31.63 26.67 4.01
N GLY A 302 -32.02 27.04 5.24
CA GLY A 302 -33.03 26.27 5.95
C GLY A 302 -34.40 26.44 5.35
N GLU A 303 -34.76 27.67 4.97
CA GLU A 303 -36.00 27.89 4.26
C GLU A 303 -36.06 27.01 3.01
N PHE A 304 -34.97 26.95 2.24
CA PHE A 304 -34.96 26.09 1.05
C PHE A 304 -35.12 24.62 1.43
N LEU A 305 -34.41 24.18 2.47
CA LEU A 305 -34.44 22.78 2.85
C LEU A 305 -35.76 22.38 3.47
N ALA A 306 -36.49 23.35 4.03
CA ALA A 306 -37.76 23.08 4.68
C ALA A 306 -38.93 23.11 3.71
N LYS A 307 -38.72 23.55 2.46
CA LYS A 307 -39.86 23.80 1.58
C LYS A 307 -40.65 22.52 1.31
N LYS A 308 -39.96 21.44 1.00
CA LYS A 308 -40.52 20.10 0.92
C LYS A 308 -40.07 19.30 2.15
N PRO A 309 -40.62 18.11 2.37
CA PRO A 309 -40.02 17.17 3.31
C PRO A 309 -38.92 16.36 2.63
N ILE A 310 -37.96 15.93 3.42
CA ILE A 310 -36.84 15.14 2.90
C ILE A 310 -37.25 13.67 2.90
N ARG A 311 -36.90 12.98 1.82
CA ARG A 311 -37.39 11.62 1.60
C ARG A 311 -36.34 10.63 2.10
N LEU A 312 -36.51 10.16 3.34
CA LEU A 312 -35.61 9.15 3.88
C LEU A 312 -35.81 7.80 3.20
N ALA A 313 -37.06 7.47 2.88
CA ALA A 313 -37.39 6.25 2.15
C ALA A 313 -38.79 6.42 1.57
N ASP A 314 -39.16 5.50 0.68
CA ASP A 314 -40.31 5.72 -0.18
C ASP A 314 -41.56 6.16 0.57
N ASN A 315 -41.67 5.87 1.86
CA ASN A 315 -42.76 6.43 2.64
C ASN A 315 -42.35 6.71 4.08
N ILE A 316 -41.23 7.39 4.26
CA ILE A 316 -40.86 7.94 5.56
C ILE A 316 -40.14 9.26 5.33
N ASN A 317 -40.49 10.26 6.14
CA ASN A 317 -40.18 11.66 5.85
C ASN A 317 -39.47 12.32 7.01
N ALA A 318 -38.49 13.17 6.68
CA ALA A 318 -37.84 14.04 7.66
C ALA A 318 -38.23 15.48 7.34
N GLN A 319 -38.29 16.30 8.40
CA GLN A 319 -38.67 17.70 8.25
C GLN A 319 -37.66 18.57 8.97
N VAL A 320 -37.01 19.46 8.23
CA VAL A 320 -36.12 20.45 8.82
C VAL A 320 -36.96 21.46 9.58
N GLY A 321 -36.57 21.75 10.82
CA GLY A 321 -37.39 22.59 11.69
C GLY A 321 -36.77 23.90 12.14
N ASP A 322 -36.94 24.22 13.43
CA ASP A 322 -36.50 25.50 13.96
C ASP A 322 -34.98 25.55 14.05
N ARG A 323 -34.42 26.76 13.96
CA ARG A 323 -33.00 26.93 14.18
C ARG A 323 -32.64 26.46 15.58
N ILE A 324 -31.59 25.64 15.68
CA ILE A 324 -31.14 25.17 16.99
C ILE A 324 -30.56 26.33 17.77
N VAL A 325 -30.82 26.33 19.07
CA VAL A 325 -30.40 27.41 19.94
C VAL A 325 -29.77 26.82 21.19
N PHE A 326 -28.90 27.61 21.82
CA PHE A 326 -28.33 27.29 23.12
C PHE A 326 -28.88 28.30 24.12
N SER A 327 -29.67 27.81 25.06
CA SER A 327 -30.40 28.68 25.97
C SER A 327 -30.62 27.96 27.30
N ASN A 328 -31.08 28.74 28.29
CA ASN A 328 -31.47 28.21 29.59
C ASN A 328 -32.98 28.31 29.79
N GLU A 329 -33.72 27.96 28.75
CA GLU A 329 -35.18 27.94 28.77
C GLU A 329 -35.68 26.51 28.97
N GLY A 330 -36.74 26.38 29.76
CA GLY A 330 -37.29 25.07 30.08
C GLY A 330 -36.42 24.32 31.07
N GLN A 331 -36.22 23.03 30.83
CA GLN A 331 -35.26 22.25 31.59
C GLN A 331 -33.86 22.32 31.02
N ALA A 332 -33.62 23.19 30.03
CA ALA A 332 -32.31 23.28 29.38
C ALA A 332 -31.39 24.23 30.16
N ARG A 333 -30.16 23.80 30.39
CA ARG A 333 -29.10 24.66 30.95
C ARG A 333 -27.92 24.48 30.01
N ASN A 334 -27.91 25.26 28.92
CA ASN A 334 -27.09 25.02 27.75
C ASN A 334 -26.18 26.16 27.38
N VAL A 335 -26.23 27.28 28.09
CA VAL A 335 -25.37 28.40 27.77
C VAL A 335 -24.89 29.01 29.08
N ARG A 336 -23.64 29.44 29.09
CA ARG A 336 -23.15 30.25 30.18
C ARG A 336 -22.05 31.14 29.65
N LEU A 337 -21.56 32.02 30.52
CA LEU A 337 -20.50 32.96 30.18
C LEU A 337 -19.49 32.92 31.31
N ALA A 338 -18.29 32.44 31.03
CA ALA A 338 -17.25 32.46 32.03
C ALA A 338 -16.87 33.92 32.33
N PRO A 339 -16.43 34.21 33.55
CA PRO A 339 -15.91 35.54 33.86
C PRO A 339 -14.65 35.84 33.06
N LYS A 340 -14.39 37.14 32.91
CA LYS A 340 -13.21 37.59 32.19
C LYS A 340 -11.95 37.03 32.86
N VAL A 341 -11.00 36.59 32.04
CA VAL A 341 -9.70 36.19 32.57
C VAL A 341 -9.01 37.40 33.18
N GLU A 342 -8.31 37.18 34.28
CA GLU A 342 -7.53 38.24 34.91
C GLU A 342 -6.05 37.94 34.71
N TYR A 343 -5.38 38.81 33.95
CA TYR A 343 -3.92 38.83 33.98
C TYR A 343 -3.47 39.30 35.37
N VAL A 344 -2.58 38.55 36.00
CA VAL A 344 -2.21 38.84 37.38
C VAL A 344 -0.69 38.95 37.47
N PHE A 345 -0.25 39.96 38.25
CA PHE A 345 1.14 40.40 38.26
C PHE A 345 1.76 40.36 39.64
N ASP A 346 1.09 39.79 40.62
CA ASP A 346 1.71 39.51 41.92
C ASP A 346 1.00 38.29 42.51
N ARG A 347 1.56 37.80 43.61
CA ARG A 347 1.07 36.56 44.20
C ARG A 347 0.03 36.77 45.29
N THR A 348 -0.14 38.01 45.78
CA THR A 348 -1.19 38.31 46.74
C THR A 348 -2.55 38.56 46.07
N GLY A 349 -2.61 38.45 44.74
CA GLY A 349 -3.81 38.73 44.00
C GLY A 349 -4.08 40.18 43.71
N ALA A 350 -3.32 41.10 44.33
CA ALA A 350 -3.73 42.50 44.36
C ALA A 350 -3.53 43.19 43.01
N LYS A 351 -2.54 42.80 42.22
CA LYS A 351 -2.19 43.52 41.00
C LYS A 351 -2.71 42.75 39.80
N SER A 352 -3.97 43.00 39.41
CA SER A 352 -4.59 42.31 38.30
C SER A 352 -5.10 43.31 37.27
N ALA A 353 -5.28 42.82 36.05
CA ALA A 353 -5.78 43.63 34.94
C ALA A 353 -6.44 42.71 33.93
N GLU A 354 -7.38 43.26 33.16
CA GLU A 354 -8.09 42.44 32.18
C GLU A 354 -7.36 42.36 30.83
N TYR A 355 -6.38 43.23 30.60
CA TYR A 355 -5.50 43.15 29.43
C TYR A 355 -4.06 42.99 29.88
N ALA A 356 -3.31 42.15 29.14
CA ALA A 356 -1.95 41.83 29.56
C ALA A 356 -1.06 43.05 29.56
N TRP A 357 -1.13 43.88 28.51
CA TRP A 357 -0.17 44.96 28.38
C TRP A 357 -0.48 46.09 29.34
N ARG A 358 -1.74 46.49 29.47
CA ARG A 358 -2.08 47.47 30.51
C ARG A 358 -1.57 46.97 31.86
N GLY A 359 -1.77 45.68 32.15
CA GLY A 359 -1.27 45.12 33.39
C GLY A 359 0.24 45.16 33.50
N LEU A 360 0.94 44.95 32.40
CA LEU A 360 2.41 44.90 32.46
C LEU A 360 2.99 46.28 32.73
N SER A 361 2.48 47.30 32.04
CA SER A 361 2.99 48.67 32.20
C SER A 361 2.73 49.19 33.60
N GLN A 362 1.48 49.08 34.07
CA GLN A 362 1.17 49.49 35.43
C GLN A 362 2.16 48.86 36.39
N PHE A 363 2.12 47.53 36.47
CA PHE A 363 2.73 46.81 37.58
C PHE A 363 4.14 46.33 37.31
N GLY A 364 4.54 46.21 36.05
CA GLY A 364 5.72 45.44 35.73
C GLY A 364 5.44 43.97 35.95
N PRO A 365 6.43 43.11 35.70
CA PRO A 365 6.14 41.67 35.59
C PRO A 365 5.93 40.98 36.93
N PHE A 366 5.21 39.85 36.83
CA PHE A 366 4.80 39.07 37.99
C PHE A 366 5.97 38.70 38.89
N ASP A 367 7.10 38.30 38.30
CA ASP A 367 8.24 37.82 39.08
C ASP A 367 9.31 38.90 39.27
N ARG A 368 8.97 40.18 39.09
CA ARG A 368 9.97 41.23 39.20
C ARG A 368 10.70 41.20 40.53
N PRO A 369 10.03 41.04 41.67
CA PRO A 369 10.76 41.08 42.96
C PRO A 369 11.91 40.09 43.02
N SER A 370 11.73 38.89 42.46
CA SER A 370 12.71 37.82 42.61
C SER A 370 13.63 37.67 41.40
N PHE A 371 13.40 38.41 40.31
CA PHE A 371 14.15 38.18 39.08
C PHE A 371 15.64 38.37 39.30
N ALA A 372 16.42 37.37 38.91
CA ALA A 372 17.78 37.23 39.40
C ALA A 372 18.76 38.17 38.70
N ASN A 373 18.73 38.23 37.36
CA ASN A 373 19.76 38.95 36.62
C ASN A 373 19.22 40.29 36.13
N ARG A 374 19.53 41.35 36.88
CA ARG A 374 19.01 42.67 36.55
C ARG A 374 19.85 43.41 35.53
N SER A 375 21.01 42.88 35.13
CA SER A 375 21.86 43.51 34.12
C SER A 375 22.25 42.46 33.08
N PRO A 376 21.34 42.12 32.16
CA PRO A 376 21.64 41.08 31.18
C PRO A 376 22.55 41.55 30.05
N ARG A 377 23.36 40.62 29.58
CA ARG A 377 24.23 40.82 28.42
C ARG A 377 23.65 40.06 27.24
N ILE A 378 23.33 40.78 26.17
CA ILE A 378 22.63 40.25 25.01
C ILE A 378 23.51 40.42 23.79
N LEU A 379 23.94 39.30 23.22
CA LEU A 379 24.58 39.29 21.92
C LEU A 379 23.61 39.76 20.85
N VAL A 380 24.08 40.62 19.95
CA VAL A 380 23.25 41.02 18.80
C VAL A 380 24.05 40.71 17.53
N VAL A 381 23.55 39.74 16.78
CA VAL A 381 24.21 39.23 15.57
C VAL A 381 23.43 39.75 14.37
N TYR A 382 24.13 40.39 13.44
CA TYR A 382 23.44 41.07 12.35
C TYR A 382 24.37 41.25 11.16
N PRO A 383 23.82 41.38 9.95
CA PRO A 383 24.64 41.75 8.79
C PRO A 383 25.26 43.13 8.99
N SER A 384 26.56 43.23 8.75
CA SER A 384 27.27 44.47 9.03
C SER A 384 26.63 45.64 8.30
N SER A 385 26.04 45.39 7.14
CA SER A 385 25.50 46.46 6.31
C SER A 385 24.12 46.94 6.78
N THR A 386 23.54 46.31 7.79
CA THR A 386 22.30 46.77 8.39
C THR A 386 22.55 47.54 9.67
N GLN A 387 23.80 47.73 10.03
CA GLN A 387 24.20 48.26 11.34
C GLN A 387 23.32 49.38 11.84
N GLY A 388 23.16 50.44 11.05
CA GLY A 388 22.41 51.61 11.51
C GLY A 388 20.96 51.30 11.81
N LYS A 389 20.36 50.47 10.97
CA LYS A 389 19.00 50.03 11.21
C LYS A 389 18.91 49.20 12.49
N VAL A 390 19.92 48.37 12.76
CA VAL A 390 19.88 47.55 13.97
C VAL A 390 20.02 48.41 15.22
N GLU A 391 20.93 49.40 15.19
CA GLU A 391 21.12 50.26 16.35
C GLU A 391 19.83 51.00 16.71
N ASN A 392 19.05 51.43 15.70
CA ASN A 392 17.83 52.17 16.02
C ASN A 392 16.75 51.24 16.58
N PHE A 393 16.64 50.03 16.02
CA PHE A 393 15.77 49.01 16.61
C PHE A 393 16.19 48.70 18.04
N LEU A 394 17.50 48.52 18.25
CA LEU A 394 18.01 48.25 19.58
C LEU A 394 17.72 49.40 20.53
N SER A 395 17.99 50.63 20.11
CA SER A 395 17.72 51.76 20.99
C SER A 395 16.24 51.83 21.37
N ALA A 396 15.35 51.64 20.39
CA ALA A 396 13.92 51.68 20.68
C ALA A 396 13.52 50.56 21.64
N PHE A 397 14.03 49.35 21.41
CA PHE A 397 13.71 48.22 22.29
C PHE A 397 14.15 48.50 23.72
N ARG A 398 15.42 48.84 23.91
CA ARG A 398 15.95 48.92 25.27
C ARG A 398 15.42 50.16 25.99
N ASP A 399 15.51 51.31 25.35
CA ASP A 399 15.24 52.58 26.00
C ASP A 399 13.89 53.19 25.64
N GLY A 400 13.17 52.61 24.69
CA GLY A 400 11.80 52.99 24.40
C GLY A 400 11.68 53.95 23.22
N MET A 401 10.44 54.18 22.84
CA MET A 401 10.12 55.03 21.70
C MET A 401 9.60 56.39 22.11
N GLY A 402 9.50 56.66 23.42
CA GLY A 402 9.02 57.95 23.86
C GLY A 402 7.50 58.06 23.81
N SER A 403 7.02 59.17 24.35
CA SER A 403 5.59 59.39 24.56
C SER A 403 4.81 59.61 23.27
N ASN A 404 5.47 59.86 22.13
CA ASN A 404 4.71 59.92 20.89
C ASN A 404 4.23 58.55 20.43
N TYR A 405 4.76 57.48 21.01
CA TYR A 405 4.42 56.11 20.61
C TYR A 405 4.12 55.35 21.90
N SER A 406 2.91 55.58 22.42
CA SER A 406 2.52 55.09 23.74
C SER A 406 2.40 53.58 23.80
N GLY A 407 2.37 52.89 22.66
CA GLY A 407 2.43 51.45 22.68
C GLY A 407 3.70 50.93 23.33
N PHE A 408 4.81 51.67 23.17
CA PHE A 408 6.10 51.19 23.68
C PHE A 408 6.98 52.38 24.09
N SER A 409 6.58 53.07 25.17
CA SER A 409 7.27 54.30 25.53
C SER A 409 8.52 54.05 26.38
N LYS A 410 8.39 53.23 27.43
CA LYS A 410 9.43 53.17 28.46
C LYS A 410 10.65 52.40 27.97
N GLY A 411 10.45 51.40 27.14
CA GLY A 411 11.52 50.52 26.76
C GLY A 411 11.68 49.35 27.71
N PHE A 412 12.46 48.37 27.25
CA PHE A 412 12.55 47.07 27.91
C PHE A 412 13.07 47.19 29.34
N VAL A 413 14.14 47.95 29.55
CA VAL A 413 14.76 47.99 30.88
C VAL A 413 13.76 48.46 31.92
N ASP A 414 13.05 49.55 31.63
CA ASP A 414 12.11 50.12 32.59
C ASP A 414 10.83 49.31 32.65
N LEU A 415 10.33 48.87 31.48
CA LEU A 415 9.14 48.03 31.45
C LEU A 415 9.27 46.85 32.40
N MET A 416 10.38 46.13 32.32
CA MET A 416 10.58 44.91 33.09
C MET A 416 11.25 45.13 34.43
N GLY A 417 11.55 46.38 34.77
CA GLY A 417 12.19 46.70 36.04
C GLY A 417 13.62 46.22 36.15
N LEU A 418 14.40 46.34 35.08
CA LEU A 418 15.79 45.92 35.09
C LEU A 418 16.70 47.09 35.41
N THR A 419 17.92 46.73 35.84
CA THR A 419 18.99 47.72 36.03
C THR A 419 19.41 48.31 34.68
N LYS A 420 19.87 47.47 33.76
CA LYS A 420 20.16 47.91 32.40
C LYS A 420 20.34 46.69 31.51
N VAL A 421 20.62 46.94 30.22
CA VAL A 421 20.93 45.88 29.26
C VAL A 421 22.18 46.26 28.47
N GLU A 422 23.15 45.34 28.42
CA GLU A 422 24.40 45.51 27.67
C GLU A 422 24.32 44.72 26.38
N PHE A 423 24.54 45.38 25.25
CA PHE A 423 24.54 44.72 23.96
C PHE A 423 25.98 44.42 23.55
N VAL A 424 26.22 43.19 23.10
CA VAL A 424 27.50 42.74 22.59
C VAL A 424 27.34 42.58 21.09
N MET A 425 27.81 43.57 20.35
CA MET A 425 27.57 43.62 18.92
C MET A 425 28.41 42.59 18.20
N CYS A 426 27.79 41.90 17.25
CA CYS A 426 28.42 40.82 16.50
C CYS A 426 28.08 40.98 15.04
N PRO A 427 28.66 41.96 14.36
CA PRO A 427 28.39 42.12 12.93
C PRO A 427 28.88 40.92 12.14
N VAL A 428 28.13 40.55 11.11
CA VAL A 428 28.49 39.43 10.24
C VAL A 428 28.63 39.96 8.82
N GLU A 429 29.77 39.64 8.19
CA GLU A 429 30.09 40.10 6.83
C GLU A 429 29.39 39.19 5.83
N VAL A 430 28.13 39.48 5.54
CA VAL A 430 27.28 38.59 4.75
C VAL A 430 26.29 39.42 3.95
N SER A 431 25.94 38.93 2.76
CA SER A 431 25.05 39.65 1.88
C SER A 431 23.82 38.81 1.57
N SER A 432 22.68 39.50 1.40
CA SER A 432 21.42 38.82 1.16
C SER A 432 21.45 37.96 -0.10
N ALA A 433 22.37 38.23 -1.01
CA ALA A 433 22.51 37.38 -2.20
C ALA A 433 23.24 36.07 -1.90
N ASP A 434 24.03 36.01 -0.82
CA ASP A 434 24.64 34.75 -0.40
C ASP A 434 23.53 33.77 -0.08
N ARG A 435 23.44 32.70 -0.77
CA ARG A 435 22.44 31.78 -0.47
C ARG A 435 22.97 30.49 0.10
N ASN A 436 24.22 30.24 -0.08
CA ASN A 436 24.83 28.98 0.31
C ASN A 436 25.68 29.05 1.56
N GLY A 437 26.23 30.22 1.87
CA GLY A 437 27.16 30.33 2.96
C GLY A 437 26.79 31.33 4.04
N ALA A 438 25.58 31.88 3.97
CA ALA A 438 25.15 32.78 5.03
C ALA A 438 25.25 32.09 6.39
N HIS A 439 24.79 30.85 6.48
CA HIS A 439 24.74 30.20 7.78
C HIS A 439 26.14 30.01 8.36
N THR A 440 27.11 29.58 7.54
CA THR A 440 28.43 29.40 8.11
C THR A 440 29.06 30.73 8.51
N LYS A 441 28.75 31.83 7.80
CA LYS A 441 29.30 33.13 8.18
C LYS A 441 28.73 33.60 9.52
N TYR A 442 27.41 33.47 9.70
CA TYR A 442 26.82 33.76 11.01
C TYR A 442 27.50 32.94 12.10
N ASN A 443 27.60 31.63 11.89
CA ASN A 443 28.07 30.77 12.96
C ASN A 443 29.53 31.04 13.28
N SER A 444 30.35 31.40 12.28
CA SER A 444 31.75 31.72 12.55
C SER A 444 31.87 33.03 13.33
N ALA A 445 31.09 34.04 12.93
CA ALA A 445 31.10 35.31 13.66
C ALA A 445 30.71 35.10 15.12
N ILE A 446 29.61 34.40 15.37
CA ILE A 446 29.18 34.13 16.75
C ILE A 446 30.32 33.47 17.52
N GLU A 447 30.91 32.43 16.93
CA GLU A 447 31.95 31.65 17.60
C GLU A 447 33.14 32.54 17.96
N ASP A 448 33.58 33.39 17.03
CA ASP A 448 34.78 34.18 17.29
C ASP A 448 34.46 35.31 18.28
N LYS A 449 33.24 35.85 18.23
CA LYS A 449 32.87 36.90 19.16
C LYS A 449 32.73 36.36 20.59
N LEU A 450 32.15 35.18 20.74
CA LEU A 450 31.94 34.69 22.10
C LEU A 450 33.22 34.19 22.75
N ALA A 451 34.24 33.84 21.96
CA ALA A 451 35.43 33.23 22.53
C ALA A 451 36.21 34.21 23.39
N GLY A 452 36.31 35.48 22.97
CA GLY A 452 36.97 36.44 23.82
C GLY A 452 36.06 36.77 24.98
N ALA A 453 34.98 37.48 24.66
CA ALA A 453 33.99 37.95 25.62
C ALA A 453 33.60 36.94 26.68
N GLY A 454 32.83 37.41 27.67
CA GLY A 454 32.42 36.57 28.77
C GLY A 454 31.14 35.84 28.47
N GLU A 455 30.26 35.73 29.44
CA GLU A 455 28.98 35.05 29.27
C GLU A 455 27.92 36.06 28.85
N VAL A 456 27.15 35.69 27.83
CA VAL A 456 25.97 36.42 27.42
C VAL A 456 24.78 35.60 27.86
N HIS A 457 23.67 36.29 28.16
CA HIS A 457 22.50 35.65 28.75
C HIS A 457 21.38 35.41 27.77
N ALA A 458 21.43 36.05 26.61
CA ALA A 458 20.51 35.81 25.51
C ALA A 458 21.19 36.38 24.28
N GLY A 459 20.53 36.23 23.14
CA GLY A 459 20.99 36.85 21.92
C GLY A 459 19.81 37.31 21.08
N ILE A 460 20.13 38.21 20.17
CA ILE A 460 19.20 38.70 19.17
C ILE A 460 19.89 38.49 17.83
N VAL A 461 19.22 37.79 16.91
CA VAL A 461 19.81 37.47 15.60
C VAL A 461 18.96 38.13 14.53
N VAL A 462 19.59 38.96 13.70
CA VAL A 462 18.90 39.68 12.64
C VAL A 462 19.14 38.94 11.34
N LEU A 463 18.05 38.64 10.63
CA LEU A 463 18.06 37.83 9.42
C LEU A 463 17.62 38.66 8.22
N PHE A 464 18.27 38.44 7.08
CA PHE A 464 17.78 38.98 5.83
C PHE A 464 16.52 38.23 5.42
N GLU A 465 15.53 38.94 4.87
CA GLU A 465 14.30 38.28 4.42
C GLU A 465 14.60 37.19 3.39
N ASP A 466 15.65 37.36 2.57
CA ASP A 466 15.99 36.36 1.57
C ASP A 466 16.57 35.08 2.17
N HIS A 467 16.96 35.10 3.44
CA HIS A 467 17.55 33.95 4.09
C HIS A 467 16.57 33.20 4.98
N ALA A 468 15.44 33.81 5.31
CA ALA A 468 14.59 33.32 6.38
C ALA A 468 14.04 31.93 6.09
N ARG A 469 13.77 31.61 4.83
CA ARG A 469 13.10 30.36 4.50
C ARG A 469 13.96 29.41 3.68
N LEU A 470 15.26 29.66 3.58
CA LEU A 470 16.14 28.73 2.91
C LEU A 470 15.96 27.32 3.48
N PRO A 471 16.37 26.28 2.75
CA PRO A 471 16.42 24.93 3.34
C PRO A 471 17.27 24.90 4.60
N ASP A 472 16.88 24.06 5.55
CA ASP A 472 17.51 24.07 6.86
C ASP A 472 19.01 23.79 6.78
N ASP A 473 19.46 22.96 5.84
CA ASP A 473 20.89 22.71 5.74
C ASP A 473 21.69 24.00 5.51
N ARG A 474 21.05 25.09 5.09
CA ARG A 474 21.76 26.34 4.85
C ARG A 474 21.03 27.54 5.44
N ASN A 475 20.08 27.31 6.35
CA ASN A 475 19.22 28.37 6.85
C ASN A 475 19.80 28.96 8.13
N PRO A 476 20.14 30.26 8.16
CA PRO A 476 20.82 30.83 9.33
C PRO A 476 19.94 30.94 10.56
N TYR A 477 18.61 30.99 10.41
CA TYR A 477 17.75 30.99 11.58
C TYR A 477 18.02 29.75 12.43
N ILE A 478 18.01 28.58 11.79
CA ILE A 478 18.06 27.33 12.54
C ILE A 478 19.48 27.00 12.97
N HIS A 479 20.49 27.43 12.20
CA HIS A 479 21.87 27.18 12.60
C HIS A 479 22.31 28.10 13.73
N THR A 480 21.94 29.40 13.70
CA THR A 480 22.29 30.23 14.84
C THR A 480 21.45 29.85 16.06
N LYS A 481 20.17 29.53 15.86
CA LYS A 481 19.38 29.00 16.97
C LYS A 481 20.06 27.78 17.58
N SER A 482 20.52 26.86 16.72
CA SER A 482 21.12 25.62 17.17
C SER A 482 22.41 25.88 17.94
N LEU A 483 23.32 26.67 17.37
CA LEU A 483 24.61 26.95 18.03
C LEU A 483 24.40 27.62 19.37
N LEU A 484 23.54 28.64 19.44
CA LEU A 484 23.36 29.37 20.68
C LEU A 484 22.62 28.53 21.71
N LEU A 485 21.65 27.71 21.28
CA LEU A 485 20.98 26.85 22.25
C LEU A 485 21.93 25.80 22.81
N THR A 486 22.78 25.20 21.95
CA THR A 486 23.79 24.27 22.43
C THR A 486 24.62 24.91 23.54
N LEU A 487 24.95 26.19 23.41
CA LEU A 487 25.78 26.87 24.38
C LEU A 487 25.00 27.40 25.57
N GLY A 488 23.69 27.18 25.63
CA GLY A 488 22.89 27.63 26.74
C GLY A 488 22.42 29.06 26.61
N VAL A 489 22.31 29.56 25.39
CA VAL A 489 21.93 30.94 25.12
C VAL A 489 20.64 30.95 24.31
N PRO A 490 19.52 31.33 24.88
CA PRO A 490 18.30 31.49 24.07
C PRO A 490 18.44 32.69 23.16
N THR A 491 17.72 32.65 22.04
CA THR A 491 17.74 33.75 21.10
C THR A 491 16.32 34.20 20.76
N GLN A 492 16.20 35.51 20.53
CA GLN A 492 15.03 36.12 19.89
C GLN A 492 15.50 36.61 18.52
N GLN A 493 15.03 35.94 17.46
CA GLN A 493 15.42 36.34 16.12
C GLN A 493 14.37 37.29 15.52
N VAL A 494 14.76 37.95 14.44
CA VAL A 494 13.98 39.05 13.89
C VAL A 494 14.42 39.29 12.45
N ARG A 495 13.45 39.43 11.54
CA ARG A 495 13.75 39.66 10.13
C ARG A 495 13.82 41.15 9.82
N MET A 496 14.69 41.50 8.88
CA MET A 496 14.93 42.91 8.58
C MET A 496 13.65 43.68 8.29
N PRO A 497 12.70 43.19 7.46
CA PRO A 497 11.43 43.92 7.29
C PRO A 497 10.77 44.28 8.61
N THR A 498 11.02 43.52 9.67
CA THR A 498 10.50 43.86 10.99
C THR A 498 11.31 44.98 11.64
N VAL A 499 12.64 44.89 11.55
CA VAL A 499 13.51 45.93 12.09
C VAL A 499 13.12 47.26 11.50
N LEU A 500 12.56 47.26 10.28
CA LEU A 500 12.29 48.48 9.54
C LEU A 500 10.83 48.95 9.61
N LEU A 501 10.01 48.29 10.42
CA LEU A 501 8.61 48.67 10.53
C LEU A 501 8.48 50.15 10.86
N GLU A 502 7.50 50.81 10.23
CA GLU A 502 7.17 52.17 10.62
C GLU A 502 6.83 52.19 12.11
N PRO A 503 6.99 53.34 12.76
CA PRO A 503 6.84 53.37 14.23
C PRO A 503 5.48 52.94 14.77
N LYS A 504 4.37 53.19 14.07
CA LYS A 504 3.07 52.84 14.63
C LYS A 504 2.92 51.34 14.82
N SER A 505 3.55 50.53 13.97
CA SER A 505 3.51 49.08 14.11
C SER A 505 4.66 48.59 14.98
N LEU A 506 5.83 49.22 14.85
CA LEU A 506 7.00 48.80 15.62
C LEU A 506 6.71 48.73 17.12
N GLN A 507 5.91 49.68 17.63
CA GLN A 507 5.64 49.68 19.07
C GLN A 507 4.97 48.37 19.49
N TYR A 508 4.07 47.83 18.67
CA TYR A 508 3.40 46.59 19.01
C TYR A 508 4.34 45.40 18.86
N THR A 509 5.07 45.35 17.76
CA THR A 509 6.16 44.39 17.61
C THR A 509 7.02 44.35 18.88
N LEU A 510 7.42 45.51 19.39
CA LEU A 510 8.35 45.52 20.52
C LEU A 510 7.68 45.13 21.83
N GLN A 511 6.35 45.20 21.93
CA GLN A 511 5.67 44.62 23.08
C GLN A 511 5.89 43.10 23.10
N ASN A 512 5.64 42.44 21.98
CA ASN A 512 5.74 41.00 21.92
C ASN A 512 7.19 40.55 22.00
N PHE A 513 8.06 41.18 21.20
CA PHE A 513 9.50 40.98 21.32
C PHE A 513 9.98 41.07 22.77
N SER A 514 9.48 42.05 23.52
CA SER A 514 9.95 42.24 24.88
C SER A 514 9.46 41.15 25.82
N ILE A 515 8.20 40.75 25.67
CA ILE A 515 7.62 39.74 26.56
C ILE A 515 8.34 38.42 26.38
N ALA A 516 8.66 38.05 25.13
CA ALA A 516 9.31 36.78 24.85
C ALA A 516 10.79 36.79 25.24
N THR A 517 11.46 37.93 25.08
CA THR A 517 12.85 38.05 25.52
C THR A 517 12.99 37.91 27.02
N TYR A 518 12.10 38.57 27.77
CA TYR A 518 12.07 38.44 29.22
C TYR A 518 11.83 37.00 29.63
N ALA A 519 10.87 36.33 28.99
CA ALA A 519 10.62 34.93 29.30
C ALA A 519 11.84 34.07 28.97
N LYS A 520 12.53 34.37 27.88
CA LYS A 520 13.73 33.64 27.51
C LYS A 520 14.88 33.92 28.48
N LEU A 521 14.84 35.05 29.19
CA LEU A 521 15.80 35.34 30.27
C LEU A 521 15.38 34.69 31.60
N ASN A 522 14.35 33.84 31.56
CA ASN A 522 13.78 33.09 32.67
C ASN A 522 12.69 33.86 33.41
N GLY A 523 12.31 35.04 32.92
CA GLY A 523 11.29 35.81 33.61
C GLY A 523 9.91 35.21 33.48
N THR A 524 8.98 35.69 34.32
CA THR A 524 7.58 35.32 34.22
C THR A 524 6.76 36.59 34.06
N PRO A 525 6.33 36.93 32.85
CA PRO A 525 5.69 38.24 32.63
C PRO A 525 4.38 38.39 33.37
N TRP A 526 3.54 37.36 33.36
CA TRP A 526 2.26 37.44 34.03
C TRP A 526 1.70 36.02 34.17
N THR A 527 0.74 35.91 35.06
CA THR A 527 -0.04 34.70 35.25
C THR A 527 -1.50 35.02 34.99
N VAL A 528 -2.34 34.00 35.01
CA VAL A 528 -3.78 34.19 34.94
C VAL A 528 -4.40 33.66 36.22
N ASN A 529 -5.55 34.23 36.57
CA ASN A 529 -6.17 34.01 37.85
C ASN A 529 -6.69 32.59 37.98
N HIS A 530 -6.79 32.13 39.22
CA HIS A 530 -7.35 30.82 39.51
C HIS A 530 -7.62 30.75 41.00
N ASP A 531 -8.75 30.19 41.38
CA ASP A 531 -9.03 29.92 42.80
C ASP A 531 -9.10 28.41 42.93
N LYS A 532 -8.17 27.84 43.70
CA LYS A 532 -8.09 26.40 43.83
C LYS A 532 -9.21 25.90 44.74
N ALA A 533 -10.09 25.07 44.18
CA ALA A 533 -10.96 24.26 45.01
C ALA A 533 -10.17 23.13 45.66
N ILE A 534 -9.22 22.55 44.92
CA ILE A 534 -8.54 21.33 45.33
C ILE A 534 -7.08 21.64 45.66
N ASN A 535 -6.44 20.68 46.32
CA ASN A 535 -5.11 20.86 46.89
C ASN A 535 -3.98 20.84 45.86
N ASP A 536 -4.24 20.39 44.64
CA ASP A 536 -3.22 20.47 43.61
C ASP A 536 -3.85 20.13 42.27
N GLU A 537 -3.39 20.82 41.22
CA GLU A 537 -3.93 20.66 39.88
C GLU A 537 -2.78 20.77 38.89
N LEU A 538 -2.62 19.74 38.07
CA LEU A 538 -1.60 19.70 37.03
C LEU A 538 -2.30 19.56 35.69
N VAL A 539 -1.89 20.36 34.73
CA VAL A 539 -2.35 20.24 33.35
C VAL A 539 -1.13 19.96 32.49
N VAL A 540 -1.22 18.96 31.63
CA VAL A 540 -0.13 18.73 30.69
C VAL A 540 -0.74 18.61 29.31
N GLY A 541 0.01 19.11 28.33
CA GLY A 541 -0.45 19.21 26.97
C GLY A 541 0.59 18.58 26.03
N MET A 542 0.08 18.08 24.91
CA MET A 542 0.95 17.53 23.89
C MET A 542 0.65 18.19 22.56
N GLY A 543 1.70 18.47 21.82
CA GLY A 543 1.56 19.05 20.49
C GLY A 543 2.43 18.30 19.51
N LEU A 544 2.10 18.45 18.24
CA LEU A 544 2.68 17.69 17.15
C LEU A 544 3.27 18.67 16.15
N ALA A 545 4.35 18.25 15.50
CA ALA A 545 4.84 18.95 14.32
C ALA A 545 5.22 17.88 13.31
N GLU A 546 5.06 18.19 12.02
CA GLU A 546 5.32 17.23 10.95
C GLU A 546 6.28 17.88 9.98
N LEU A 547 7.47 17.30 9.85
CA LEU A 547 8.58 17.97 9.20
C LEU A 547 9.03 17.23 7.96
N SER A 548 9.27 18.01 6.91
CA SER A 548 9.71 17.52 5.62
C SER A 548 10.41 18.67 4.91
N GLY A 549 11.29 18.32 3.97
CA GLY A 549 12.04 19.35 3.26
C GLY A 549 11.21 20.06 2.22
N SER A 550 10.21 19.39 1.67
CA SER A 550 9.38 19.94 0.60
C SER A 550 8.08 19.15 0.59
N ARG A 551 7.13 19.63 -0.20
CA ARG A 551 5.84 18.97 -0.26
C ARG A 551 5.89 17.57 -0.83
N THR A 552 7.02 17.17 -1.44
CA THR A 552 7.17 15.82 -1.96
C THR A 552 7.58 14.86 -0.86
N GLU A 553 8.69 15.17 -0.19
CA GLU A 553 9.24 14.31 0.87
C GLU A 553 8.19 14.00 1.92
N LYS A 554 8.31 12.81 2.52
CA LYS A 554 7.34 12.33 3.50
C LYS A 554 7.59 13.00 4.84
N ARG A 555 6.52 13.47 5.48
CA ARG A 555 6.65 14.23 6.71
C ARG A 555 6.89 13.31 7.90
N GLN A 556 7.83 13.74 8.75
CA GLN A 556 8.21 13.03 9.96
C GLN A 556 7.60 13.75 11.16
N ARG A 557 7.09 12.98 12.10
CA ARG A 557 6.33 13.52 13.22
C ARG A 557 7.23 13.67 14.44
N PHE A 558 7.00 14.75 15.17
CA PHE A 558 7.69 15.01 16.43
C PHE A 558 6.67 15.57 17.40
N VAL A 559 6.98 15.45 18.69
CA VAL A 559 6.03 15.88 19.71
C VAL A 559 6.74 16.75 20.75
N GLY A 560 5.91 17.49 21.48
CA GLY A 560 6.39 18.26 22.61
C GLY A 560 5.38 18.17 23.74
N ILE A 561 5.88 18.42 24.95
CA ILE A 561 5.06 18.32 26.16
C ILE A 561 5.26 19.58 27.01
N THR A 562 4.15 20.14 27.48
CA THR A 562 4.14 21.33 28.33
C THR A 562 3.35 21.04 29.59
N THR A 563 3.78 21.60 30.72
CA THR A 563 3.07 21.42 31.98
C THR A 563 2.78 22.77 32.62
N VAL A 564 1.61 22.84 33.28
CA VAL A 564 1.16 24.04 33.99
C VAL A 564 0.64 23.56 35.34
N PHE A 565 0.98 24.32 36.39
CA PHE A 565 0.59 23.98 37.74
C PHE A 565 -0.37 25.01 38.34
N ALA A 566 -1.35 24.52 39.11
CA ALA A 566 -2.13 25.41 39.96
C ALA A 566 -1.24 26.00 41.06
N GLY A 567 -1.30 27.32 41.20
CA GLY A 567 -0.61 27.96 42.29
C GLY A 567 -1.64 28.58 43.21
N ASP A 568 -1.19 29.44 44.13
CA ASP A 568 -2.12 30.14 45.00
C ASP A 568 -2.67 31.32 44.21
N GLY A 569 -3.83 31.09 43.59
CA GLY A 569 -4.40 32.15 42.76
C GLY A 569 -3.78 32.30 41.38
N SER A 570 -3.03 31.32 40.92
CA SER A 570 -2.26 31.48 39.71
C SER A 570 -1.99 30.14 39.07
N TYR A 571 -2.01 30.18 37.75
CA TYR A 571 -1.50 29.09 36.93
C TYR A 571 -0.04 29.32 36.61
N LEU A 572 0.80 28.37 36.99
CA LEU A 572 2.25 28.53 36.87
C LEU A 572 2.77 27.58 35.79
N LEU A 573 3.60 28.12 34.90
CA LEU A 573 4.18 27.32 33.84
C LEU A 573 5.28 26.44 34.41
N GLY A 574 5.18 25.14 34.17
CA GLY A 574 6.17 24.20 34.65
C GLY A 574 7.34 24.08 33.71
N ASN A 575 7.97 22.92 33.74
CA ASN A 575 9.03 22.60 32.81
C ASN A 575 8.45 21.93 31.57
N VAL A 576 9.33 21.61 30.65
CA VAL A 576 9.03 21.47 29.23
C VAL A 576 9.87 20.33 28.70
N SER A 577 9.31 19.56 27.77
CA SER A 577 10.03 18.39 27.28
C SER A 577 11.27 18.82 26.51
N LYS A 578 12.28 17.95 26.51
CA LYS A 578 13.40 18.06 25.60
C LYS A 578 13.51 16.88 24.64
N GLU A 579 12.83 15.77 24.90
CA GLU A 579 12.76 14.66 23.98
C GLU A 579 11.50 14.78 23.13
N CYS A 580 11.62 14.45 21.84
CA CYS A 580 10.59 14.85 20.89
C CYS A 580 10.17 13.78 19.88
N GLU A 581 10.56 12.53 20.07
CA GLU A 581 10.22 11.51 19.08
C GLU A 581 8.77 11.09 19.21
N TYR A 582 8.09 10.93 18.05
CA TYR A 582 6.68 10.59 18.03
C TYR A 582 6.46 9.15 18.49
N GLU A 583 7.32 8.23 18.06
CA GLU A 583 7.22 6.85 18.48
C GLU A 583 7.35 6.78 20.00
N GLY A 584 6.29 6.31 20.66
CA GLY A 584 6.30 6.17 22.09
C GLY A 584 5.74 7.32 22.87
N TYR A 585 5.04 8.25 22.22
CA TYR A 585 4.61 9.48 22.88
C TYR A 585 3.70 9.20 24.07
N SER A 586 3.00 8.07 24.06
CA SER A 586 2.11 7.77 25.19
C SER A 586 2.91 7.51 26.46
N ASP A 587 4.02 6.77 26.34
CA ASP A 587 4.87 6.54 27.50
C ASP A 587 5.51 7.84 27.99
N ALA A 588 5.80 8.77 27.07
CA ALA A 588 6.38 10.04 27.48
C ALA A 588 5.37 10.89 28.23
N ILE A 589 4.09 10.85 27.82
CA ILE A 589 3.06 11.53 28.59
C ILE A 589 3.02 10.96 30.00
N ARG A 590 3.14 9.65 30.12
CA ARG A 590 3.04 8.98 31.40
C ARG A 590 4.20 9.36 32.31
N GLU A 591 5.42 9.34 31.79
CA GLU A 591 6.59 9.65 32.60
C GLU A 591 6.54 11.08 33.11
N SER A 592 6.15 12.02 32.25
CA SER A 592 6.11 13.42 32.65
C SER A 592 5.05 13.63 33.73
N MET A 593 3.95 12.89 33.67
CA MET A 593 2.92 13.04 34.71
C MET A 593 3.37 12.41 36.03
N THR A 594 3.82 11.16 36.01
CA THR A 594 4.18 10.53 37.28
C THR A 594 5.34 11.26 37.94
N GLY A 595 6.29 11.73 37.14
CA GLY A 595 7.42 12.48 37.70
C GLY A 595 6.99 13.78 38.35
N ILE A 596 6.08 14.51 37.70
CA ILE A 596 5.61 15.78 38.23
C ILE A 596 4.75 15.55 39.47
N LEU A 597 3.89 14.54 39.44
CA LEU A 597 3.06 14.23 40.61
C LEU A 597 3.94 13.93 41.81
N ARG A 598 4.93 13.06 41.63
CA ARG A 598 5.86 12.70 42.69
C ARG A 598 6.50 13.95 43.28
N GLU A 599 7.01 14.83 42.42
CA GLU A 599 7.65 16.05 42.88
C GLU A 599 6.65 16.97 43.57
N LEU A 600 5.44 17.07 43.03
CA LEU A 600 4.43 17.92 43.67
C LEU A 600 4.10 17.41 45.07
N LYS A 601 4.02 16.09 45.24
CA LYS A 601 3.73 15.55 46.57
C LYS A 601 4.79 15.98 47.57
N LYS A 602 6.06 15.86 47.20
CA LYS A 602 7.13 16.27 48.11
C LYS A 602 7.03 17.75 48.46
N ARG A 603 6.99 18.62 47.46
CA ARG A 603 6.90 20.05 47.72
C ARG A 603 5.71 20.37 48.62
N ASN A 604 4.51 19.98 48.19
CA ASN A 604 3.28 20.41 48.84
C ASN A 604 2.87 19.55 50.03
N ASN A 605 3.39 18.32 50.12
CA ASN A 605 3.17 17.48 51.30
C ASN A 605 1.68 17.24 51.52
N TRP A 606 1.06 16.64 50.50
CA TRP A 606 -0.37 16.40 50.51
C TRP A 606 -0.82 15.73 51.80
N ARG A 607 -2.00 16.17 52.32
CA ARG A 607 -2.54 15.51 53.50
C ARG A 607 -3.44 14.36 53.11
N PRO A 608 -3.60 13.39 53.99
CA PRO A 608 -4.60 12.34 53.74
C PRO A 608 -5.93 12.98 53.41
N GLY A 609 -6.58 12.47 52.35
CA GLY A 609 -7.85 12.98 51.91
C GLY A 609 -7.80 14.16 50.97
N ASP A 610 -6.63 14.73 50.69
CA ASP A 610 -6.55 15.81 49.73
C ASP A 610 -6.86 15.26 48.32
N THR A 611 -7.40 16.13 47.47
CA THR A 611 -7.77 15.75 46.11
C THR A 611 -6.77 16.37 45.15
N VAL A 612 -6.23 15.52 44.27
CA VAL A 612 -5.33 15.89 43.20
C VAL A 612 -6.08 15.77 41.89
N ARG A 613 -5.90 16.73 41.00
CA ARG A 613 -6.56 16.69 39.71
C ARG A 613 -5.56 16.85 38.57
N VAL A 614 -5.68 15.99 37.57
CA VAL A 614 -4.79 16.01 36.43
C VAL A 614 -5.64 16.15 35.17
N VAL A 615 -5.22 17.07 34.30
CA VAL A 615 -5.92 17.37 33.05
C VAL A 615 -4.92 17.23 31.92
N PHE A 616 -5.34 16.61 30.83
CA PHE A 616 -4.53 16.49 29.62
C PHE A 616 -5.19 17.21 28.45
N HIS A 617 -4.36 17.92 27.68
CA HIS A 617 -4.80 18.70 26.54
C HIS A 617 -4.14 18.23 25.25
N ALA A 618 -4.91 18.12 24.18
CA ALA A 618 -4.32 17.91 22.85
C ALA A 618 -5.35 18.21 21.77
N HIS A 619 -4.89 18.36 20.54
CA HIS A 619 -5.78 18.60 19.40
C HIS A 619 -6.43 17.33 18.85
N ARG A 620 -6.11 16.17 19.44
CA ARG A 620 -6.67 14.89 19.06
C ARG A 620 -6.92 14.05 20.31
N PRO A 621 -7.91 13.17 20.28
CA PRO A 621 -8.20 12.34 21.47
C PRO A 621 -7.19 11.22 21.66
N LEU A 622 -6.96 10.89 22.93
CA LEU A 622 -6.09 9.77 23.25
C LEU A 622 -6.83 8.45 23.05
N LYS A 623 -6.06 7.40 22.79
CA LYS A 623 -6.63 6.07 22.76
C LYS A 623 -7.15 5.69 24.14
N ARG A 624 -8.19 4.86 24.17
CA ARG A 624 -8.72 4.39 25.44
C ARG A 624 -7.66 3.62 26.22
N VAL A 625 -6.82 2.86 25.51
CA VAL A 625 -5.82 2.03 26.18
C VAL A 625 -4.75 2.91 26.81
N ASP A 626 -4.46 4.07 26.23
CA ASP A 626 -3.47 4.94 26.84
C ASP A 626 -4.08 5.72 28.00
N VAL A 627 -5.32 6.19 27.86
CA VAL A 627 -6.02 6.72 29.02
C VAL A 627 -5.94 5.73 30.17
N ALA A 628 -6.28 4.46 29.92
CA ALA A 628 -6.27 3.47 31.00
C ALA A 628 -4.86 3.31 31.58
N SER A 629 -3.84 3.28 30.70
CA SER A 629 -2.47 3.16 31.16
C SER A 629 -2.06 4.39 31.97
N ILE A 630 -2.53 5.57 31.57
CA ILE A 630 -2.12 6.80 32.26
C ILE A 630 -2.83 6.91 33.61
N VAL A 631 -4.14 6.64 33.62
CA VAL A 631 -4.88 6.62 34.89
C VAL A 631 -4.20 5.66 35.86
N PHE A 632 -3.83 4.47 35.37
CA PHE A 632 -3.27 3.46 36.26
C PHE A 632 -1.97 3.95 36.89
N GLU A 633 -1.04 4.43 36.07
CA GLU A 633 0.26 4.84 36.60
C GLU A 633 0.15 6.05 37.51
N CYS A 634 -0.66 7.04 37.13
CA CYS A 634 -0.84 8.19 38.01
C CYS A 634 -1.55 7.77 39.30
N THR A 635 -2.52 6.86 39.20
CA THR A 635 -3.20 6.44 40.41
C THR A 635 -2.24 5.73 41.34
N ARG A 636 -1.40 4.85 40.80
CA ARG A 636 -0.40 4.17 41.61
C ARG A 636 0.59 5.16 42.21
N GLU A 637 1.05 6.11 41.42
CA GLU A 637 2.09 7.05 41.86
C GLU A 637 1.63 7.85 43.06
N ILE A 638 0.45 8.46 43.00
CA ILE A 638 0.05 9.28 44.12
C ILE A 638 -0.35 8.41 45.32
N GLY A 639 -0.79 7.17 45.08
CA GLY A 639 -1.11 6.26 46.17
C GLY A 639 -2.49 6.50 46.77
N SER A 640 -2.82 5.65 47.74
CA SER A 640 -4.19 5.60 48.26
C SER A 640 -4.51 6.70 49.27
N ASP A 641 -3.52 7.42 49.79
CA ASP A 641 -3.86 8.47 50.75
C ASP A 641 -4.67 9.61 50.13
N GLN A 642 -4.65 9.75 48.80
CA GLN A 642 -5.34 10.86 48.15
C GLN A 642 -6.33 10.37 47.09
N ASN A 643 -7.30 11.24 46.82
CA ASN A 643 -8.24 11.07 45.72
C ASN A 643 -7.64 11.71 44.46
N ILE A 644 -7.62 10.99 43.35
CA ILE A 644 -7.16 11.55 42.07
C ILE A 644 -8.34 11.67 41.11
N GLN A 645 -8.45 12.84 40.50
CA GLN A 645 -9.41 13.13 39.43
C GLN A 645 -8.64 13.37 38.13
N MET A 646 -9.10 12.78 37.03
CA MET A 646 -8.38 12.90 35.75
C MET A 646 -9.33 13.16 34.60
N ALA A 647 -8.96 14.10 33.74
CA ALA A 647 -9.77 14.50 32.59
C ALA A 647 -8.86 14.57 31.37
N PHE A 648 -9.38 14.09 30.24
CA PHE A 648 -8.64 14.05 28.98
C PHE A 648 -9.43 14.81 27.92
N VAL A 649 -8.83 15.86 27.40
CA VAL A 649 -9.55 16.89 26.67
C VAL A 649 -8.92 17.05 25.28
N THR A 650 -9.75 17.18 24.25
CA THR A 650 -9.23 17.67 22.99
C THR A 650 -9.94 18.96 22.62
N VAL A 651 -9.15 19.84 22.01
CA VAL A 651 -9.54 21.16 21.55
C VAL A 651 -9.53 21.09 20.03
N SER A 652 -10.67 21.37 19.43
CA SER A 652 -10.81 21.36 17.98
C SER A 652 -11.14 22.76 17.46
N HIS A 653 -10.55 23.10 16.31
CA HIS A 653 -10.83 24.37 15.66
C HIS A 653 -11.74 24.23 14.44
N ASP A 654 -11.69 23.08 13.77
CA ASP A 654 -12.27 22.88 12.44
C ASP A 654 -13.40 21.85 12.47
N HIS A 655 -14.58 22.32 12.87
CA HIS A 655 -15.78 21.52 13.07
C HIS A 655 -16.93 22.27 12.44
N PRO A 656 -18.15 21.70 12.35
CA PRO A 656 -19.20 22.41 11.62
C PRO A 656 -20.09 23.30 12.47
N PHE A 657 -19.62 23.74 13.64
CA PHE A 657 -20.43 24.52 14.57
C PHE A 657 -19.98 25.98 14.60
N VAL A 658 -20.92 26.91 14.51
CA VAL A 658 -20.62 28.30 14.82
C VAL A 658 -21.77 28.91 15.61
N LEU A 659 -21.45 29.95 16.37
CA LEU A 659 -22.36 30.57 17.32
C LEU A 659 -22.63 32.01 16.92
N ILE A 660 -23.89 32.41 17.02
CA ILE A 660 -24.36 33.73 16.61
C ILE A 660 -25.05 34.37 17.81
N ASP A 661 -24.67 35.60 18.13
CA ASP A 661 -25.28 36.36 19.22
C ASP A 661 -26.01 37.53 18.58
N ARG A 662 -27.32 37.39 18.40
CA ARG A 662 -28.08 38.41 17.70
C ARG A 662 -28.11 39.72 18.48
N SER A 663 -27.97 39.67 19.80
CA SER A 663 -27.96 40.86 20.63
C SER A 663 -26.68 41.68 20.50
N GLU A 664 -25.75 41.31 19.64
CA GLU A 664 -24.43 41.93 19.61
C GLU A 664 -24.29 42.81 18.37
N ARG A 665 -24.27 44.12 18.59
CA ARG A 665 -24.14 45.10 17.53
C ARG A 665 -22.71 45.25 17.01
N GLY A 666 -21.73 44.69 17.70
CA GLY A 666 -20.36 44.87 17.31
C GLY A 666 -19.84 46.25 17.69
N LEU A 667 -18.64 46.54 17.20
CA LEU A 667 -17.93 47.77 17.53
C LEU A 667 -17.65 48.61 16.29
N GLU A 668 -17.52 49.91 16.50
CA GLU A 668 -17.06 50.80 15.44
C GLU A 668 -15.64 50.44 15.02
N ALA A 669 -15.46 50.16 13.73
CA ALA A 669 -14.16 49.70 13.25
C ALA A 669 -13.16 50.84 13.20
N TYR A 670 -13.44 51.87 12.41
CA TYR A 670 -12.50 52.95 12.18
C TYR A 670 -13.16 54.29 12.47
N LYS A 671 -12.33 55.31 12.64
CA LYS A 671 -12.83 56.68 12.66
C LYS A 671 -13.63 56.96 11.40
N GLY A 672 -14.67 57.77 11.53
CA GLY A 672 -15.52 58.10 10.41
C GLY A 672 -16.02 56.86 9.69
N SER A 673 -16.15 55.78 10.44
CA SER A 673 -16.59 54.48 9.91
C SER A 673 -17.86 54.08 10.62
N THR A 674 -19.00 54.23 9.94
CA THR A 674 -20.23 53.60 10.39
C THR A 674 -20.12 52.09 10.36
N ALA A 675 -19.18 51.56 9.59
CA ALA A 675 -19.02 50.12 9.46
C ALA A 675 -18.53 49.54 10.78
N ARG A 676 -19.03 48.35 11.10
CA ARG A 676 -18.73 47.70 12.37
C ARG A 676 -18.00 46.39 12.11
N LYS A 677 -17.37 45.91 13.17
CA LYS A 677 -16.65 44.65 13.17
C LYS A 677 -17.18 43.78 14.30
N GLY A 678 -17.12 42.46 14.10
CA GLY A 678 -17.58 41.57 15.14
C GLY A 678 -19.08 41.59 15.38
N VAL A 679 -19.86 41.96 14.37
CA VAL A 679 -21.30 41.99 14.47
C VAL A 679 -21.81 40.57 14.64
N PHE A 680 -22.54 40.32 15.72
CA PHE A 680 -23.10 39.04 16.11
C PHE A 680 -22.07 38.10 16.75
N ALA A 681 -20.86 38.57 17.04
CA ALA A 681 -19.85 37.71 17.63
C ALA A 681 -20.18 37.47 19.10
N PRO A 682 -20.33 36.22 19.53
CA PRO A 682 -20.51 35.96 20.97
C PRO A 682 -19.37 36.54 21.77
N PRO A 683 -19.59 36.81 23.05
CA PRO A 683 -18.51 37.35 23.89
C PRO A 683 -17.49 36.29 24.26
N ARG A 684 -16.28 36.79 24.53
CA ARG A 684 -15.20 35.92 24.97
C ARG A 684 -15.59 35.20 26.25
N GLY A 685 -15.55 33.87 26.22
CA GLY A 685 -15.89 33.07 27.37
C GLY A 685 -17.27 32.45 27.35
N ALA A 686 -18.10 32.73 26.35
CA ALA A 686 -19.37 32.02 26.24
C ALA A 686 -19.10 30.54 26.05
N ILE A 687 -19.82 29.70 26.81
CA ILE A 687 -19.66 28.26 26.76
C ILE A 687 -21.02 27.65 26.48
N SER A 688 -21.16 26.97 25.34
CA SER A 688 -22.41 26.33 24.96
C SER A 688 -22.31 24.82 25.03
N ARG A 689 -23.39 24.21 25.51
CA ARG A 689 -23.52 22.76 25.58
C ARG A 689 -24.02 22.20 24.26
N VAL A 690 -23.26 21.27 23.69
CA VAL A 690 -23.73 20.47 22.56
C VAL A 690 -24.16 19.08 23.00
N GLY A 691 -23.49 18.50 23.99
CA GLY A 691 -23.87 17.23 24.53
C GLY A 691 -23.12 17.03 25.83
N ARG A 692 -23.25 15.81 26.36
CA ARG A 692 -22.72 15.54 27.68
C ARG A 692 -21.21 15.78 27.75
N LEU A 693 -20.49 15.45 26.68
CA LEU A 693 -19.04 15.51 26.69
C LEU A 693 -18.48 16.71 25.95
N THR A 694 -19.31 17.58 25.39
CA THR A 694 -18.79 18.60 24.49
C THR A 694 -19.34 19.98 24.77
N ARG A 695 -18.45 20.96 24.70
CA ARG A 695 -18.80 22.36 24.81
C ARG A 695 -18.20 23.10 23.63
N LEU A 696 -18.89 24.17 23.23
CA LEU A 696 -18.39 25.17 22.31
C LEU A 696 -17.89 26.37 23.11
N LEU A 697 -16.72 26.88 22.77
CA LEU A 697 -16.07 27.95 23.52
C LEU A 697 -15.73 29.10 22.58
N ALA A 698 -16.31 30.27 22.84
CA ALA A 698 -16.00 31.47 22.09
C ALA A 698 -14.75 32.13 22.67
N VAL A 699 -13.81 32.50 21.79
CA VAL A 699 -12.55 33.09 22.23
C VAL A 699 -12.35 34.48 21.64
N ASN A 700 -12.88 34.72 20.45
CA ASN A 700 -12.64 35.98 19.74
C ASN A 700 -13.87 36.86 19.83
N SER A 701 -13.83 37.82 20.74
CA SER A 701 -14.89 38.79 20.94
C SER A 701 -14.79 39.90 19.91
N PRO A 702 -15.83 40.73 19.79
CA PRO A 702 -15.73 41.91 18.92
C PRO A 702 -14.52 42.78 19.17
N GLN A 703 -14.15 42.93 20.43
CA GLN A 703 -12.96 43.70 20.80
C GLN A 703 -11.72 43.17 20.11
N LEU A 704 -11.61 41.84 20.00
CA LEU A 704 -10.43 41.21 19.43
C LEU A 704 -10.53 40.96 17.92
N ILE A 705 -11.73 41.05 17.35
CA ILE A 705 -11.88 40.87 15.90
C ILE A 705 -11.21 42.03 15.19
N LYS A 706 -10.53 41.72 14.08
CA LYS A 706 -9.54 42.62 13.51
C LYS A 706 -10.18 43.69 12.63
N ARG A 707 -11.11 43.28 11.77
CA ARG A 707 -11.52 44.10 10.64
C ARG A 707 -13.02 43.96 10.41
N ALA A 708 -13.59 44.98 9.74
CA ALA A 708 -15.01 44.94 9.41
C ALA A 708 -15.38 43.69 8.64
N ASN A 709 -14.49 43.24 7.75
CA ASN A 709 -14.76 42.08 6.90
C ASN A 709 -14.36 40.77 7.56
N THR A 710 -13.82 40.78 8.78
CA THR A 710 -13.46 39.52 9.43
C THR A 710 -14.71 38.66 9.55
N PRO A 711 -14.69 37.40 9.09
CA PRO A 711 -15.86 36.54 9.29
C PRO A 711 -16.33 36.48 10.74
N LEU A 712 -17.58 36.07 10.92
CA LEU A 712 -18.03 35.62 12.23
C LEU A 712 -17.06 34.55 12.72
N PRO A 713 -16.51 34.68 13.92
CA PRO A 713 -15.49 33.73 14.36
C PRO A 713 -16.05 32.33 14.53
N THR A 714 -15.18 31.34 14.41
CA THR A 714 -15.54 29.97 14.75
C THR A 714 -15.11 29.68 16.17
N PRO A 715 -15.99 29.14 17.01
CA PRO A 715 -15.60 28.82 18.38
C PRO A 715 -14.79 27.54 18.43
N LEU A 716 -14.06 27.38 19.53
CA LEU A 716 -13.39 26.14 19.82
C LEU A 716 -14.37 25.09 20.32
N LEU A 717 -14.15 23.84 19.91
CA LEU A 717 -14.92 22.71 20.42
C LEU A 717 -14.07 21.98 21.44
N VAL A 718 -14.57 21.87 22.68
CA VAL A 718 -13.85 21.24 23.78
C VAL A 718 -14.54 19.92 24.10
N SER A 719 -13.82 18.81 23.97
CA SER A 719 -14.42 17.48 24.12
C SER A 719 -13.70 16.65 25.19
N LEU A 720 -14.50 16.05 26.07
CA LEU A 720 -14.00 15.24 27.17
C LEU A 720 -14.02 13.76 26.79
N HIS A 721 -12.89 13.09 27.04
CA HIS A 721 -12.78 11.66 26.78
C HIS A 721 -13.73 10.87 27.67
N PRO A 722 -14.51 9.95 27.10
CA PRO A 722 -15.49 9.24 27.93
C PRO A 722 -14.92 8.49 29.11
N ASP A 723 -13.66 8.08 29.08
CA ASP A 723 -13.08 7.35 30.21
C ASP A 723 -12.52 8.30 31.28
N SER A 724 -12.81 9.59 31.19
CA SER A 724 -12.33 10.55 32.19
C SER A 724 -13.08 10.39 33.51
N THR A 725 -12.33 10.43 34.62
CA THR A 725 -12.94 10.34 35.94
C THR A 725 -13.40 11.70 36.47
N PHE A 726 -12.87 12.80 35.92
CA PHE A 726 -13.38 14.14 36.18
C PHE A 726 -14.24 14.54 34.98
N LYS A 727 -15.45 15.07 35.24
CA LYS A 727 -16.48 15.17 34.22
C LYS A 727 -17.02 16.57 33.96
N ASP A 728 -16.51 17.59 34.64
CA ASP A 728 -17.09 18.94 34.56
C ASP A 728 -16.41 19.66 33.41
N VAL A 729 -16.95 19.45 32.20
CA VAL A 729 -16.34 19.99 31.00
C VAL A 729 -16.57 21.49 30.85
N ASP A 730 -17.62 22.03 31.47
CA ASP A 730 -17.76 23.48 31.56
C ASP A 730 -16.52 24.09 32.22
N TYR A 731 -16.12 23.52 33.36
CA TYR A 731 -14.89 23.96 34.02
C TYR A 731 -13.69 23.80 33.09
N LEU A 732 -13.57 22.63 32.44
CA LEU A 732 -12.44 22.42 31.57
C LEU A 732 -12.47 23.36 30.38
N ALA A 733 -13.66 23.73 29.89
CA ALA A 733 -13.73 24.69 28.80
C ALA A 733 -13.21 26.06 29.24
N GLU A 734 -13.53 26.47 30.47
CA GLU A 734 -13.06 27.75 30.98
C GLU A 734 -11.57 27.71 31.29
N GLN A 735 -11.05 26.57 31.74
CA GLN A 735 -9.61 26.42 31.95
C GLN A 735 -8.85 26.60 30.65
N ALA A 736 -9.34 26.01 29.55
CA ALA A 736 -8.70 26.18 28.26
C ALA A 736 -8.70 27.64 27.84
N LEU A 737 -9.83 28.33 28.02
CA LEU A 737 -9.90 29.77 27.76
C LEU A 737 -8.80 30.52 28.50
N LYS A 738 -8.67 30.26 29.81
CA LYS A 738 -7.66 30.92 30.61
C LYS A 738 -6.27 30.66 30.08
N PHE A 739 -6.02 29.43 29.63
CA PHE A 739 -4.70 29.08 29.13
C PHE A 739 -4.40 29.72 27.76
N THR A 740 -5.41 30.24 27.05
CA THR A 740 -5.09 31.02 25.86
C THR A 740 -4.42 32.33 26.24
N SER A 741 -4.75 32.88 27.41
CA SER A 741 -4.20 34.14 27.87
C SER A 741 -2.83 33.99 28.51
N LEU A 742 -2.30 32.78 28.60
CA LEU A 742 -1.01 32.53 29.25
C LEU A 742 0.16 32.62 28.28
N SER A 743 -0.08 32.90 26.99
CA SER A 743 1.00 32.86 26.01
C SER A 743 1.92 34.06 26.19
N TRP A 744 3.22 33.80 26.28
CA TRP A 744 4.23 34.87 26.29
C TRP A 744 4.84 35.09 24.92
N ARG A 745 4.26 34.50 23.88
CA ARG A 745 4.63 34.91 22.52
C ARG A 745 4.03 36.26 22.16
N SER A 746 2.97 36.68 22.84
CA SER A 746 2.33 37.92 22.48
C SER A 746 1.51 38.44 23.65
N THR A 747 1.16 39.72 23.53
CA THR A 747 0.31 40.43 24.47
C THR A 747 -1.15 40.05 24.26
N LEU A 748 -1.51 39.74 23.03
CA LEU A 748 -2.82 39.24 22.64
C LEU A 748 -2.92 37.73 22.89
N PRO A 749 -4.11 37.24 23.21
CA PRO A 749 -4.24 35.82 23.53
C PRO A 749 -3.99 34.94 22.32
N ALA A 750 -3.57 33.70 22.59
CA ALA A 750 -3.32 32.71 21.56
C ALA A 750 -4.61 31.97 21.19
N ALA A 751 -4.59 31.35 20.01
CA ALA A 751 -5.78 30.67 19.49
C ALA A 751 -6.00 29.30 20.10
N THR A 752 -5.06 28.78 20.88
CA THR A 752 -5.21 27.51 21.56
C THR A 752 -4.45 27.61 22.90
N PRO A 753 -4.85 26.82 23.89
CA PRO A 753 -4.15 26.92 25.19
C PRO A 753 -2.67 26.60 25.08
N VAL A 754 -1.87 27.29 25.91
CA VAL A 754 -0.42 27.16 25.80
C VAL A 754 0.05 25.73 26.05
N THR A 755 -0.73 24.94 26.78
CA THR A 755 -0.42 23.53 26.96
C THR A 755 -0.19 22.83 25.62
N ILE A 756 -0.97 23.21 24.61
CA ILE A 756 -0.80 22.66 23.28
C ILE A 756 0.13 23.53 22.44
N PHE A 757 -0.10 24.84 22.45
CA PHE A 757 0.60 25.77 21.58
C PHE A 757 2.11 25.70 21.80
N TYR A 758 2.54 25.87 23.04
CA TYR A 758 3.96 25.75 23.36
C TYR A 758 4.52 24.42 22.87
N SER A 759 3.78 23.33 23.09
CA SER A 759 4.29 22.02 22.73
C SER A 759 4.51 21.89 21.22
N GLU A 760 3.59 22.42 20.41
CA GLU A 760 3.81 22.44 18.97
C GLU A 760 5.06 23.23 18.62
N ARG A 761 5.30 24.34 19.30
CA ARG A 761 6.49 25.13 19.01
C ARG A 761 7.75 24.40 19.46
N ILE A 762 7.70 23.70 20.60
CA ILE A 762 8.84 22.87 21.00
C ILE A 762 9.08 21.75 19.99
N ALA A 763 8.00 21.09 19.57
CA ALA A 763 8.13 19.94 18.68
C ALA A 763 8.79 20.33 17.36
N GLU A 764 8.38 21.46 16.78
CA GLU A 764 8.95 21.87 15.50
C GLU A 764 10.41 22.24 15.66
N LEU A 765 10.75 22.97 16.73
CA LEU A 765 12.13 23.40 16.91
C LEU A 765 13.05 22.20 17.12
N LEU A 766 12.76 21.40 18.15
CA LEU A 766 13.58 20.22 18.39
C LEU A 766 13.62 19.30 17.18
N GLY A 767 12.47 19.16 16.48
CA GLY A 767 12.45 18.36 15.28
C GLY A 767 13.44 18.86 14.24
N ARG A 768 13.45 20.16 13.99
CA ARG A 768 14.40 20.73 13.04
C ARG A 768 15.83 20.58 13.55
N LEU A 769 16.07 20.90 14.82
CA LEU A 769 17.42 20.91 15.36
C LEU A 769 18.07 19.53 15.28
N LYS A 770 17.27 18.46 15.41
CA LYS A 770 17.81 17.11 15.41
C LYS A 770 18.66 16.85 14.17
N SER A 771 18.38 17.52 13.06
CA SER A 771 19.14 17.32 11.83
C SER A 771 20.26 18.34 11.62
N ILE A 772 20.50 19.24 12.58
CA ILE A 772 21.52 20.27 12.36
C ILE A 772 22.87 19.78 12.88
N PRO A 773 23.94 19.82 12.08
CA PRO A 773 25.25 19.41 12.60
C PRO A 773 25.61 20.17 13.87
N ASN A 774 26.19 19.47 14.84
CA ASN A 774 26.69 20.03 16.08
C ASN A 774 25.60 20.51 17.02
N TRP A 775 24.34 20.24 16.71
CA TRP A 775 23.28 20.43 17.69
C TRP A 775 23.49 19.53 18.90
N SER A 776 23.30 20.09 20.09
CA SER A 776 23.18 19.25 21.27
C SER A 776 22.16 19.82 22.24
N SER A 777 21.32 18.95 22.79
CA SER A 777 20.31 19.33 23.76
C SER A 777 20.82 19.34 25.19
N ALA A 778 22.13 19.19 25.40
CA ALA A 778 22.64 19.05 26.76
C ALA A 778 22.25 20.21 27.65
N ASN A 779 22.19 21.43 27.12
CA ASN A 779 21.94 22.60 27.96
C ASN A 779 20.45 22.87 28.19
N LEU A 780 19.55 22.10 27.55
CA LEU A 780 18.13 22.41 27.66
C LEU A 780 17.57 22.18 29.06
N ASN A 781 18.20 21.29 29.82
CA ASN A 781 17.85 21.07 31.22
C ASN A 781 18.89 21.59 32.19
N ILE A 782 19.87 22.36 31.70
CA ILE A 782 20.89 22.92 32.59
C ILE A 782 20.73 24.44 32.53
N LYS A 783 21.43 25.09 31.61
CA LYS A 783 21.34 26.55 31.56
C LYS A 783 19.96 27.02 31.13
N LEU A 784 19.28 26.26 30.28
CA LEU A 784 17.99 26.68 29.74
C LEU A 784 16.83 26.09 30.51
N LYS A 785 17.07 25.49 31.69
CA LYS A 785 15.98 24.78 32.37
C LYS A 785 14.78 25.69 32.60
N TRP A 786 15.02 26.94 32.99
CA TRP A 786 13.95 27.89 33.26
C TRP A 786 13.71 28.87 32.11
N SER A 787 14.46 28.75 31.01
CA SER A 787 14.30 29.66 29.89
C SER A 787 13.15 29.22 29.00
N ARG A 788 12.31 30.19 28.62
CA ARG A 788 11.25 29.94 27.64
C ARG A 788 11.82 30.07 26.22
N TRP A 789 12.83 29.24 25.95
CA TRP A 789 13.61 29.35 24.72
C TRP A 789 12.79 29.04 23.47
N PHE A 790 11.60 28.46 23.63
CA PHE A 790 10.79 28.03 22.49
C PHE A 790 9.83 29.09 22.00
N LEU A 791 9.79 30.26 22.62
CA LEU A 791 8.75 31.22 22.26
C LEU A 791 9.00 31.86 20.90
N ARG D 34 -17.35 -16.55 2.79
CA ARG D 34 -16.20 -16.31 1.92
C ARG D 34 -16.23 -17.29 0.75
N GLN D 35 -16.03 -16.77 -0.47
CA GLN D 35 -16.43 -17.50 -1.66
C GLN D 35 -15.46 -17.32 -2.82
N LEU D 36 -15.22 -18.43 -3.52
CA LEU D 36 -14.43 -18.48 -4.74
C LEU D 36 -15.26 -19.13 -5.84
N VAL D 37 -15.21 -18.56 -7.05
CA VAL D 37 -16.09 -18.94 -8.15
C VAL D 37 -15.31 -19.76 -9.15
N SER D 38 -15.92 -20.82 -9.66
CA SER D 38 -15.27 -21.70 -10.61
C SER D 38 -15.59 -21.30 -12.06
N ASN D 39 -14.89 -21.94 -12.99
CA ASN D 39 -15.16 -21.82 -14.42
C ASN D 39 -16.11 -22.91 -14.91
N GLY D 40 -16.85 -23.55 -14.01
CA GLY D 40 -17.68 -24.68 -14.38
C GLY D 40 -19.14 -24.50 -14.00
N PHE D 41 -20.02 -25.27 -14.63
CA PHE D 41 -21.45 -25.20 -14.36
C PHE D 41 -21.98 -26.55 -13.89
N GLU D 42 -22.94 -26.51 -12.97
CA GLU D 42 -23.66 -27.71 -12.59
C GLU D 42 -24.35 -28.32 -13.80
N VAL D 43 -24.35 -29.65 -13.85
CA VAL D 43 -25.15 -30.40 -14.81
C VAL D 43 -26.17 -31.20 -14.01
N ASN D 44 -27.45 -30.93 -14.24
CA ASN D 44 -28.51 -31.70 -13.61
C ASN D 44 -28.81 -32.90 -14.51
N LEU D 45 -28.64 -34.09 -13.95
CA LEU D 45 -28.81 -35.31 -14.72
C LEU D 45 -29.96 -36.12 -14.15
N PRO D 46 -30.66 -36.88 -14.99
CA PRO D 46 -31.70 -37.76 -14.46
C PRO D 46 -31.12 -38.66 -13.36
N ASP D 47 -31.92 -38.87 -12.31
CA ASP D 47 -31.57 -39.77 -11.22
C ASP D 47 -31.03 -41.10 -11.76
N GLN D 48 -31.48 -41.48 -12.95
CA GLN D 48 -31.44 -42.87 -13.36
C GLN D 48 -31.49 -42.97 -14.88
N VAL D 49 -30.80 -43.98 -15.39
CA VAL D 49 -30.96 -44.39 -16.77
C VAL D 49 -30.99 -45.91 -16.83
N GLU D 50 -31.83 -46.45 -17.71
CA GLU D 50 -31.85 -47.88 -17.98
C GLU D 50 -30.71 -48.28 -18.90
N VAL D 51 -30.13 -49.44 -18.66
CA VAL D 51 -28.90 -49.85 -19.30
C VAL D 51 -28.89 -51.36 -19.46
N ILE D 52 -28.27 -51.83 -20.54
CA ILE D 52 -28.01 -53.25 -20.74
C ILE D 52 -26.53 -53.48 -20.52
N VAL D 53 -26.21 -54.42 -19.63
CA VAL D 53 -24.85 -54.73 -19.24
C VAL D 53 -24.58 -56.16 -19.66
N ARG D 54 -23.43 -56.40 -20.28
CA ARG D 54 -23.01 -57.78 -20.48
C ARG D 54 -21.54 -57.93 -20.16
N ASP D 55 -21.18 -59.12 -19.69
CA ASP D 55 -19.79 -59.42 -19.38
C ASP D 55 -19.01 -59.47 -20.70
N LEU D 56 -18.03 -58.58 -20.81
CA LEU D 56 -17.13 -58.50 -21.95
C LEU D 56 -15.73 -58.58 -21.35
N PRO D 57 -15.27 -59.78 -21.01
CA PRO D 57 -13.94 -59.88 -20.38
C PRO D 57 -12.84 -59.23 -21.20
N ASP D 58 -12.75 -59.53 -22.50
CA ASP D 58 -11.63 -59.04 -23.30
C ASP D 58 -11.99 -57.72 -23.96
N PRO D 59 -11.30 -56.62 -23.63
CA PRO D 59 -11.64 -55.32 -24.23
C PRO D 59 -11.39 -55.25 -25.73
N SER D 60 -10.75 -56.26 -26.32
CA SER D 60 -10.49 -56.26 -27.75
C SER D 60 -11.78 -56.26 -28.56
N LYS D 61 -12.87 -56.79 -28.00
CA LYS D 61 -14.13 -56.86 -28.72
C LYS D 61 -14.91 -55.55 -28.68
N VAL D 62 -14.49 -54.58 -27.89
CA VAL D 62 -15.30 -53.37 -27.69
C VAL D 62 -15.40 -52.57 -28.98
N LYS D 63 -14.28 -52.39 -29.69
CA LYS D 63 -14.28 -51.55 -30.88
C LYS D 63 -15.32 -52.03 -31.89
N GLU D 64 -15.36 -53.34 -32.14
CA GLU D 64 -16.31 -53.86 -33.12
C GLU D 64 -17.75 -53.70 -32.65
N GLU D 65 -18.00 -53.88 -31.36
CA GLU D 65 -19.37 -53.69 -30.88
C GLU D 65 -19.79 -52.23 -30.97
N ARG D 66 -18.90 -51.29 -30.60
CA ARG D 66 -19.24 -49.87 -30.70
C ARG D 66 -19.54 -49.48 -32.14
N THR D 67 -18.74 -49.99 -33.09
CA THR D 67 -19.03 -49.75 -34.50
C THR D 67 -20.42 -50.28 -34.86
N ARG D 68 -20.73 -51.51 -34.44
CA ARG D 68 -21.98 -52.13 -34.83
C ARG D 68 -23.18 -51.35 -34.32
N LEU D 69 -23.06 -50.75 -33.13
CA LEU D 69 -24.19 -50.11 -32.48
C LEU D 69 -24.21 -48.61 -32.73
N MET D 70 -23.33 -48.12 -33.60
CA MET D 70 -23.21 -46.70 -33.87
C MET D 70 -24.56 -46.06 -34.19
N GLY D 71 -24.80 -44.90 -33.59
CA GLY D 71 -25.99 -44.13 -33.82
C GLY D 71 -27.15 -44.47 -32.89
N TYR D 72 -27.23 -45.71 -32.43
CA TYR D 72 -28.34 -46.16 -31.61
C TYR D 72 -27.98 -46.38 -30.16
N TRP D 73 -26.71 -46.62 -29.85
CA TRP D 73 -26.28 -46.88 -28.49
C TRP D 73 -25.01 -46.13 -28.15
N PHE D 74 -24.99 -45.49 -26.98
CA PHE D 74 -23.75 -45.15 -26.33
C PHE D 74 -23.24 -46.36 -25.57
N VAL D 75 -21.95 -46.67 -25.76
CA VAL D 75 -21.36 -47.90 -25.27
C VAL D 75 -20.09 -47.56 -24.50
N HIS D 76 -19.83 -48.32 -23.45
CA HIS D 76 -18.78 -47.95 -22.51
C HIS D 76 -18.32 -49.17 -21.72
N TRP D 77 -17.01 -49.41 -21.71
CA TRP D 77 -16.42 -50.58 -21.08
C TRP D 77 -15.79 -50.17 -19.76
N PHE D 78 -16.13 -50.92 -18.70
CA PHE D 78 -15.66 -50.60 -17.37
C PHE D 78 -15.64 -51.87 -16.54
N ASP D 79 -14.45 -52.23 -16.03
CA ASP D 79 -14.31 -53.34 -15.10
C ASP D 79 -14.90 -54.63 -15.65
N GLY D 80 -14.50 -54.96 -16.88
CA GLY D 80 -14.89 -56.23 -17.46
C GLY D 80 -16.34 -56.33 -17.88
N LYS D 81 -17.08 -55.22 -17.90
CA LYS D 81 -18.45 -55.21 -18.38
C LYS D 81 -18.62 -54.13 -19.43
N LEU D 82 -19.46 -54.43 -20.43
CA LEU D 82 -19.85 -53.46 -21.45
C LEU D 82 -21.24 -52.93 -21.12
N PHE D 83 -21.33 -51.62 -20.91
CA PHE D 83 -22.57 -50.95 -20.57
C PHE D 83 -23.11 -50.29 -21.82
N HIS D 84 -24.39 -50.53 -22.12
CA HIS D 84 -25.03 -49.97 -23.30
C HIS D 84 -26.17 -49.05 -22.87
N LEU D 85 -26.17 -47.81 -23.35
CA LEU D 85 -27.24 -46.85 -23.12
C LEU D 85 -27.86 -46.49 -24.46
N ARG D 86 -29.09 -46.94 -24.71
CA ARG D 86 -29.73 -46.64 -25.98
C ARG D 86 -29.96 -45.15 -26.11
N ILE D 87 -29.63 -44.60 -27.29
CA ILE D 87 -29.75 -43.17 -27.54
C ILE D 87 -30.76 -42.83 -28.63
N LYS D 88 -31.26 -43.82 -29.38
CA LYS D 88 -32.34 -43.65 -30.34
C LYS D 88 -33.03 -45.01 -30.42
N ALA D 89 -34.35 -45.03 -30.53
CA ALA D 89 -35.03 -46.31 -30.74
C ALA D 89 -34.75 -46.80 -32.16
N GLY D 90 -34.78 -48.11 -32.33
CA GLY D 90 -34.37 -48.73 -33.57
C GLY D 90 -33.16 -49.63 -33.35
N GLY D 91 -33.05 -50.69 -34.14
CA GLY D 91 -31.97 -51.62 -34.01
C GLY D 91 -30.64 -51.00 -34.38
N PRO D 92 -29.55 -51.76 -34.19
CA PRO D 92 -29.34 -53.14 -33.71
C PRO D 92 -29.81 -53.43 -32.28
N ASN D 93 -30.01 -54.70 -31.97
CA ASN D 93 -30.39 -55.15 -30.64
C ASN D 93 -29.17 -55.58 -29.84
N VAL D 94 -29.27 -55.45 -28.53
CA VAL D 94 -28.17 -55.72 -27.62
C VAL D 94 -28.57 -56.88 -26.70
N ASP D 95 -27.65 -57.81 -26.48
CA ASP D 95 -27.85 -58.88 -25.51
C ASP D 95 -27.29 -58.43 -24.16
N GLY D 96 -28.05 -58.65 -23.10
CA GLY D 96 -27.49 -58.50 -21.78
C GLY D 96 -28.57 -58.35 -20.72
N GLU D 97 -28.12 -57.89 -19.55
CA GLU D 97 -28.97 -57.73 -18.38
C GLU D 97 -29.51 -56.31 -18.32
N HIS D 98 -30.81 -56.19 -18.08
CA HIS D 98 -31.47 -54.89 -17.96
C HIS D 98 -31.39 -54.44 -16.52
N ARG D 99 -30.77 -53.27 -16.32
CA ARG D 99 -30.35 -52.77 -15.02
C ARG D 99 -30.59 -51.28 -15.00
N ALA D 100 -30.66 -50.72 -13.81
CA ALA D 100 -30.69 -49.28 -13.64
C ALA D 100 -29.37 -48.83 -13.02
N ILE D 101 -28.84 -47.73 -13.54
CA ILE D 101 -27.64 -47.12 -12.98
C ILE D 101 -28.04 -45.78 -12.39
N ARG D 102 -27.91 -45.66 -11.07
CA ARG D 102 -28.20 -44.40 -10.39
C ARG D 102 -26.99 -43.48 -10.51
N THR D 103 -27.23 -42.26 -10.98
CA THR D 103 -26.16 -41.31 -11.24
C THR D 103 -25.37 -40.98 -9.98
N ALA D 104 -26.07 -40.76 -8.87
CA ALA D 104 -25.40 -40.34 -7.64
C ALA D 104 -24.38 -41.37 -7.16
N GLU D 105 -24.58 -42.63 -7.51
CA GLU D 105 -23.67 -43.70 -7.10
C GLU D 105 -22.67 -44.08 -8.18
N HIS D 106 -23.01 -43.85 -9.44
CA HIS D 106 -22.14 -44.24 -10.56
C HIS D 106 -22.17 -43.15 -11.63
N PRO D 107 -21.61 -41.97 -11.32
CA PRO D 107 -21.72 -40.84 -12.27
C PRO D 107 -20.77 -40.92 -13.46
N TRP D 108 -19.86 -41.89 -13.50
CA TRP D 108 -18.94 -42.00 -14.62
C TRP D 108 -19.67 -42.24 -15.94
N LEU D 109 -20.79 -42.96 -15.88
CA LEU D 109 -21.52 -43.35 -17.09
C LEU D 109 -21.97 -42.10 -17.85
N LEU D 110 -22.76 -41.24 -17.20
CA LEU D 110 -23.24 -40.05 -17.87
C LEU D 110 -22.16 -38.98 -18.01
N ARG D 111 -21.09 -39.03 -17.20
CA ARG D 111 -19.97 -38.15 -17.50
C ARG D 111 -19.38 -38.48 -18.86
N ALA D 112 -19.20 -39.77 -19.15
CA ALA D 112 -18.69 -40.18 -20.45
C ALA D 112 -19.69 -39.86 -21.56
N ARG D 113 -20.95 -40.28 -21.42
CA ARG D 113 -21.92 -39.94 -22.45
C ARG D 113 -21.95 -38.43 -22.71
N LEU D 114 -21.66 -37.63 -21.69
CA LEU D 114 -21.72 -36.17 -21.82
C LEU D 114 -20.54 -35.60 -22.58
N ASP D 115 -19.41 -36.32 -22.62
CA ASP D 115 -18.34 -36.01 -23.55
C ASP D 115 -18.86 -35.94 -24.97
N ASP D 116 -19.50 -37.01 -25.43
CA ASP D 116 -20.03 -37.04 -26.79
C ASP D 116 -21.15 -36.03 -26.95
N ALA D 117 -22.08 -35.99 -26.01
CA ALA D 117 -23.33 -35.25 -26.22
C ALA D 117 -23.10 -33.74 -26.33
N LEU D 118 -22.06 -33.20 -25.69
CA LEU D 118 -21.78 -31.78 -25.82
C LEU D 118 -21.37 -31.42 -27.23
N GLU D 119 -20.60 -32.30 -27.88
CA GLU D 119 -20.25 -32.12 -29.28
C GLU D 119 -21.48 -32.21 -30.17
N GLU D 120 -22.31 -33.24 -29.94
CA GLU D 120 -23.58 -33.35 -30.63
C GLU D 120 -24.45 -32.11 -30.44
N ALA D 121 -24.29 -31.42 -29.31
CA ALA D 121 -25.15 -30.29 -28.99
C ALA D 121 -24.75 -28.99 -29.67
N LEU D 122 -23.51 -28.91 -30.15
CA LEU D 122 -23.01 -27.72 -30.84
C LEU D 122 -22.64 -28.08 -32.27
N PRO D 123 -23.62 -28.48 -33.08
CA PRO D 123 -23.30 -28.93 -34.45
C PRO D 123 -22.71 -27.84 -35.31
N LYS D 124 -22.92 -26.57 -34.93
CA LYS D 124 -22.35 -25.46 -35.67
C LYS D 124 -20.87 -25.24 -35.37
N TYR D 125 -20.37 -25.78 -34.26
CA TYR D 125 -18.97 -25.60 -33.86
C TYR D 125 -18.26 -26.95 -33.90
N ALA D 126 -17.38 -27.11 -34.89
CA ALA D 126 -16.71 -28.38 -35.15
C ALA D 126 -15.50 -28.56 -34.25
N ALA D 127 -15.19 -29.83 -33.98
CA ALA D 127 -14.18 -30.18 -33.00
C ALA D 127 -12.78 -30.07 -33.60
N VAL D 128 -11.94 -29.19 -33.03
CA VAL D 128 -10.51 -29.24 -33.31
C VAL D 128 -9.75 -30.19 -32.36
N LYS D 129 -10.44 -30.74 -31.38
CA LYS D 129 -9.88 -31.67 -30.42
C LYS D 129 -11.03 -32.43 -29.80
N LYS D 130 -10.70 -33.58 -29.22
CA LYS D 130 -11.70 -34.40 -28.58
C LYS D 130 -11.29 -34.71 -27.13
N ARG D 131 -12.34 -34.89 -26.31
CA ARG D 131 -12.20 -35.34 -24.94
C ARG D 131 -10.99 -34.75 -24.23
N PRO D 132 -10.90 -33.42 -24.11
CA PRO D 132 -11.98 -32.44 -24.06
C PRO D 132 -12.38 -31.79 -25.37
N PHE D 133 -13.69 -31.84 -25.64
CA PHE D 133 -14.24 -31.15 -26.78
C PHE D 133 -13.72 -29.72 -26.86
N THR D 134 -13.04 -29.42 -27.96
CA THR D 134 -12.46 -28.11 -28.17
C THR D 134 -12.89 -27.59 -29.54
N PHE D 135 -13.17 -26.30 -29.60
CA PHE D 135 -13.71 -25.70 -30.81
C PHE D 135 -13.32 -24.23 -30.81
N LEU D 136 -13.52 -23.59 -31.96
CA LEU D 136 -13.05 -22.24 -32.17
C LEU D 136 -14.19 -21.25 -32.23
N ALA D 137 -13.91 -20.01 -31.84
CA ALA D 137 -14.75 -18.90 -32.26
C ALA D 137 -14.85 -18.95 -33.77
N GLN D 138 -16.03 -18.69 -34.32
CA GLN D 138 -16.14 -18.72 -35.77
C GLN D 138 -15.84 -17.35 -36.37
N LYS D 139 -16.43 -16.28 -35.80
CA LYS D 139 -16.16 -14.94 -36.29
C LYS D 139 -14.76 -14.49 -35.92
N ASP D 140 -14.45 -14.49 -34.62
CA ASP D 140 -13.33 -13.69 -34.11
C ASP D 140 -12.02 -14.08 -34.79
N GLU D 141 -11.11 -13.10 -34.81
CA GLU D 141 -9.80 -13.19 -35.46
C GLU D 141 -9.03 -11.96 -34.97
N LEU D 142 -8.04 -12.16 -34.10
CA LEU D 142 -7.50 -11.04 -33.34
C LEU D 142 -6.24 -10.43 -33.95
N ILE D 143 -5.65 -11.05 -34.97
CA ILE D 143 -4.65 -10.35 -35.76
C ILE D 143 -5.29 -9.17 -36.47
N ASP D 144 -6.42 -9.41 -37.15
CA ASP D 144 -7.12 -8.34 -37.87
C ASP D 144 -7.48 -7.20 -36.93
N ALA D 145 -8.06 -7.52 -35.76
CA ALA D 145 -8.46 -6.48 -34.83
C ALA D 145 -7.26 -5.87 -34.11
N ALA D 146 -6.14 -6.59 -33.98
CA ALA D 146 -4.94 -6.00 -33.40
C ALA D 146 -4.31 -5.00 -34.36
N ALA D 147 -4.19 -5.37 -35.64
CA ALA D 147 -3.60 -4.46 -36.61
C ALA D 147 -4.47 -3.22 -36.80
N THR D 148 -5.80 -3.39 -36.81
CA THR D 148 -6.68 -2.24 -36.96
C THR D 148 -6.55 -1.30 -35.77
N ALA D 149 -6.63 -1.84 -34.56
CA ALA D 149 -6.52 -0.99 -33.37
C ALA D 149 -5.18 -0.28 -33.29
N ALA D 150 -4.14 -0.83 -33.92
CA ALA D 150 -2.82 -0.21 -33.93
C ALA D 150 -2.56 0.63 -35.18
N GLY D 151 -3.38 0.47 -36.21
CA GLY D 151 -3.19 1.22 -37.43
C GLY D 151 -2.08 0.71 -38.31
N LEU D 152 -1.96 -0.61 -38.46
CA LEU D 152 -0.94 -1.18 -39.32
C LEU D 152 -1.58 -2.09 -40.36
N SER D 153 -0.86 -2.29 -41.46
CA SER D 153 -1.34 -3.09 -42.56
C SER D 153 -0.16 -3.71 -43.29
N HIS D 154 -0.42 -4.86 -43.90
CA HIS D 154 0.55 -5.51 -44.77
C HIS D 154 -0.22 -6.51 -45.62
N ARG D 155 0.29 -6.77 -46.83
CA ARG D 155 -0.39 -7.71 -47.70
C ARG D 155 -0.61 -9.04 -46.99
N LEU D 156 0.47 -9.63 -46.48
CA LEU D 156 0.49 -10.98 -45.95
C LEU D 156 -0.18 -11.11 -44.59
N LEU D 157 -0.57 -9.99 -43.97
CA LEU D 157 -1.01 -10.05 -42.59
C LEU D 157 -2.30 -10.86 -42.42
N ASN D 158 -3.13 -10.97 -43.46
CA ASN D 158 -4.39 -11.69 -43.32
C ASN D 158 -4.19 -13.20 -43.14
N SER D 159 -3.00 -13.72 -43.43
CA SER D 159 -2.75 -15.15 -43.31
C SER D 159 -2.16 -15.54 -41.97
N PHE D 160 -1.95 -14.58 -41.07
CA PHE D 160 -1.59 -14.86 -39.68
C PHE D 160 -2.87 -14.84 -38.85
N LYS D 161 -3.23 -15.98 -38.24
CA LYS D 161 -4.51 -16.09 -37.56
C LYS D 161 -4.33 -16.49 -36.10
N VAL D 162 -4.98 -15.73 -35.21
CA VAL D 162 -5.10 -16.06 -33.79
C VAL D 162 -6.58 -16.00 -33.46
N ILE D 163 -7.18 -17.22 -33.20
CA ILE D 163 -8.59 -17.39 -33.06
C ILE D 163 -8.87 -17.88 -31.67
N PRO D 164 -9.76 -17.26 -30.90
CA PRO D 164 -10.09 -17.81 -29.57
C PRO D 164 -10.56 -19.26 -29.65
N ARG D 165 -10.17 -20.06 -28.65
CA ARG D 165 -10.38 -21.50 -28.64
C ARG D 165 -10.94 -21.94 -27.30
N PHE D 166 -12.04 -22.69 -27.33
CA PHE D 166 -12.78 -23.06 -26.13
C PHE D 166 -12.74 -24.56 -25.91
N ALA D 167 -12.60 -24.97 -24.64
CA ALA D 167 -12.73 -26.36 -24.26
C ALA D 167 -13.84 -26.52 -23.23
N LEU D 168 -14.55 -27.65 -23.33
CA LEU D 168 -15.64 -27.99 -22.42
C LEU D 168 -15.34 -29.36 -21.82
N SER D 169 -15.04 -29.40 -20.53
CA SER D 169 -14.63 -30.63 -19.87
C SER D 169 -15.66 -31.05 -18.83
N PRO D 170 -16.34 -32.18 -19.02
CA PRO D 170 -17.24 -32.68 -17.95
C PRO D 170 -16.41 -33.35 -16.87
N LYS D 171 -16.61 -32.93 -15.63
CA LYS D 171 -15.82 -33.44 -14.53
C LYS D 171 -16.69 -33.79 -13.34
N ILE D 172 -16.30 -34.86 -12.65
CA ILE D 172 -16.94 -35.28 -11.40
C ILE D 172 -16.32 -34.49 -10.26
N TYR D 173 -17.17 -33.94 -9.40
CA TYR D 173 -16.74 -33.07 -8.30
C TYR D 173 -17.63 -33.37 -7.10
N GLU D 174 -17.18 -32.94 -5.92
CA GLU D 174 -17.85 -33.30 -4.68
C GLU D 174 -18.34 -32.05 -3.94
N PRO D 175 -19.56 -31.58 -4.24
CA PRO D 175 -20.10 -30.42 -3.49
C PRO D 175 -19.95 -30.55 -1.98
N VAL D 176 -20.04 -31.77 -1.45
CA VAL D 176 -19.86 -32.02 -0.03
C VAL D 176 -19.35 -33.44 0.11
N ASP D 177 -18.63 -33.72 1.19
CA ASP D 177 -18.14 -35.07 1.42
C ASP D 177 -19.25 -36.08 1.19
N GLY D 178 -18.99 -37.04 0.29
CA GLY D 178 -19.84 -38.20 0.15
C GLY D 178 -20.82 -38.16 -1.01
N THR D 179 -21.11 -36.99 -1.58
CA THR D 179 -22.02 -36.91 -2.72
C THR D 179 -21.31 -36.31 -3.91
N THR D 180 -21.52 -36.92 -5.07
CA THR D 180 -20.84 -36.56 -6.30
C THR D 180 -21.82 -35.88 -7.25
N ARG D 181 -21.29 -34.98 -8.08
CA ARG D 181 -22.06 -34.37 -9.15
C ARG D 181 -21.15 -34.20 -10.37
N VAL D 182 -21.77 -33.91 -11.51
CA VAL D 182 -21.07 -33.69 -12.76
C VAL D 182 -21.13 -32.21 -13.12
N GLY D 183 -19.98 -31.62 -13.41
CA GLY D 183 -19.93 -30.27 -13.89
C GLY D 183 -19.30 -30.20 -15.26
N VAL D 184 -19.56 -29.11 -15.97
CA VAL D 184 -18.92 -28.83 -17.25
C VAL D 184 -18.06 -27.57 -17.07
N PHE D 185 -16.76 -27.71 -17.30
CA PHE D 185 -15.81 -26.65 -17.00
C PHE D 185 -15.22 -26.09 -18.28
N VAL D 186 -15.18 -24.77 -18.36
CA VAL D 186 -14.89 -24.03 -19.57
C VAL D 186 -13.52 -23.39 -19.45
N THR D 187 -12.67 -23.62 -20.46
CA THR D 187 -11.35 -23.01 -20.52
C THR D 187 -11.14 -22.36 -21.87
N ILE D 188 -10.40 -21.25 -21.89
CA ILE D 188 -10.17 -20.46 -23.09
C ILE D 188 -8.68 -20.38 -23.38
N GLY D 189 -8.32 -20.60 -24.64
CA GLY D 189 -6.97 -20.38 -25.12
C GLY D 189 -6.99 -19.64 -26.45
N MET D 190 -5.88 -19.66 -27.18
CA MET D 190 -5.81 -19.02 -28.49
C MET D 190 -5.04 -19.93 -29.45
N ARG D 191 -5.64 -20.23 -30.59
CA ARG D 191 -4.95 -20.94 -31.66
C ARG D 191 -4.12 -19.95 -32.46
N TYR D 192 -2.83 -20.22 -32.61
CA TYR D 192 -1.96 -19.44 -33.48
C TYR D 192 -1.73 -20.23 -34.76
N ASP D 193 -2.01 -19.62 -35.91
CA ASP D 193 -1.91 -20.33 -37.18
C ASP D 193 -1.32 -19.39 -38.22
N ILE D 194 -0.30 -19.87 -38.92
CA ILE D 194 0.31 -19.20 -40.05
C ILE D 194 -0.08 -20.01 -41.28
N GLU D 195 -1.09 -19.56 -42.02
CA GLU D 195 -1.49 -20.26 -43.24
C GLU D 195 -0.78 -19.72 -44.48
N ALA D 196 -0.08 -18.58 -44.36
CA ALA D 196 0.66 -18.03 -45.48
C ALA D 196 1.52 -19.09 -46.15
N SER D 197 1.52 -19.07 -47.48
CA SER D 197 2.30 -20.04 -48.23
C SER D 197 3.79 -19.74 -48.07
N LEU D 198 4.59 -20.80 -47.92
CA LEU D 198 6.04 -20.61 -47.82
C LEU D 198 6.55 -19.74 -48.95
N ARG D 199 6.00 -19.91 -50.15
CA ARG D 199 6.43 -19.13 -51.30
C ARG D 199 6.48 -17.65 -50.98
N ASP D 200 5.32 -17.08 -50.61
CA ASP D 200 5.23 -15.63 -50.43
C ASP D 200 6.11 -15.13 -49.28
N LEU D 201 6.42 -16.00 -48.32
CA LEU D 201 7.20 -15.55 -47.17
C LEU D 201 8.70 -15.49 -47.47
N LEU D 202 9.23 -16.38 -48.32
CA LEU D 202 10.59 -16.19 -48.79
C LEU D 202 10.65 -15.01 -49.76
N GLU D 203 9.70 -14.94 -50.69
CA GLU D 203 9.63 -13.80 -51.61
C GLU D 203 9.69 -12.48 -50.84
N ALA D 204 8.93 -12.37 -49.77
CA ALA D 204 9.01 -11.13 -48.98
C ALA D 204 10.29 -11.06 -48.16
N GLY D 205 11.25 -11.95 -48.38
CA GLY D 205 12.54 -11.85 -47.73
C GLY D 205 12.62 -12.42 -46.34
N ILE D 206 11.70 -13.31 -45.97
CA ILE D 206 11.81 -14.04 -44.71
C ILE D 206 12.71 -15.24 -44.94
N ASP D 207 13.77 -15.35 -44.14
CA ASP D 207 14.68 -16.49 -44.19
C ASP D 207 14.01 -17.64 -43.43
N LEU D 208 13.41 -18.57 -44.17
CA LEU D 208 12.72 -19.70 -43.56
C LEU D 208 13.66 -20.80 -43.11
N ARG D 209 14.94 -20.69 -43.41
CA ARG D 209 15.89 -21.74 -43.06
C ARG D 209 15.90 -21.97 -41.56
N GLY D 210 15.74 -23.22 -41.15
CA GLY D 210 15.71 -23.58 -39.75
C GLY D 210 14.37 -23.41 -39.07
N MET D 211 13.33 -23.06 -39.81
CA MET D 211 12.00 -22.91 -39.24
C MET D 211 11.26 -24.24 -39.29
N TYR D 212 10.43 -24.47 -38.29
CA TYR D 212 9.71 -25.75 -38.21
C TYR D 212 8.44 -25.71 -39.03
N VAL D 213 8.17 -26.83 -39.69
CA VAL D 213 7.13 -26.94 -40.72
C VAL D 213 6.26 -28.13 -40.37
N VAL D 214 4.94 -27.95 -40.49
CA VAL D 214 3.99 -29.01 -40.17
C VAL D 214 3.06 -29.22 -41.35
N ARG D 215 2.22 -30.25 -41.24
CA ARG D 215 1.32 -30.62 -42.31
C ARG D 215 0.13 -29.66 -42.38
N ARG D 216 -0.36 -29.44 -43.59
CA ARG D 216 -1.53 -28.58 -43.79
C ARG D 216 -2.81 -29.29 -43.40
N LYS D 217 -2.99 -30.53 -43.87
CA LYS D 217 -4.16 -31.34 -43.54
C LYS D 217 -3.74 -32.51 -42.65
N ARG D 218 -4.62 -32.86 -41.71
CA ARG D 218 -4.21 -33.68 -40.57
C ARG D 218 -3.87 -35.11 -41.00
N GLN D 219 -4.85 -35.83 -41.56
CA GLN D 219 -4.66 -37.20 -42.04
C GLN D 219 -4.84 -38.22 -40.93
N PRO D 220 -4.80 -39.54 -41.25
CA PRO D 220 -5.04 -40.57 -40.23
C PRO D 220 -3.87 -40.76 -39.27
N GLY D 221 -2.66 -40.83 -39.79
CA GLY D 221 -1.50 -40.88 -38.91
C GLY D 221 -1.43 -39.68 -37.99
N GLU D 222 -1.61 -38.49 -38.56
CA GLU D 222 -1.72 -37.24 -37.83
C GLU D 222 -0.38 -36.78 -37.25
N ARG D 223 0.73 -37.23 -37.82
CA ARG D 223 2.06 -36.83 -37.37
C ARG D 223 2.40 -35.46 -37.99
N GLY D 224 1.85 -34.42 -37.37
CA GLY D 224 1.86 -33.11 -38.00
C GLY D 224 3.25 -32.59 -38.32
N LEU D 225 4.16 -32.66 -37.34
CA LEU D 225 5.48 -32.06 -37.49
C LEU D 225 6.28 -32.81 -38.57
N LEU D 226 6.72 -32.09 -39.59
CA LEU D 226 7.43 -32.69 -40.72
C LEU D 226 8.95 -32.66 -40.56
N GLY D 227 9.48 -31.53 -40.11
CA GLY D 227 10.91 -31.37 -40.02
C GLY D 227 11.25 -29.89 -40.02
N ARG D 228 12.55 -29.64 -40.15
CA ARG D 228 13.13 -28.31 -40.19
C ARG D 228 13.41 -27.93 -41.64
N VAL D 229 13.36 -26.65 -41.94
CA VAL D 229 13.47 -26.21 -43.33
C VAL D 229 14.95 -26.21 -43.72
N ARG D 230 15.35 -27.22 -44.50
CA ARG D 230 16.73 -27.28 -44.99
C ARG D 230 16.96 -26.23 -46.07
N ALA D 231 16.28 -26.35 -47.20
CA ALA D 231 16.42 -25.37 -48.26
C ALA D 231 15.11 -25.22 -49.02
N ILE D 232 14.94 -24.03 -49.59
CA ILE D 232 13.72 -23.64 -50.30
C ILE D 232 14.02 -23.77 -51.78
N SER D 233 13.34 -24.71 -52.44
CA SER D 233 13.51 -24.93 -53.88
C SER D 233 12.13 -24.98 -54.53
N ASP D 234 11.91 -24.11 -55.52
CA ASP D 234 10.60 -23.96 -56.14
C ASP D 234 10.00 -25.33 -56.46
N ASP D 235 8.68 -25.41 -56.34
CA ASP D 235 7.95 -26.67 -56.53
C ASP D 235 8.72 -27.86 -55.94
N MET D 236 9.18 -27.68 -54.71
CA MET D 236 9.81 -28.75 -53.94
C MET D 236 10.00 -28.25 -52.50
N VAL D 237 10.61 -29.11 -51.67
CA VAL D 237 10.69 -28.90 -50.23
C VAL D 237 11.84 -29.66 -49.59
N GLN D 238 12.83 -28.96 -49.03
CA GLN D 238 14.01 -29.61 -48.46
C GLN D 238 13.98 -29.52 -46.93
N LEU D 239 13.86 -30.65 -46.27
CA LEU D 239 13.82 -30.72 -44.82
C LEU D 239 15.15 -31.21 -44.24
N PHE D 240 15.38 -30.86 -42.98
CA PHE D 240 16.35 -31.55 -42.14
C PHE D 240 15.71 -31.72 -40.76
N GLU D 241 16.39 -32.50 -39.91
CA GLU D 241 15.79 -32.95 -38.66
C GLU D 241 14.40 -33.50 -38.90
N GLU D 242 14.22 -34.18 -40.02
CA GLU D 242 12.92 -34.70 -40.39
C GLU D 242 12.53 -35.87 -39.49
N THR D 243 11.22 -36.06 -39.31
CA THR D 243 10.70 -37.15 -38.50
C THR D 243 10.25 -38.35 -39.31
N ASP D 244 9.71 -38.13 -40.50
CA ASP D 244 9.44 -39.22 -41.45
C ASP D 244 10.22 -39.01 -42.71
N LEU D 245 9.81 -38.08 -43.59
CA LEU D 245 10.35 -37.91 -44.92
C LEU D 245 11.18 -36.63 -45.05
N ALA D 246 12.23 -36.70 -45.86
CA ALA D 246 13.13 -35.56 -46.04
C ALA D 246 12.62 -34.54 -47.05
N SER D 247 11.49 -34.82 -47.70
CA SER D 247 10.88 -33.89 -48.65
C SER D 247 9.37 -34.03 -48.54
N VAL D 248 8.66 -32.96 -48.87
CA VAL D 248 7.20 -32.94 -49.01
C VAL D 248 6.88 -31.94 -50.10
N ASN D 249 5.67 -31.98 -50.62
CA ASN D 249 5.32 -30.96 -51.61
C ASN D 249 5.03 -29.67 -50.88
N VAL D 250 5.60 -28.55 -51.35
CA VAL D 250 5.47 -27.29 -50.63
C VAL D 250 4.00 -26.88 -50.54
N ASN D 251 3.13 -27.67 -51.18
CA ASN D 251 1.69 -27.46 -51.12
C ASN D 251 1.04 -28.11 -49.90
N ASP D 252 1.77 -28.94 -49.15
CA ASP D 252 1.20 -29.67 -48.03
C ASP D 252 1.83 -29.26 -46.71
N ALA D 253 2.48 -28.09 -46.67
CA ALA D 253 3.29 -27.71 -45.52
C ALA D 253 3.14 -26.23 -45.21
N LYS D 254 3.12 -25.93 -43.91
CA LYS D 254 3.10 -24.57 -43.41
C LYS D 254 3.99 -24.48 -42.19
N LEU D 255 4.45 -23.27 -41.91
CA LEU D 255 5.13 -23.01 -40.65
C LEU D 255 4.25 -23.46 -39.48
N GLU D 256 4.90 -23.96 -38.44
CA GLU D 256 4.17 -24.25 -37.21
C GLU D 256 3.81 -22.96 -36.50
N GLY D 257 2.65 -22.97 -35.84
CA GLY D 257 2.11 -21.76 -35.26
C GLY D 257 2.80 -21.32 -33.99
N SER D 258 4.13 -21.30 -34.01
CA SER D 258 4.90 -21.01 -32.82
C SER D 258 5.08 -19.51 -32.63
N LYS D 259 5.38 -19.11 -31.40
CA LYS D 259 5.74 -17.73 -31.15
C LYS D 259 7.03 -17.36 -31.88
N GLU D 260 7.92 -18.33 -32.09
CA GLU D 260 9.16 -18.04 -32.82
C GLU D 260 8.85 -17.68 -34.27
N ASN D 261 8.10 -18.52 -34.96
CA ASN D 261 7.78 -18.25 -36.36
C ASN D 261 6.96 -16.98 -36.51
N PHE D 262 6.14 -16.65 -35.53
CA PHE D 262 5.37 -15.41 -35.60
C PHE D 262 6.31 -14.20 -35.51
N THR D 263 7.16 -14.17 -34.49
CA THR D 263 8.03 -13.01 -34.31
C THR D 263 9.15 -12.96 -35.35
N ARG D 264 9.47 -14.07 -36.00
CA ARG D 264 10.45 -14.04 -37.08
C ARG D 264 9.82 -13.65 -38.41
N CYS D 265 8.58 -14.06 -38.67
CA CYS D 265 7.89 -13.58 -39.86
C CYS D 265 7.47 -12.13 -39.69
N LEU D 266 6.68 -11.84 -38.65
CA LEU D 266 6.04 -10.53 -38.56
C LEU D 266 7.04 -9.42 -38.29
N SER D 267 8.17 -9.70 -37.64
CA SER D 267 9.14 -8.64 -37.40
C SER D 267 9.81 -8.20 -38.69
N ALA D 268 10.08 -9.17 -39.59
CA ALA D 268 10.63 -8.82 -40.89
C ALA D 268 9.62 -8.01 -41.69
N LEU D 269 8.37 -8.46 -41.76
CA LEU D 269 7.40 -7.80 -42.61
C LEU D 269 6.94 -6.45 -42.08
N LEU D 270 7.23 -6.11 -40.82
CA LEU D 270 6.67 -4.90 -40.23
C LEU D 270 7.66 -4.00 -39.51
N GLY D 271 8.86 -4.47 -39.16
CA GLY D 271 9.79 -3.66 -38.40
C GLY D 271 9.99 -2.28 -38.99
N HIS D 272 10.21 -1.25 -38.18
CA HIS D 272 10.39 -1.40 -36.75
C HIS D 272 9.09 -1.49 -35.95
N ASN D 273 7.97 -1.31 -36.63
CA ASN D 273 6.67 -1.22 -35.96
C ASN D 273 6.11 -2.59 -35.57
N TYR D 274 6.95 -3.62 -35.54
CA TYR D 274 6.48 -4.96 -35.23
C TYR D 274 6.06 -5.10 -33.77
N LYS D 275 6.67 -4.32 -32.87
CA LYS D 275 6.22 -4.34 -31.48
C LYS D 275 4.85 -3.69 -31.33
N LYS D 276 4.50 -2.77 -32.23
CA LYS D 276 3.19 -2.13 -32.17
C LYS D 276 2.08 -3.17 -32.28
N LEU D 277 2.25 -4.13 -33.18
CA LEU D 277 1.21 -5.14 -33.39
C LEU D 277 1.10 -6.10 -32.23
N LEU D 278 2.24 -6.52 -31.67
CA LEU D 278 2.20 -7.50 -30.58
C LEU D 278 1.52 -6.91 -29.35
N ASN D 279 1.84 -5.66 -29.02
CA ASN D 279 1.17 -5.02 -27.88
C ASN D 279 -0.33 -4.94 -28.12
N ALA D 280 -0.74 -4.62 -29.35
CA ALA D 280 -2.18 -4.60 -29.66
C ALA D 280 -2.77 -5.99 -29.56
N LEU D 281 -2.07 -7.00 -30.09
CA LEU D 281 -2.54 -8.38 -29.97
C LEU D 281 -2.72 -8.77 -28.51
N ASP D 282 -1.73 -8.44 -27.67
CA ASP D 282 -1.84 -8.69 -26.23
C ASP D 282 -3.16 -8.15 -25.70
N ASP D 283 -3.52 -6.91 -26.07
CA ASP D 283 -4.74 -6.30 -25.55
C ASP D 283 -5.98 -7.07 -26.01
N GLN D 284 -5.97 -7.57 -27.24
CA GLN D 284 -7.10 -8.34 -27.74
C GLN D 284 -7.36 -9.54 -26.84
N GLU D 285 -6.38 -10.45 -26.74
CA GLU D 285 -6.55 -11.66 -25.94
C GLU D 285 -6.89 -11.32 -24.49
N ALA D 286 -6.26 -10.28 -23.94
CA ALA D 286 -6.61 -9.80 -22.61
C ALA D 286 -8.10 -9.62 -22.45
N GLY D 287 -8.84 -9.49 -23.56
CA GLY D 287 -10.29 -9.42 -23.48
C GLY D 287 -10.97 -10.77 -23.26
N TYR D 288 -10.24 -11.86 -23.49
CA TYR D 288 -10.74 -13.18 -23.18
C TYR D 288 -10.08 -13.81 -21.97
N ARG D 289 -8.95 -13.28 -21.51
CA ARG D 289 -8.16 -13.96 -20.48
C ARG D 289 -8.01 -13.21 -19.17
N THR D 290 -8.16 -11.89 -19.14
CA THR D 290 -8.16 -11.18 -17.88
C THR D 290 -9.35 -11.63 -17.04
N GLY D 291 -9.23 -11.49 -15.73
CA GLY D 291 -10.18 -12.03 -14.79
C GLY D 291 -11.64 -11.78 -15.11
N PRO D 292 -12.03 -10.51 -15.18
CA PRO D 292 -13.47 -10.24 -15.39
C PRO D 292 -13.94 -10.61 -16.78
N ARG D 293 -13.11 -10.33 -17.79
CA ARG D 293 -13.40 -10.77 -19.14
C ARG D 293 -13.51 -12.29 -19.24
N PHE D 294 -12.56 -13.01 -18.65
CA PHE D 294 -12.68 -14.46 -18.58
C PHE D 294 -14.00 -14.85 -17.92
N ASP D 295 -14.31 -14.24 -16.77
CA ASP D 295 -15.53 -14.57 -16.05
C ASP D 295 -16.76 -14.34 -16.91
N ASP D 296 -16.77 -13.26 -17.71
CA ASP D 296 -17.91 -12.96 -18.56
C ASP D 296 -18.00 -13.96 -19.71
N ALA D 297 -16.86 -14.30 -20.33
CA ALA D 297 -16.84 -15.36 -21.34
C ALA D 297 -17.49 -16.63 -20.81
N VAL D 298 -17.13 -17.03 -19.59
CA VAL D 298 -17.67 -18.27 -19.03
C VAL D 298 -19.18 -18.14 -18.85
N ARG D 299 -19.65 -16.98 -18.41
CA ARG D 299 -21.08 -16.77 -18.19
C ARG D 299 -21.87 -16.93 -19.48
N ARG D 300 -21.33 -16.42 -20.59
CA ARG D 300 -22.04 -16.53 -21.87
C ARG D 300 -22.01 -17.96 -22.39
N MET D 301 -20.89 -18.67 -22.21
CA MET D 301 -20.86 -20.10 -22.52
C MET D 301 -21.96 -20.82 -21.74
N GLY D 302 -22.12 -20.48 -20.46
CA GLY D 302 -23.14 -21.13 -19.66
C GLY D 302 -24.53 -20.88 -20.20
N GLU D 303 -24.83 -19.63 -20.56
CA GLU D 303 -26.13 -19.32 -21.14
C GLU D 303 -26.33 -20.09 -22.44
N PHE D 304 -25.33 -20.06 -23.32
CA PHE D 304 -25.44 -20.75 -24.59
C PHE D 304 -25.71 -22.24 -24.40
N LEU D 305 -25.22 -22.83 -23.31
CA LEU D 305 -25.34 -24.27 -23.13
C LEU D 305 -26.61 -24.67 -22.38
N ALA D 306 -27.13 -23.82 -21.50
CA ALA D 306 -28.41 -24.11 -20.86
C ALA D 306 -29.60 -23.74 -21.75
N LYS D 307 -29.37 -23.10 -22.89
CA LYS D 307 -30.47 -22.63 -23.73
C LYS D 307 -31.44 -23.76 -24.07
N LYS D 308 -30.90 -24.91 -24.47
CA LYS D 308 -31.71 -26.08 -24.78
C LYS D 308 -31.19 -27.28 -24.00
N PRO D 309 -32.06 -28.16 -23.50
CA PRO D 309 -31.56 -29.37 -22.84
C PRO D 309 -30.59 -30.10 -23.75
N ILE D 310 -29.63 -30.79 -23.15
CA ILE D 310 -28.69 -31.61 -23.90
C ILE D 310 -29.23 -33.04 -23.93
N ARG D 311 -29.25 -33.61 -25.12
CA ARG D 311 -29.83 -34.93 -25.33
C ARG D 311 -28.76 -35.97 -25.06
N LEU D 312 -28.94 -36.73 -23.98
CA LEU D 312 -28.17 -37.94 -23.72
C LEU D 312 -28.78 -39.16 -24.41
N ALA D 313 -30.08 -39.10 -24.71
CA ALA D 313 -30.77 -40.08 -25.54
C ALA D 313 -31.91 -39.35 -26.24
N ASP D 314 -32.41 -39.96 -27.32
CA ASP D 314 -33.55 -39.39 -28.05
C ASP D 314 -34.64 -38.93 -27.07
N ASN D 315 -34.69 -39.57 -25.90
CA ASN D 315 -35.78 -39.37 -24.95
C ASN D 315 -35.33 -38.95 -23.56
N ILE D 316 -34.03 -38.75 -23.35
CA ILE D 316 -33.47 -38.49 -22.02
C ILE D 316 -32.55 -37.29 -22.09
N ASN D 317 -32.70 -36.36 -21.15
CA ASN D 317 -32.06 -35.06 -21.28
C ASN D 317 -31.29 -34.66 -20.04
N ALA D 318 -30.27 -33.82 -20.26
CA ALA D 318 -29.49 -33.17 -19.23
C ALA D 318 -29.67 -31.67 -19.36
N GLN D 319 -29.47 -30.95 -18.25
CA GLN D 319 -29.72 -29.52 -18.21
C GLN D 319 -28.57 -28.82 -17.49
N VAL D 320 -27.85 -27.97 -18.21
CA VAL D 320 -26.86 -27.11 -17.58
C VAL D 320 -27.56 -26.12 -16.66
N GLY D 321 -26.89 -25.80 -15.54
CA GLY D 321 -27.49 -25.00 -14.50
C GLY D 321 -26.58 -23.93 -13.95
N ASP D 322 -26.47 -23.84 -12.62
CA ASP D 322 -25.77 -22.74 -11.99
C ASP D 322 -24.25 -22.95 -11.99
N ARG D 323 -23.54 -21.83 -12.07
CA ARG D 323 -22.10 -21.81 -11.87
C ARG D 323 -21.73 -22.55 -10.59
N ILE D 324 -20.70 -23.37 -10.67
CA ILE D 324 -20.14 -24.05 -9.51
C ILE D 324 -19.27 -23.09 -8.72
N VAL D 325 -19.37 -23.17 -7.40
CA VAL D 325 -18.74 -22.21 -6.50
C VAL D 325 -18.11 -23.02 -5.37
N PHE D 326 -17.11 -22.44 -4.73
CA PHE D 326 -16.49 -23.02 -3.54
C PHE D 326 -16.69 -22.06 -2.39
N SER D 327 -17.42 -22.49 -1.37
CA SER D 327 -17.59 -21.67 -0.19
C SER D 327 -18.01 -22.55 0.98
N ASN D 328 -18.12 -21.94 2.16
CA ASN D 328 -18.52 -22.63 3.37
C ASN D 328 -19.94 -22.26 3.81
N GLU D 329 -20.74 -21.69 2.91
CA GLU D 329 -22.14 -21.42 3.20
C GLU D 329 -22.90 -22.74 3.27
N GLY D 330 -23.66 -22.93 4.35
CA GLY D 330 -24.41 -24.15 4.52
C GLY D 330 -23.58 -25.28 5.12
N GLN D 331 -23.86 -26.50 4.68
CA GLN D 331 -23.06 -27.64 5.10
C GLN D 331 -21.68 -27.66 4.44
N ALA D 332 -21.53 -26.99 3.31
CA ALA D 332 -20.28 -27.04 2.56
C ALA D 332 -19.15 -26.41 3.35
N ARG D 333 -17.99 -27.08 3.36
CA ARG D 333 -16.76 -26.53 3.94
C ARG D 333 -15.67 -26.60 2.86
N ASN D 334 -15.80 -25.78 1.83
CA ASN D 334 -15.06 -26.00 0.59
C ASN D 334 -13.95 -25.00 0.30
N VAL D 335 -13.74 -23.99 1.14
CA VAL D 335 -12.65 -23.05 0.91
C VAL D 335 -11.88 -22.79 2.20
N ARG D 336 -10.59 -22.53 2.04
CA ARG D 336 -9.69 -22.20 3.13
C ARG D 336 -8.67 -21.20 2.63
N LEU D 337 -8.21 -20.33 3.50
CA LEU D 337 -7.10 -19.43 3.19
C LEU D 337 -5.92 -19.82 4.06
N ALA D 338 -4.83 -20.22 3.43
CA ALA D 338 -3.62 -20.50 4.17
C ALA D 338 -3.02 -19.19 4.67
N PRO D 339 -2.46 -19.18 5.88
CA PRO D 339 -1.73 -17.99 6.33
C PRO D 339 -0.54 -17.75 5.41
N LYS D 340 -0.02 -16.53 5.44
CA LYS D 340 1.13 -16.21 4.60
C LYS D 340 2.33 -17.07 5.00
N VAL D 341 3.10 -17.47 3.99
CA VAL D 341 4.36 -18.15 4.25
C VAL D 341 5.32 -17.16 4.91
N GLU D 342 5.98 -17.60 5.97
CA GLU D 342 7.00 -16.81 6.63
C GLU D 342 8.37 -17.28 6.14
N TYR D 343 9.15 -16.34 5.59
CA TYR D 343 10.57 -16.57 5.31
C TYR D 343 11.34 -16.35 6.60
N VAL D 344 11.91 -17.42 7.16
CA VAL D 344 12.57 -17.31 8.47
C VAL D 344 14.08 -17.24 8.25
N PHE D 345 14.78 -16.61 9.19
CA PHE D 345 16.21 -16.36 9.06
C PHE D 345 16.99 -16.70 10.33
N ASP D 346 16.43 -17.51 11.21
CA ASP D 346 17.21 -17.99 12.35
C ASP D 346 16.59 -19.28 12.85
N ARG D 347 17.32 -19.95 13.73
CA ARG D 347 16.95 -21.28 14.17
C ARG D 347 15.76 -21.28 15.13
N THR D 348 15.45 -20.12 15.72
CA THR D 348 14.27 -20.04 16.57
C THR D 348 13.00 -19.89 15.75
N GLY D 349 13.07 -19.05 14.71
CA GLY D 349 11.91 -18.54 14.04
C GLY D 349 11.60 -17.11 14.36
N ALA D 350 12.48 -16.43 15.13
CA ALA D 350 12.16 -15.12 15.69
C ALA D 350 12.34 -14.04 14.62
N LYS D 351 13.43 -14.11 13.89
CA LYS D 351 13.60 -13.26 12.70
C LYS D 351 12.89 -13.90 11.51
N SER D 352 11.91 -13.22 10.96
CA SER D 352 11.08 -13.81 9.92
C SER D 352 10.49 -12.66 9.12
N ALA D 353 10.05 -12.97 7.91
CA ALA D 353 9.58 -11.91 7.02
C ALA D 353 8.68 -12.53 5.96
N GLU D 354 7.95 -11.64 5.29
CA GLU D 354 6.92 -12.03 4.32
C GLU D 354 7.40 -12.04 2.88
N TYR D 355 8.58 -11.50 2.61
CA TYR D 355 9.23 -11.60 1.31
C TYR D 355 10.66 -12.03 1.53
N ALA D 356 11.18 -12.80 0.58
CA ALA D 356 12.53 -13.30 0.68
C ALA D 356 13.51 -12.15 0.80
N TRP D 357 13.46 -11.20 -0.14
CA TRP D 357 14.54 -10.23 -0.22
C TRP D 357 14.52 -9.25 0.94
N ARG D 358 13.35 -8.71 1.28
CA ARG D 358 13.26 -7.85 2.45
C ARG D 358 13.88 -8.52 3.68
N GLY D 359 13.61 -9.83 3.85
CA GLY D 359 14.11 -10.53 5.01
C GLY D 359 15.62 -10.74 5.00
N LEU D 360 16.21 -10.85 3.82
CA LEU D 360 17.63 -11.14 3.72
C LEU D 360 18.47 -9.90 4.00
N SER D 361 18.15 -8.78 3.34
CA SER D 361 18.80 -7.52 3.67
C SER D 361 18.63 -7.18 5.15
N GLN D 362 17.47 -7.50 5.72
CA GLN D 362 17.20 -7.11 7.09
C GLN D 362 18.00 -7.92 8.09
N PHE D 363 18.11 -9.22 7.88
CA PHE D 363 18.70 -10.10 8.87
C PHE D 363 19.93 -10.85 8.40
N GLY D 364 20.22 -10.86 7.11
CA GLY D 364 21.25 -11.72 6.58
C GLY D 364 20.76 -13.16 6.57
N PRO D 365 21.63 -14.07 6.16
CA PRO D 365 21.20 -15.46 5.95
C PRO D 365 21.00 -16.30 7.20
N PHE D 366 20.03 -17.23 7.07
CA PHE D 366 19.66 -18.16 8.14
C PHE D 366 20.87 -18.79 8.82
N ASP D 367 21.96 -19.02 8.07
CA ASP D 367 23.13 -19.72 8.59
C ASP D 367 24.34 -18.81 8.79
N ARG D 368 24.11 -17.51 8.94
CA ARG D 368 25.20 -16.57 9.10
C ARG D 368 26.18 -16.97 10.20
N PRO D 369 25.72 -17.50 11.34
CA PRO D 369 26.66 -17.73 12.45
C PRO D 369 27.58 -18.92 12.20
N SER D 370 27.14 -19.91 11.44
CA SER D 370 27.91 -21.13 11.23
C SER D 370 28.45 -21.26 9.82
N PHE D 371 28.15 -20.32 8.93
CA PHE D 371 28.64 -20.41 7.55
C PHE D 371 30.16 -20.48 7.54
N ALA D 372 30.70 -21.42 6.77
CA ALA D 372 32.09 -21.81 6.94
C ALA D 372 32.97 -21.51 5.72
N ASN D 373 32.55 -20.69 4.78
CA ASN D 373 33.53 -20.10 3.86
C ASN D 373 33.20 -18.62 3.68
N ARG D 374 33.62 -17.82 4.66
CA ARG D 374 33.42 -16.38 4.65
C ARG D 374 34.41 -15.66 3.75
N SER D 375 35.45 -16.34 3.27
CA SER D 375 36.43 -15.75 2.36
C SER D 375 36.58 -16.66 1.16
N PRO D 376 35.55 -16.76 0.32
CA PRO D 376 35.64 -17.63 -0.86
C PRO D 376 36.56 -17.09 -1.95
N ARG D 377 37.25 -18.02 -2.60
CA ARG D 377 37.97 -17.76 -3.82
C ARG D 377 37.11 -18.19 -5.01
N ILE D 378 36.93 -17.30 -5.98
CA ILE D 378 36.00 -17.56 -7.07
C ILE D 378 36.72 -17.38 -8.39
N LEU D 379 36.70 -18.44 -9.20
CA LEU D 379 37.26 -18.45 -10.54
C LEU D 379 36.28 -17.79 -11.51
N VAL D 380 36.74 -16.77 -12.24
CA VAL D 380 35.94 -16.10 -13.25
C VAL D 380 36.51 -16.45 -14.62
N VAL D 381 35.71 -17.11 -15.45
CA VAL D 381 36.09 -17.55 -16.79
C VAL D 381 35.26 -16.75 -17.81
N TYR D 382 35.93 -16.06 -18.73
CA TYR D 382 35.24 -15.12 -19.62
C TYR D 382 36.05 -14.95 -20.90
N PRO D 383 35.40 -14.66 -22.03
CA PRO D 383 36.17 -14.33 -23.24
C PRO D 383 37.01 -13.07 -23.00
N SER D 384 38.24 -13.10 -23.50
CA SER D 384 39.17 -12.01 -23.22
C SER D 384 38.62 -10.66 -23.68
N SER D 385 37.90 -10.64 -24.79
CA SER D 385 37.40 -9.38 -25.33
C SER D 385 36.32 -8.75 -24.47
N THR D 386 35.87 -9.43 -23.41
CA THR D 386 34.79 -8.92 -22.57
C THR D 386 35.31 -8.36 -21.25
N GLN D 387 36.63 -8.27 -21.09
CA GLN D 387 37.23 -8.04 -19.78
C GLN D 387 36.58 -6.91 -18.99
N GLY D 388 36.45 -5.74 -19.60
CA GLY D 388 35.97 -4.58 -18.85
C GLY D 388 34.52 -4.72 -18.44
N LYS D 389 33.67 -5.13 -19.39
CA LYS D 389 32.29 -5.47 -19.07
C LYS D 389 32.22 -6.46 -17.92
N VAL D 390 33.14 -7.43 -17.89
CA VAL D 390 33.09 -8.44 -16.85
C VAL D 390 33.50 -7.86 -15.50
N GLU D 391 34.50 -6.97 -15.50
CA GLU D 391 34.97 -6.37 -14.27
C GLU D 391 33.90 -5.47 -13.65
N ASN D 392 33.09 -4.81 -14.48
CA ASN D 392 31.99 -4.01 -13.94
C ASN D 392 30.92 -4.89 -13.33
N PHE D 393 30.53 -5.97 -14.01
CA PHE D 393 29.61 -6.95 -13.42
C PHE D 393 30.11 -7.39 -12.05
N LEU D 394 31.34 -7.89 -11.99
CA LEU D 394 31.90 -8.40 -10.74
C LEU D 394 31.92 -7.32 -9.67
N SER D 395 32.31 -6.10 -10.05
CA SER D 395 32.31 -4.98 -9.11
C SER D 395 30.94 -4.78 -8.49
N ALA D 396 29.92 -4.68 -9.34
CA ALA D 396 28.55 -4.50 -8.85
C ALA D 396 28.12 -5.68 -7.97
N PHE D 397 28.29 -6.90 -8.47
CA PHE D 397 27.94 -8.09 -7.70
C PHE D 397 28.52 -8.02 -6.29
N ARG D 398 29.81 -7.71 -6.19
CA ARG D 398 30.52 -7.96 -4.94
C ARG D 398 30.36 -6.81 -3.95
N ASP D 399 30.51 -5.58 -4.42
CA ASP D 399 30.53 -4.42 -3.53
C ASP D 399 29.23 -3.63 -3.58
N GLY D 400 28.37 -3.89 -4.55
CA GLY D 400 27.04 -3.30 -4.60
C GLY D 400 26.94 -2.21 -5.67
N MET D 401 25.70 -1.74 -5.85
CA MET D 401 25.40 -0.69 -6.81
C MET D 401 25.08 0.65 -6.15
N GLY D 402 25.15 0.74 -4.83
CA GLY D 402 24.94 2.01 -4.15
C GLY D 402 23.47 2.36 -4.00
N SER D 403 23.21 3.34 -3.14
CA SER D 403 21.85 3.56 -2.65
C SER D 403 20.86 3.97 -3.74
N ASN D 404 21.33 4.38 -4.92
CA ASN D 404 20.39 4.74 -5.98
C ASN D 404 19.61 3.54 -6.49
N TYR D 405 20.15 2.35 -6.36
CA TYR D 405 19.48 1.11 -6.76
C TYR D 405 19.21 0.31 -5.49
N SER D 406 18.01 0.51 -4.93
CA SER D 406 17.61 -0.15 -3.70
C SER D 406 17.58 -1.65 -3.84
N GLY D 407 17.55 -2.18 -5.06
CA GLY D 407 17.47 -3.62 -5.23
C GLY D 407 18.75 -4.34 -4.84
N PHE D 408 19.89 -3.69 -5.01
CA PHE D 408 21.18 -4.32 -4.74
C PHE D 408 22.21 -3.25 -4.39
N SER D 409 22.20 -2.78 -3.14
CA SER D 409 23.07 -1.71 -2.71
C SER D 409 24.31 -2.19 -1.98
N LYS D 410 24.14 -3.15 -1.07
CA LYS D 410 25.23 -3.54 -0.18
C LYS D 410 26.25 -4.40 -0.90
N GLY D 411 25.80 -5.33 -1.72
CA GLY D 411 26.70 -6.21 -2.43
C GLY D 411 26.78 -7.58 -1.76
N PHE D 412 27.33 -8.54 -2.51
CA PHE D 412 27.38 -9.94 -2.07
C PHE D 412 28.03 -10.07 -0.69
N VAL D 413 29.15 -9.40 -0.49
CA VAL D 413 29.90 -9.57 0.76
C VAL D 413 29.11 -9.04 1.94
N ASP D 414 28.64 -7.79 1.87
CA ASP D 414 27.86 -7.24 2.97
C ASP D 414 26.53 -7.99 3.10
N LEU D 415 25.87 -8.26 1.98
CA LEU D 415 24.55 -8.90 2.03
C LEU D 415 24.59 -10.20 2.82
N MET D 416 25.60 -11.03 2.57
CA MET D 416 25.69 -12.35 3.18
C MET D 416 26.56 -12.39 4.42
N GLY D 417 27.11 -11.26 4.84
CA GLY D 417 27.97 -11.26 6.01
C GLY D 417 29.26 -12.02 5.81
N LEU D 418 29.82 -11.96 4.60
CA LEU D 418 31.09 -12.61 4.32
C LEU D 418 32.24 -11.72 4.77
N THR D 419 33.43 -12.33 4.85
CA THR D 419 34.62 -11.56 5.17
C THR D 419 35.15 -10.83 3.94
N LYS D 420 35.17 -11.52 2.80
CA LYS D 420 35.84 -11.04 1.59
C LYS D 420 35.59 -12.06 0.48
N VAL D 421 35.64 -11.59 -0.77
CA VAL D 421 35.60 -12.46 -1.92
C VAL D 421 36.79 -12.14 -2.82
N GLU D 422 37.54 -13.16 -3.19
CA GLU D 422 38.69 -13.01 -4.09
C GLU D 422 38.35 -13.65 -5.43
N PHE D 423 38.40 -12.84 -6.48
CA PHE D 423 38.19 -13.33 -7.82
C PHE D 423 39.53 -13.70 -8.44
N VAL D 424 39.53 -14.82 -9.15
CA VAL D 424 40.69 -15.35 -9.84
C VAL D 424 40.38 -15.30 -11.34
N MET D 425 40.95 -14.32 -12.03
CA MET D 425 40.54 -14.07 -13.41
C MET D 425 41.12 -15.11 -14.36
N CYS D 426 40.26 -15.70 -15.17
CA CYS D 426 40.65 -16.74 -16.13
C CYS D 426 40.18 -16.35 -17.52
N PRO D 427 40.79 -15.33 -18.12
CA PRO D 427 40.40 -14.92 -19.46
C PRO D 427 40.62 -16.03 -20.47
N VAL D 428 39.71 -16.12 -21.44
CA VAL D 428 39.79 -17.14 -22.49
C VAL D 428 39.90 -16.45 -23.84
N GLU D 429 40.79 -16.96 -24.69
CA GLU D 429 41.04 -16.39 -26.01
C GLU D 429 40.09 -17.07 -27.00
N VAL D 430 38.91 -16.49 -27.18
CA VAL D 430 37.86 -17.15 -27.96
C VAL D 430 36.88 -16.08 -28.43
N SER D 431 36.28 -16.34 -29.60
CA SER D 431 35.36 -15.42 -30.22
C SER D 431 34.02 -16.09 -30.48
N SER D 432 32.96 -15.30 -30.36
CA SER D 432 31.61 -15.82 -30.52
C SER D 432 31.45 -16.51 -31.87
N ALA D 433 32.16 -16.04 -32.90
CA ALA D 433 32.07 -16.65 -34.22
C ALA D 433 32.61 -18.07 -34.24
N ASP D 434 33.47 -18.42 -33.28
CA ASP D 434 34.00 -19.78 -33.15
C ASP D 434 32.90 -20.68 -32.59
N ARG D 435 32.31 -21.49 -33.42
CA ARG D 435 31.26 -22.31 -32.96
C ARG D 435 31.63 -23.75 -32.82
N ASN D 436 32.84 -24.10 -33.12
CA ASN D 436 33.24 -25.50 -33.11
C ASN D 436 34.38 -25.82 -32.15
N GLY D 437 35.05 -24.82 -31.58
CA GLY D 437 36.07 -25.11 -30.58
C GLY D 437 36.07 -24.18 -29.39
N ALA D 438 34.96 -23.47 -29.16
CA ALA D 438 34.89 -22.58 -28.00
C ALA D 438 34.96 -23.38 -26.71
N HIS D 439 34.26 -24.51 -26.65
CA HIS D 439 34.28 -25.32 -25.43
C HIS D 439 35.70 -25.79 -25.12
N THR D 440 36.43 -26.24 -26.14
CA THR D 440 37.80 -26.68 -25.94
C THR D 440 38.67 -25.55 -25.36
N LYS D 441 38.46 -24.32 -25.84
CA LYS D 441 39.29 -23.22 -25.37
C LYS D 441 38.94 -22.81 -23.94
N TYR D 442 37.65 -22.84 -23.60
CA TYR D 442 37.26 -22.61 -22.21
C TYR D 442 37.93 -23.64 -21.30
N ASN D 443 37.82 -24.93 -21.64
CA ASN D 443 38.32 -25.97 -20.75
C ASN D 443 39.84 -25.91 -20.60
N SER D 444 40.56 -25.62 -21.67
CA SER D 444 42.01 -25.56 -21.58
C SER D 444 42.47 -24.44 -20.67
N ALA D 445 41.82 -23.26 -20.78
CA ALA D 445 42.17 -22.13 -19.92
C ALA D 445 41.87 -22.44 -18.46
N ILE D 446 40.76 -23.13 -18.18
CA ILE D 446 40.44 -23.49 -16.80
C ILE D 446 41.51 -24.43 -16.27
N GLU D 447 41.91 -25.41 -17.07
CA GLU D 447 42.93 -26.37 -16.65
C GLU D 447 44.26 -25.68 -16.39
N ASP D 448 44.72 -24.86 -17.33
CA ASP D 448 45.99 -24.17 -17.13
C ASP D 448 45.94 -23.28 -15.90
N LYS D 449 44.82 -22.58 -15.69
CA LYS D 449 44.75 -21.61 -14.59
C LYS D 449 44.65 -22.33 -13.25
N LEU D 450 43.89 -23.43 -13.16
CA LEU D 450 43.74 -24.06 -11.85
C LEU D 450 45.01 -24.78 -11.43
N ALA D 451 45.75 -25.36 -12.37
CA ALA D 451 46.99 -26.05 -12.04
C ALA D 451 47.86 -25.21 -11.11
N GLY D 452 48.10 -23.95 -11.47
CA GLY D 452 48.98 -23.13 -10.67
C GLY D 452 48.28 -22.10 -9.80
N ALA D 453 47.20 -22.49 -9.13
CA ALA D 453 46.38 -21.49 -8.45
C ALA D 453 45.86 -21.83 -7.06
N GLY D 454 46.04 -23.06 -6.57
CA GLY D 454 45.43 -23.44 -5.31
C GLY D 454 43.93 -23.65 -5.50
N GLU D 455 43.26 -23.88 -4.38
CA GLU D 455 41.86 -24.29 -4.44
C GLU D 455 40.95 -23.10 -4.67
N VAL D 456 39.88 -23.32 -5.44
CA VAL D 456 38.82 -22.34 -5.60
C VAL D 456 37.53 -23.01 -5.17
N HIS D 457 36.64 -22.19 -4.59
CA HIS D 457 35.41 -22.71 -4.01
C HIS D 457 34.21 -22.65 -4.96
N ALA D 458 34.31 -21.88 -6.04
CA ALA D 458 33.26 -21.82 -7.04
C ALA D 458 33.83 -21.13 -8.27
N GLY D 459 33.02 -21.05 -9.32
CA GLY D 459 33.39 -20.33 -10.51
C GLY D 459 32.20 -19.61 -11.12
N ILE D 460 32.52 -18.51 -11.83
CA ILE D 460 31.57 -17.78 -12.66
C ILE D 460 32.05 -17.92 -14.10
N VAL D 461 31.18 -18.42 -14.97
CA VAL D 461 31.53 -18.67 -16.36
C VAL D 461 30.66 -17.78 -17.25
N VAL D 462 31.32 -16.93 -18.04
CA VAL D 462 30.66 -15.93 -18.88
C VAL D 462 30.62 -16.46 -20.29
N LEU D 463 29.42 -16.49 -20.89
CA LEU D 463 29.21 -17.12 -22.17
C LEU D 463 28.69 -16.09 -23.17
N PHE D 464 29.20 -16.15 -24.40
CA PHE D 464 28.59 -15.43 -25.51
C PHE D 464 27.19 -16.01 -25.78
N GLU D 465 26.25 -15.14 -26.14
CA GLU D 465 24.91 -15.60 -26.48
C GLU D 465 24.94 -16.58 -27.66
N ASP D 466 25.92 -16.43 -28.56
CA ASP D 466 26.01 -17.33 -29.71
C ASP D 466 26.52 -18.72 -29.33
N HIS D 467 27.05 -18.90 -28.13
CA HIS D 467 27.52 -20.21 -27.68
C HIS D 467 26.53 -20.90 -26.76
N ALA D 468 25.55 -20.17 -26.23
CA ALA D 468 24.77 -20.69 -25.12
C ALA D 468 23.99 -21.94 -25.48
N ARG D 469 23.52 -22.06 -26.72
CA ARG D 469 22.59 -23.14 -27.07
C ARG D 469 23.14 -24.03 -28.19
N LEU D 470 24.45 -23.97 -28.45
CA LEU D 470 25.10 -24.95 -29.29
C LEU D 470 24.79 -26.36 -28.79
N PRO D 471 24.84 -27.35 -29.68
CA PRO D 471 24.66 -28.73 -29.22
C PRO D 471 25.72 -29.09 -28.19
N ASP D 472 25.40 -30.07 -27.33
CA ASP D 472 26.18 -30.28 -26.12
C ASP D 472 27.61 -30.79 -26.41
N ASP D 473 27.78 -31.44 -27.56
CA ASP D 473 29.14 -31.90 -27.86
C ASP D 473 30.10 -30.72 -28.06
N ARG D 474 29.57 -29.52 -28.33
CA ARG D 474 30.40 -28.33 -28.54
C ARG D 474 30.01 -27.16 -27.64
N ASN D 475 29.18 -27.40 -26.62
CA ASN D 475 28.57 -26.31 -25.89
C ASN D 475 29.40 -25.96 -24.66
N PRO D 476 29.87 -24.71 -24.52
CA PRO D 476 30.76 -24.38 -23.40
C PRO D 476 30.05 -24.30 -22.06
N TYR D 477 28.76 -24.04 -22.05
CA TYR D 477 28.03 -24.12 -20.78
C TYR D 477 28.23 -25.48 -20.13
N ILE D 478 27.90 -26.54 -20.85
CA ILE D 478 27.86 -27.87 -20.26
C ILE D 478 29.26 -28.45 -20.08
N HIS D 479 30.21 -28.06 -20.92
CA HIS D 479 31.57 -28.58 -20.77
C HIS D 479 32.29 -27.94 -19.59
N THR D 480 32.15 -26.62 -19.41
CA THR D 480 32.72 -26.00 -18.23
C THR D 480 31.98 -26.46 -16.98
N LYS D 481 30.65 -26.57 -17.03
CA LYS D 481 29.91 -27.15 -15.90
C LYS D 481 30.44 -28.54 -15.56
N SER D 482 30.61 -29.40 -16.58
CA SER D 482 31.14 -30.74 -16.37
C SER D 482 32.52 -30.72 -15.73
N LEU D 483 33.44 -29.93 -16.30
CA LEU D 483 34.81 -29.93 -15.81
C LEU D 483 34.92 -29.42 -14.38
N LEU D 484 34.26 -28.30 -14.06
CA LEU D 484 34.38 -27.78 -12.70
C LEU D 484 33.63 -28.67 -11.70
N LEU D 485 32.47 -29.21 -12.07
CA LEU D 485 31.77 -30.10 -11.14
C LEU D 485 32.62 -31.33 -10.83
N THR D 486 33.29 -31.89 -11.84
CA THR D 486 34.15 -33.04 -11.61
C THR D 486 35.20 -32.74 -10.54
N LEU D 487 35.87 -31.60 -10.68
CA LEU D 487 36.87 -31.14 -9.72
C LEU D 487 36.24 -30.64 -8.42
N GLY D 488 34.93 -30.62 -8.32
CA GLY D 488 34.25 -30.29 -7.08
C GLY D 488 34.03 -28.80 -6.85
N VAL D 489 33.88 -28.05 -7.92
CA VAL D 489 33.72 -26.58 -7.89
C VAL D 489 32.32 -26.28 -8.46
N PRO D 490 31.41 -25.74 -7.66
CA PRO D 490 30.13 -25.31 -8.24
C PRO D 490 30.33 -24.06 -9.10
N THR D 491 29.60 -23.99 -10.20
CA THR D 491 29.65 -22.80 -11.04
C THR D 491 28.28 -22.12 -11.13
N GLN D 492 28.33 -20.79 -11.23
CA GLN D 492 27.19 -19.95 -11.59
C GLN D 492 27.52 -19.28 -12.93
N GLN D 493 26.83 -19.69 -14.00
CA GLN D 493 27.17 -19.18 -15.31
C GLN D 493 26.26 -18.02 -15.68
N VAL D 494 26.58 -17.36 -16.79
CA VAL D 494 25.93 -16.10 -17.15
C VAL D 494 26.26 -15.76 -18.61
N ARG D 495 25.26 -15.29 -19.34
CA ARG D 495 25.40 -14.92 -20.74
C ARG D 495 25.68 -13.43 -20.83
N MET D 496 26.43 -13.04 -21.86
CA MET D 496 26.80 -11.64 -22.02
C MET D 496 25.60 -10.70 -22.01
N PRO D 497 24.51 -10.98 -22.74
CA PRO D 497 23.34 -10.07 -22.64
C PRO D 497 22.93 -9.79 -21.21
N THR D 498 23.15 -10.72 -20.29
CA THR D 498 22.82 -10.49 -18.88
C THR D 498 23.84 -9.59 -18.19
N VAL D 499 25.11 -9.75 -18.55
CA VAL D 499 26.18 -8.93 -17.97
C VAL D 499 25.98 -7.47 -18.36
N LEU D 500 25.35 -7.23 -19.50
CA LEU D 500 25.20 -5.89 -20.08
C LEU D 500 23.92 -5.17 -19.67
N LEU D 501 23.06 -5.81 -18.87
CA LEU D 501 21.75 -5.27 -18.56
C LEU D 501 21.85 -3.84 -18.03
N GLU D 502 20.86 -3.03 -18.42
CA GLU D 502 20.65 -1.71 -17.80
C GLU D 502 20.61 -1.89 -16.29
N PRO D 503 21.04 -0.90 -15.52
CA PRO D 503 21.04 -1.07 -14.05
C PRO D 503 19.69 -1.32 -13.43
N LYS D 504 18.60 -0.91 -14.08
CA LYS D 504 17.26 -1.17 -13.53
C LYS D 504 17.00 -2.66 -13.41
N SER D 505 17.42 -3.43 -14.43
CA SER D 505 17.21 -4.87 -14.43
C SER D 505 18.34 -5.61 -13.72
N LEU D 506 19.56 -5.10 -13.78
CA LEU D 506 20.70 -5.82 -13.23
C LEU D 506 20.60 -5.96 -11.72
N GLN D 507 20.00 -4.99 -11.03
CA GLN D 507 19.89 -5.07 -9.58
C GLN D 507 19.08 -6.30 -9.16
N TYR D 508 18.10 -6.70 -9.97
CA TYR D 508 17.31 -7.90 -9.68
C TYR D 508 18.06 -9.15 -10.10
N THR D 509 18.73 -9.10 -11.26
CA THR D 509 19.61 -10.20 -11.65
C THR D 509 20.62 -10.52 -10.55
N LEU D 510 21.22 -9.49 -9.96
CA LEU D 510 22.25 -9.75 -8.95
C LEU D 510 21.65 -10.29 -7.65
N GLN D 511 20.40 -9.95 -7.35
CA GLN D 511 19.74 -10.55 -6.19
C GLN D 511 19.72 -12.07 -6.32
N ASN D 512 19.25 -12.56 -7.47
CA ASN D 512 19.07 -13.99 -7.67
C ASN D 512 20.41 -14.71 -7.83
N PHE D 513 21.33 -14.10 -8.58
CA PHE D 513 22.70 -14.57 -8.74
C PHE D 513 23.39 -14.78 -7.39
N SER D 514 23.11 -13.89 -6.42
CA SER D 514 23.77 -13.96 -5.13
C SER D 514 23.16 -15.03 -4.23
N ILE D 515 21.83 -15.15 -4.26
CA ILE D 515 21.19 -16.21 -3.49
C ILE D 515 21.69 -17.56 -3.96
N ALA D 516 21.82 -17.73 -5.27
CA ALA D 516 22.26 -19.03 -5.80
C ALA D 516 23.74 -19.27 -5.55
N THR D 517 24.59 -18.30 -5.88
CA THR D 517 26.01 -18.43 -5.61
C THR D 517 26.23 -18.77 -4.13
N TYR D 518 25.52 -18.08 -3.24
CA TYR D 518 25.64 -18.36 -1.81
C TYR D 518 25.29 -19.81 -1.50
N ALA D 519 24.21 -20.32 -2.10
CA ALA D 519 23.84 -21.71 -1.87
C ALA D 519 24.81 -22.67 -2.56
N LYS D 520 25.31 -22.30 -3.74
CA LYS D 520 26.36 -23.11 -4.36
C LYS D 520 27.58 -23.20 -3.48
N LEU D 521 27.78 -22.23 -2.58
CA LEU D 521 28.87 -22.28 -1.60
C LEU D 521 28.48 -22.99 -0.31
N ASN D 522 27.44 -23.82 -0.32
CA ASN D 522 26.92 -24.57 0.83
C ASN D 522 26.05 -23.71 1.72
N GLY D 523 25.67 -22.51 1.28
CA GLY D 523 24.87 -21.63 2.11
C GLY D 523 23.40 -21.99 2.14
N THR D 524 22.76 -21.61 3.25
CA THR D 524 21.32 -21.72 3.42
C THR D 524 20.78 -20.30 3.53
N PRO D 525 20.37 -19.68 2.42
CA PRO D 525 19.96 -18.26 2.48
C PRO D 525 18.77 -18.01 3.38
N TRP D 526 17.82 -18.95 3.39
CA TRP D 526 16.63 -18.78 4.21
C TRP D 526 15.84 -20.08 4.24
N THR D 527 14.98 -20.18 5.24
CA THR D 527 14.05 -21.28 5.44
C THR D 527 12.62 -20.75 5.38
N VAL D 528 11.64 -21.65 5.48
CA VAL D 528 10.24 -21.30 5.65
C VAL D 528 9.70 -22.00 6.89
N ASN D 529 8.67 -21.41 7.46
CA ASN D 529 8.17 -21.78 8.78
C ASN D 529 7.34 -23.04 8.75
N HIS D 530 7.27 -23.70 9.91
CA HIS D 530 6.31 -24.77 10.14
C HIS D 530 6.12 -24.92 11.63
N ASP D 531 5.04 -25.59 12.01
CA ASP D 531 4.69 -25.84 13.40
C ASP D 531 4.78 -27.33 13.65
N LYS D 532 5.78 -27.74 14.44
CA LYS D 532 6.05 -29.15 14.67
C LYS D 532 4.88 -29.77 15.45
N ALA D 533 3.83 -30.09 14.70
CA ALA D 533 2.77 -30.93 15.24
C ALA D 533 3.29 -32.34 15.52
N ILE D 534 4.15 -32.86 14.64
CA ILE D 534 4.70 -34.19 14.75
C ILE D 534 6.20 -34.10 15.04
N ASN D 535 6.73 -35.17 15.62
CA ASN D 535 8.09 -35.21 16.12
C ASN D 535 9.14 -35.17 15.03
N ASP D 536 8.76 -35.37 13.77
CA ASP D 536 9.70 -35.34 12.66
C ASP D 536 8.94 -35.59 11.37
N GLU D 537 9.29 -34.84 10.32
CA GLU D 537 8.63 -34.92 9.03
C GLU D 537 9.69 -34.98 7.96
N LEU D 538 9.48 -35.85 6.98
CA LEU D 538 10.35 -35.98 5.83
C LEU D 538 9.51 -35.83 4.57
N VAL D 539 9.90 -34.91 3.69
CA VAL D 539 9.27 -34.75 2.39
C VAL D 539 10.33 -35.02 1.34
N VAL D 540 10.06 -35.95 0.45
CA VAL D 540 10.96 -36.18 -0.68
C VAL D 540 10.16 -36.03 -1.96
N GLY D 541 10.78 -35.39 -2.94
CA GLY D 541 10.15 -35.16 -4.23
C GLY D 541 10.92 -35.85 -5.33
N MET D 542 10.23 -36.17 -6.41
CA MET D 542 10.85 -36.72 -7.61
C MET D 542 10.48 -35.84 -8.79
N GLY D 543 11.45 -35.64 -9.66
CA GLY D 543 11.23 -34.86 -10.87
C GLY D 543 11.86 -35.57 -12.05
N LEU D 544 11.34 -35.25 -13.23
CA LEU D 544 11.70 -35.94 -14.47
C LEU D 544 12.29 -34.93 -15.44
N ALA D 545 13.25 -35.40 -16.25
CA ALA D 545 13.73 -34.67 -17.41
C ALA D 545 13.82 -35.65 -18.56
N GLU D 546 13.54 -35.16 -19.77
CA GLU D 546 13.60 -35.99 -20.98
C GLU D 546 14.50 -35.27 -21.97
N LEU D 547 15.62 -35.88 -22.33
CA LEU D 547 16.64 -35.23 -23.14
C LEU D 547 16.73 -35.84 -24.54
N SER D 548 16.94 -34.97 -25.52
CA SER D 548 17.24 -35.38 -26.89
C SER D 548 17.99 -34.23 -27.56
N GLY D 549 18.67 -34.56 -28.66
CA GLY D 549 19.41 -33.56 -29.39
C GLY D 549 18.54 -32.65 -30.23
N SER D 550 17.43 -33.18 -30.75
CA SER D 550 16.47 -32.38 -31.49
C SER D 550 15.09 -33.00 -31.26
N ARG D 551 14.09 -32.50 -31.99
CA ARG D 551 12.74 -33.02 -31.79
C ARG D 551 12.56 -34.43 -32.33
N THR D 552 13.54 -34.95 -33.08
CA THR D 552 13.32 -36.15 -33.86
C THR D 552 13.60 -37.44 -33.08
N GLU D 553 14.78 -37.56 -32.48
CA GLU D 553 15.21 -38.83 -31.89
C GLU D 553 14.56 -39.05 -30.53
N LYS D 554 14.24 -40.31 -30.27
CA LYS D 554 13.60 -40.72 -29.02
C LYS D 554 14.27 -40.06 -27.82
N ARG D 555 13.44 -39.62 -26.87
CA ARG D 555 13.94 -38.99 -25.66
C ARG D 555 14.48 -40.04 -24.69
N GLN D 556 15.53 -39.67 -23.97
CA GLN D 556 16.00 -40.45 -22.83
C GLN D 556 15.49 -39.78 -21.57
N ARG D 557 15.08 -40.58 -20.60
CA ARG D 557 14.50 -40.07 -19.37
C ARG D 557 15.50 -40.20 -18.24
N PHE D 558 15.52 -39.17 -17.40
CA PHE D 558 16.31 -39.16 -16.18
C PHE D 558 15.43 -38.65 -15.06
N VAL D 559 15.77 -39.06 -13.85
CA VAL D 559 15.06 -38.64 -12.67
C VAL D 559 16.02 -37.90 -11.76
N GLY D 560 15.45 -37.18 -10.81
CA GLY D 560 16.21 -36.65 -9.70
C GLY D 560 15.33 -36.71 -8.47
N ILE D 561 16.00 -36.68 -7.31
CA ILE D 561 15.31 -36.78 -6.02
C ILE D 561 15.85 -35.71 -5.08
N THR D 562 14.93 -34.95 -4.49
CA THR D 562 15.23 -33.93 -3.50
C THR D 562 14.53 -34.31 -2.20
N THR D 563 15.16 -34.02 -1.07
CA THR D 563 14.52 -34.25 0.22
C THR D 563 14.49 -32.96 1.03
N VAL D 564 13.42 -32.80 1.79
CA VAL D 564 13.26 -31.69 2.72
C VAL D 564 12.81 -32.29 4.04
N PHE D 565 13.32 -31.78 5.15
CA PHE D 565 12.87 -32.29 6.44
C PHE D 565 12.65 -31.13 7.39
N ALA D 566 11.84 -31.41 8.40
CA ALA D 566 11.42 -30.42 9.38
C ALA D 566 12.45 -30.34 10.49
N GLY D 567 12.74 -29.12 10.91
CA GLY D 567 13.62 -28.86 12.03
C GLY D 567 12.98 -27.87 12.97
N ASP D 568 13.74 -27.27 13.88
CA ASP D 568 13.16 -26.34 14.84
C ASP D 568 12.47 -25.18 14.12
N GLY D 569 11.15 -25.25 13.99
CA GLY D 569 10.37 -24.18 13.40
C GLY D 569 10.82 -23.77 12.02
N SER D 570 11.48 -24.67 11.31
CA SER D 570 12.04 -24.35 10.00
C SER D 570 12.14 -25.62 9.18
N TYR D 571 11.83 -25.51 7.89
CA TYR D 571 12.00 -26.60 6.93
C TYR D 571 13.41 -26.51 6.34
N LEU D 572 14.16 -27.60 6.38
CA LEU D 572 15.54 -27.58 5.94
C LEU D 572 15.78 -28.56 4.79
N LEU D 573 16.66 -28.17 3.87
CA LEU D 573 16.94 -28.97 2.69
C LEU D 573 17.99 -30.03 3.02
N GLY D 574 17.63 -31.29 2.76
CA GLY D 574 18.54 -32.41 2.93
C GLY D 574 19.35 -32.66 1.69
N ASN D 575 19.85 -33.89 1.58
CA ASN D 575 20.73 -34.26 0.48
C ASN D 575 19.90 -34.55 -0.78
N VAL D 576 20.59 -34.99 -1.83
CA VAL D 576 20.10 -34.87 -3.20
C VAL D 576 20.73 -36.00 -4.01
N SER D 577 20.03 -36.44 -5.06
CA SER D 577 20.46 -37.63 -5.75
C SER D 577 21.74 -37.32 -6.56
N LYS D 578 22.50 -38.39 -6.84
CA LYS D 578 23.68 -38.30 -7.70
C LYS D 578 23.58 -39.22 -8.92
N GLU D 579 22.58 -40.12 -8.90
CA GLU D 579 22.30 -41.06 -9.98
C GLU D 579 21.01 -40.64 -10.63
N CYS D 580 20.93 -40.78 -11.96
CA CYS D 580 19.76 -40.25 -12.67
C CYS D 580 18.99 -41.32 -13.43
N GLU D 581 19.38 -42.60 -13.30
CA GLU D 581 18.77 -43.65 -14.09
C GLU D 581 17.26 -43.68 -13.87
N TYR D 582 16.51 -43.65 -14.98
CA TYR D 582 15.05 -43.64 -14.89
C TYR D 582 14.46 -45.00 -14.50
N GLU D 583 14.98 -46.06 -15.08
CA GLU D 583 14.55 -47.41 -14.73
C GLU D 583 14.92 -47.67 -13.27
N GLY D 584 13.95 -48.20 -12.52
CA GLY D 584 14.18 -48.45 -11.12
C GLY D 584 13.99 -47.24 -10.22
N TYR D 585 13.49 -46.12 -10.75
CA TYR D 585 13.32 -44.92 -9.91
C TYR D 585 12.56 -45.27 -8.64
N SER D 586 11.66 -46.26 -8.69
CA SER D 586 10.90 -46.64 -7.50
C SER D 586 11.84 -47.07 -6.38
N ASP D 587 12.71 -48.04 -6.67
CA ASP D 587 13.67 -48.48 -5.66
C ASP D 587 14.58 -47.34 -5.23
N ALA D 588 14.82 -46.36 -6.11
CA ALA D 588 15.64 -45.22 -5.71
C ALA D 588 14.90 -44.32 -4.73
N ILE D 589 13.57 -44.27 -4.82
CA ILE D 589 12.80 -43.44 -3.91
C ILE D 589 12.77 -44.05 -2.51
N ARG D 590 12.51 -45.36 -2.43
CA ARG D 590 12.46 -45.99 -1.11
C ARG D 590 13.86 -46.15 -0.54
N GLU D 591 14.83 -46.48 -1.39
CA GLU D 591 16.24 -46.39 -1.01
C GLU D 591 16.51 -45.06 -0.29
N SER D 592 16.18 -43.94 -0.95
CA SER D 592 16.39 -42.65 -0.31
C SER D 592 15.62 -42.53 0.99
N MET D 593 14.38 -43.02 1.01
CA MET D 593 13.52 -42.76 2.16
C MET D 593 13.98 -43.54 3.38
N THR D 594 14.17 -44.86 3.25
CA THR D 594 14.52 -45.66 4.42
C THR D 594 15.89 -45.26 4.97
N GLY D 595 16.84 -44.94 4.09
CA GLY D 595 18.15 -44.54 4.56
C GLY D 595 18.13 -43.21 5.29
N ILE D 596 17.22 -42.32 4.91
CA ILE D 596 17.04 -41.06 5.62
C ILE D 596 16.28 -41.27 6.92
N LEU D 597 15.43 -42.30 6.99
CA LEU D 597 14.65 -42.51 8.20
C LEU D 597 15.49 -43.13 9.31
N ARG D 598 16.37 -44.07 8.95
CA ARG D 598 17.28 -44.68 9.92
C ARG D 598 18.28 -43.67 10.46
N GLU D 599 18.69 -42.70 9.63
CA GLU D 599 19.60 -41.64 10.07
C GLU D 599 18.85 -40.50 10.75
N LEU D 600 17.55 -40.38 10.54
CA LEU D 600 16.76 -39.37 11.24
C LEU D 600 16.40 -39.83 12.65
N LYS D 601 16.22 -41.14 12.85
CA LYS D 601 15.91 -41.65 14.18
C LYS D 601 17.08 -41.41 15.13
N LYS D 602 18.31 -41.69 14.68
CA LYS D 602 19.47 -41.43 15.52
C LYS D 602 19.69 -39.95 15.75
N ARG D 603 19.52 -39.13 14.71
CA ARG D 603 19.84 -37.72 14.82
C ARG D 603 18.91 -36.97 15.77
N ASN D 604 17.69 -37.47 15.99
CA ASN D 604 16.68 -36.70 16.70
C ASN D 604 16.06 -37.46 17.87
N ASN D 605 16.57 -38.63 18.23
CA ASN D 605 16.07 -39.37 19.37
C ASN D 605 14.55 -39.38 19.38
N TRP D 606 13.95 -40.22 18.55
CA TRP D 606 12.50 -40.40 18.57
C TRP D 606 12.09 -41.11 19.85
N ARG D 607 11.14 -40.51 20.57
CA ARG D 607 10.54 -41.21 21.70
C ARG D 607 9.48 -42.18 21.20
N PRO D 608 9.30 -43.32 21.88
CA PRO D 608 8.16 -44.18 21.56
C PRO D 608 6.85 -43.42 21.75
N GLY D 609 5.95 -43.59 20.79
CA GLY D 609 4.75 -42.81 20.72
C GLY D 609 4.85 -41.59 19.82
N ASP D 610 6.06 -41.08 19.58
CA ASP D 610 6.23 -39.98 18.64
C ASP D 610 5.59 -40.36 17.31
N THR D 611 5.15 -39.37 16.57
CA THR D 611 4.63 -39.60 15.22
C THR D 611 5.68 -39.21 14.19
N VAL D 612 5.78 -40.01 13.13
CA VAL D 612 6.70 -39.77 12.03
C VAL D 612 5.87 -39.68 10.75
N ARG D 613 5.99 -38.56 10.05
CA ARG D 613 5.22 -38.32 8.83
C ARG D 613 6.17 -38.23 7.64
N VAL D 614 5.82 -38.94 6.57
CA VAL D 614 6.57 -38.95 5.32
C VAL D 614 5.64 -38.49 4.21
N VAL D 615 6.08 -37.52 3.41
CA VAL D 615 5.30 -37.03 2.28
C VAL D 615 6.14 -37.15 1.02
N PHE D 616 5.48 -37.50 -0.08
CA PHE D 616 6.11 -37.64 -1.39
C PHE D 616 5.43 -36.68 -2.36
N HIS D 617 6.23 -36.08 -3.24
CA HIS D 617 5.76 -35.11 -4.22
C HIS D 617 6.20 -35.52 -5.61
N ALA D 618 5.30 -35.40 -6.58
CA ALA D 618 5.70 -35.54 -7.98
C ALA D 618 4.61 -34.93 -8.87
N HIS D 619 4.94 -34.75 -10.14
CA HIS D 619 3.97 -34.22 -11.10
C HIS D 619 3.05 -35.30 -11.66
N ARG D 620 3.27 -36.56 -11.30
CA ARG D 620 2.42 -37.68 -11.67
C ARG D 620 2.21 -38.59 -10.46
N PRO D 621 1.07 -39.28 -10.39
CA PRO D 621 0.84 -40.22 -9.29
C PRO D 621 1.65 -41.49 -9.42
N LEU D 622 2.07 -42.01 -8.27
CA LEU D 622 2.78 -43.28 -8.22
C LEU D 622 1.82 -44.45 -8.43
N LYS D 623 2.37 -45.57 -8.88
CA LYS D 623 1.61 -46.82 -8.93
C LYS D 623 1.19 -47.23 -7.51
N ARG D 624 0.02 -47.86 -7.41
CA ARG D 624 -0.41 -48.43 -6.14
C ARG D 624 0.64 -49.38 -5.58
N VAL D 625 1.25 -50.18 -6.44
CA VAL D 625 2.22 -51.18 -6.00
C VAL D 625 3.48 -50.50 -5.46
N ASP D 626 3.85 -49.36 -6.04
CA ASP D 626 5.01 -48.64 -5.52
C ASP D 626 4.71 -48.04 -4.15
N VAL D 627 3.48 -47.54 -3.96
CA VAL D 627 3.09 -47.01 -2.66
C VAL D 627 3.16 -48.11 -1.59
N ALA D 628 2.65 -49.29 -1.92
CA ALA D 628 2.66 -50.38 -0.95
C ALA D 628 4.08 -50.78 -0.59
N SER D 629 4.94 -50.84 -1.62
CA SER D 629 6.35 -51.15 -1.41
C SER D 629 7.03 -50.09 -0.54
N ILE D 630 6.66 -48.83 -0.73
CA ILE D 630 7.30 -47.74 0.02
C ILE D 630 6.75 -47.65 1.43
N VAL D 631 5.43 -47.77 1.59
CA VAL D 631 4.85 -47.79 2.93
C VAL D 631 5.46 -48.94 3.72
N PHE D 632 5.50 -50.13 3.11
CA PHE D 632 6.00 -51.29 3.82
C PHE D 632 7.43 -51.07 4.31
N GLU D 633 8.32 -50.59 3.44
CA GLU D 633 9.73 -50.50 3.81
C GLU D 633 9.97 -49.39 4.84
N CYS D 634 9.30 -48.24 4.69
CA CYS D 634 9.49 -47.19 5.69
C CYS D 634 8.89 -47.60 7.03
N THR D 635 7.71 -48.23 7.01
CA THR D 635 7.09 -48.69 8.25
C THR D 635 8.00 -49.64 9.01
N ARG D 636 8.56 -50.64 8.32
CA ARG D 636 9.47 -51.57 8.98
C ARG D 636 10.74 -50.85 9.44
N GLU D 637 11.23 -49.89 8.65
CA GLU D 637 12.48 -49.24 8.99
C GLU D 637 12.40 -48.55 10.35
N ILE D 638 11.35 -47.76 10.58
CA ILE D 638 11.32 -47.00 11.82
C ILE D 638 10.70 -47.78 12.99
N GLY D 639 9.93 -48.82 12.71
CA GLY D 639 9.52 -49.75 13.74
C GLY D 639 8.23 -49.36 14.47
N SER D 640 7.74 -50.31 15.28
CA SER D 640 6.46 -50.15 15.95
C SER D 640 6.50 -49.21 17.16
N ASP D 641 7.69 -48.71 17.53
CA ASP D 641 7.77 -47.70 18.57
C ASP D 641 7.09 -46.40 18.14
N GLN D 642 7.03 -46.13 16.84
CA GLN D 642 6.47 -44.88 16.35
C GLN D 642 5.21 -45.13 15.53
N ASN D 643 4.31 -44.15 15.57
CA ASN D 643 3.23 -44.08 14.61
C ASN D 643 3.77 -43.51 13.30
N ILE D 644 3.31 -44.08 12.18
CA ILE D 644 3.77 -43.66 10.86
C ILE D 644 2.57 -43.17 10.06
N GLN D 645 2.71 -41.96 9.51
CA GLN D 645 1.77 -41.37 8.57
C GLN D 645 2.47 -41.17 7.23
N MET D 646 1.74 -41.46 6.16
CA MET D 646 2.39 -41.32 4.85
C MET D 646 1.41 -40.85 3.80
N ALA D 647 1.81 -39.81 3.07
CA ALA D 647 1.00 -39.27 1.99
C ALA D 647 1.81 -39.26 0.70
N PHE D 648 1.11 -39.49 -0.40
CA PHE D 648 1.70 -39.49 -1.73
C PHE D 648 0.87 -38.53 -2.58
N VAL D 649 1.53 -37.53 -3.12
CA VAL D 649 0.88 -36.32 -3.60
C VAL D 649 1.35 -36.03 -5.02
N THR D 650 0.42 -35.75 -5.93
CA THR D 650 0.81 -35.18 -7.22
C THR D 650 0.28 -33.75 -7.31
N VAL D 651 1.06 -32.93 -8.01
CA VAL D 651 0.82 -31.52 -8.23
C VAL D 651 0.69 -31.34 -9.73
N SER D 652 -0.43 -30.79 -10.16
CA SER D 652 -0.67 -30.55 -11.57
C SER D 652 -0.81 -29.07 -11.88
N HIS D 653 -0.23 -28.66 -13.00
CA HIS D 653 -0.42 -27.32 -13.54
C HIS D 653 -1.44 -27.25 -14.65
N ASP D 654 -1.61 -28.35 -15.39
CA ASP D 654 -2.42 -28.37 -16.61
C ASP D 654 -3.70 -29.17 -16.35
N HIS D 655 -4.78 -28.45 -16.07
CA HIS D 655 -6.06 -29.05 -15.73
C HIS D 655 -7.14 -28.02 -16.03
N PRO D 656 -8.41 -28.42 -15.98
CA PRO D 656 -9.50 -27.55 -16.45
C PRO D 656 -10.12 -26.63 -15.41
N PHE D 657 -9.54 -26.50 -14.21
CA PHE D 657 -10.13 -25.68 -13.17
C PHE D 657 -9.44 -24.33 -13.11
N VAL D 658 -10.22 -23.29 -12.85
CA VAL D 658 -9.67 -21.98 -12.54
C VAL D 658 -10.58 -21.34 -11.50
N LEU D 659 -9.95 -20.56 -10.63
CA LEU D 659 -10.61 -19.95 -9.48
C LEU D 659 -10.81 -18.46 -9.74
N ILE D 660 -12.00 -17.97 -9.44
CA ILE D 660 -12.36 -16.58 -9.66
C ILE D 660 -12.78 -15.99 -8.31
N ASP D 661 -12.09 -14.94 -7.88
CA ASP D 661 -12.41 -14.20 -6.65
C ASP D 661 -13.04 -12.87 -7.09
N ARG D 662 -14.37 -12.82 -7.17
CA ARG D 662 -15.02 -11.63 -7.68
C ARG D 662 -14.90 -10.44 -6.74
N SER D 663 -14.42 -10.65 -5.51
CA SER D 663 -14.25 -9.59 -4.53
C SER D 663 -12.86 -8.99 -4.54
N GLU D 664 -12.04 -9.32 -5.53
CA GLU D 664 -10.67 -8.82 -5.62
C GLU D 664 -10.60 -7.80 -6.75
N ARG D 665 -10.22 -6.57 -6.41
CA ARG D 665 -10.21 -5.48 -7.39
C ARG D 665 -8.89 -5.35 -8.13
N GLY D 666 -7.87 -6.12 -7.76
CA GLY D 666 -6.57 -5.98 -8.39
C GLY D 666 -5.73 -4.92 -7.73
N LEU D 667 -4.73 -4.44 -8.47
CA LEU D 667 -3.86 -3.38 -8.00
C LEU D 667 -3.45 -2.49 -9.17
N GLU D 668 -3.05 -1.26 -8.85
CA GLU D 668 -2.60 -0.30 -9.85
C GLU D 668 -1.19 -0.67 -10.28
N ALA D 669 -1.10 -1.44 -11.37
CA ALA D 669 0.18 -1.99 -11.79
C ALA D 669 1.10 -0.91 -12.34
N TYR D 670 0.65 -0.23 -13.40
CA TYR D 670 1.49 0.74 -14.09
C TYR D 670 2.14 1.74 -13.16
N LYS D 671 1.55 1.96 -11.98
CA LYS D 671 2.00 2.98 -11.05
C LYS D 671 2.26 4.31 -11.77
N GLY D 672 1.16 4.92 -12.24
CA GLY D 672 -0.16 4.38 -12.06
C GLY D 672 -1.28 5.16 -12.72
N SER D 673 -1.64 4.74 -13.93
CA SER D 673 -2.87 5.19 -14.56
C SER D 673 -4.02 4.30 -14.04
N THR D 674 -5.17 4.33 -14.72
CA THR D 674 -6.28 3.50 -14.30
C THR D 674 -5.89 2.03 -14.23
N ALA D 675 -5.15 1.55 -15.24
CA ALA D 675 -5.02 0.12 -15.48
C ALA D 675 -4.66 -0.64 -14.21
N ARG D 676 -5.21 -1.83 -14.08
CA ARG D 676 -4.97 -2.68 -12.93
C ARG D 676 -4.58 -4.08 -13.39
N LYS D 677 -3.90 -4.79 -12.50
CA LYS D 677 -3.47 -6.16 -12.73
C LYS D 677 -4.04 -7.06 -11.65
N GLY D 678 -4.22 -8.33 -11.98
CA GLY D 678 -4.66 -9.31 -11.01
C GLY D 678 -6.13 -9.22 -10.62
N VAL D 679 -6.98 -8.68 -11.50
CA VAL D 679 -8.39 -8.54 -11.18
C VAL D 679 -9.02 -9.93 -11.11
N PHE D 680 -9.66 -10.21 -9.98
CA PHE D 680 -10.37 -11.46 -9.70
C PHE D 680 -9.41 -12.60 -9.37
N ALA D 681 -8.12 -12.35 -9.25
CA ALA D 681 -7.19 -13.42 -8.88
C ALA D 681 -7.37 -13.77 -7.41
N PRO D 682 -7.56 -15.04 -7.07
CA PRO D 682 -7.68 -15.39 -5.64
C PRO D 682 -6.39 -15.09 -4.91
N PRO D 683 -6.44 -14.99 -3.59
CA PRO D 683 -5.21 -14.75 -2.82
C PRO D 683 -4.29 -15.96 -2.78
N ARG D 684 -2.99 -15.68 -2.68
CA ARG D 684 -2.01 -16.75 -2.48
C ARG D 684 -2.34 -17.52 -1.22
N GLY D 685 -2.55 -18.82 -1.37
CA GLY D 685 -2.92 -19.66 -0.26
C GLY D 685 -4.39 -20.04 -0.22
N ALA D 686 -5.20 -19.51 -1.14
CA ALA D 686 -6.55 -20.01 -1.28
C ALA D 686 -6.53 -21.50 -1.61
N ILE D 687 -7.24 -22.29 -0.82
CA ILE D 687 -7.37 -23.73 -1.04
C ILE D 687 -8.85 -24.03 -1.18
N SER D 688 -9.24 -24.62 -2.30
CA SER D 688 -10.61 -25.01 -2.56
C SER D 688 -10.71 -26.53 -2.65
N ARG D 689 -11.76 -27.09 -2.05
CA ARG D 689 -12.06 -28.51 -2.18
C ARG D 689 -12.77 -28.75 -3.51
N VAL D 690 -12.22 -29.64 -4.32
CA VAL D 690 -12.95 -30.21 -5.45
C VAL D 690 -13.54 -31.59 -5.13
N GLY D 691 -12.84 -32.40 -4.34
CA GLY D 691 -13.30 -33.72 -3.99
C GLY D 691 -12.52 -34.16 -2.78
N ARG D 692 -12.83 -35.37 -2.32
CA ARG D 692 -12.20 -35.90 -1.13
C ARG D 692 -10.68 -35.85 -1.25
N LEU D 693 -10.15 -36.16 -2.42
CA LEU D 693 -8.70 -36.34 -2.57
C LEU D 693 -8.02 -35.17 -3.25
N THR D 694 -8.73 -34.09 -3.56
CA THR D 694 -8.22 -33.07 -4.46
C THR D 694 -8.50 -31.67 -3.92
N ARG D 695 -7.51 -30.80 -4.05
CA ARG D 695 -7.66 -29.40 -3.68
C ARG D 695 -7.06 -28.51 -4.77
N LEU D 696 -7.67 -27.34 -4.94
CA LEU D 696 -7.18 -26.30 -5.84
C LEU D 696 -6.43 -25.26 -5.03
N LEU D 697 -5.25 -24.87 -5.49
CA LEU D 697 -4.30 -24.10 -4.69
C LEU D 697 -3.86 -22.89 -5.50
N ALA D 698 -4.32 -21.71 -5.09
CA ALA D 698 -3.92 -20.47 -5.74
C ALA D 698 -2.52 -20.07 -5.26
N VAL D 699 -1.64 -19.75 -6.21
CA VAL D 699 -0.25 -19.45 -5.89
C VAL D 699 0.13 -18.02 -6.28
N ASN D 700 -0.35 -17.55 -7.43
CA ASN D 700 0.02 -16.23 -7.94
C ASN D 700 -1.06 -15.22 -7.54
N SER D 701 -0.78 -14.45 -6.50
CA SER D 701 -1.66 -13.40 -6.04
C SER D 701 -1.52 -12.16 -6.91
N PRO D 702 -2.42 -11.18 -6.75
CA PRO D 702 -2.26 -9.92 -7.52
C PRO D 702 -0.90 -9.27 -7.36
N GLN D 703 -0.41 -9.21 -6.12
CA GLN D 703 0.90 -8.63 -5.83
C GLN D 703 2.01 -9.32 -6.62
N LEU D 704 1.83 -10.60 -6.94
CA LEU D 704 2.83 -11.33 -7.70
C LEU D 704 2.59 -11.32 -9.21
N ILE D 705 1.37 -10.99 -9.64
CA ILE D 705 1.08 -10.96 -11.07
C ILE D 705 1.82 -9.81 -11.72
N LYS D 706 2.19 -10.00 -12.99
CA LYS D 706 3.25 -9.20 -13.59
C LYS D 706 2.75 -7.96 -14.31
N ARG D 707 1.70 -8.10 -15.12
CA ARG D 707 1.33 -7.06 -16.07
C ARG D 707 -0.19 -6.90 -16.09
N ALA D 708 -0.63 -5.77 -16.65
CA ALA D 708 -2.06 -5.48 -16.70
C ALA D 708 -2.82 -6.57 -17.44
N ASN D 709 -2.23 -7.09 -18.51
CA ASN D 709 -2.86 -8.09 -19.38
C ASN D 709 -2.55 -9.51 -18.97
N THR D 710 -1.77 -9.72 -17.91
CA THR D 710 -1.53 -11.07 -17.43
C THR D 710 -2.87 -11.74 -17.13
N PRO D 711 -3.16 -12.89 -17.74
CA PRO D 711 -4.46 -13.52 -17.50
C PRO D 711 -4.70 -13.81 -16.02
N LEU D 712 -5.96 -14.11 -15.71
CA LEU D 712 -6.29 -14.79 -14.46
C LEU D 712 -5.40 -16.03 -14.32
N PRO D 713 -4.74 -16.23 -13.19
CA PRO D 713 -3.87 -17.40 -13.07
C PRO D 713 -4.67 -18.68 -12.98
N THR D 714 -4.06 -19.75 -13.42
CA THR D 714 -4.59 -21.07 -13.12
C THR D 714 -4.00 -21.57 -11.81
N PRO D 715 -4.82 -22.16 -10.93
CA PRO D 715 -4.28 -22.67 -9.66
C PRO D 715 -3.64 -24.03 -9.87
N LEU D 716 -2.86 -24.43 -8.88
CA LEU D 716 -2.32 -25.78 -8.85
C LEU D 716 -3.36 -26.75 -8.32
N LEU D 717 -3.44 -27.93 -8.93
CA LEU D 717 -4.31 -29.01 -8.49
C LEU D 717 -3.47 -30.01 -7.70
N VAL D 718 -3.83 -30.22 -6.44
CA VAL D 718 -3.11 -31.10 -5.52
C VAL D 718 -3.98 -32.31 -5.27
N SER D 719 -3.46 -33.50 -5.61
CA SER D 719 -4.22 -34.74 -5.48
C SER D 719 -3.53 -35.71 -4.54
N LEU D 720 -4.31 -36.31 -3.64
CA LEU D 720 -3.78 -37.28 -2.68
C LEU D 720 -3.98 -38.69 -3.21
N HIS D 721 -2.90 -39.46 -3.28
CA HIS D 721 -2.98 -40.84 -3.72
C HIS D 721 -3.95 -41.60 -2.81
N PRO D 722 -4.82 -42.44 -3.37
CA PRO D 722 -5.86 -43.07 -2.53
C PRO D 722 -5.32 -43.98 -1.44
N ASP D 723 -4.16 -44.62 -1.64
CA ASP D 723 -3.60 -45.52 -0.64
C ASP D 723 -2.74 -44.79 0.39
N SER D 724 -2.69 -43.45 0.34
CA SER D 724 -2.04 -42.67 1.40
C SER D 724 -2.66 -42.98 2.75
N THR D 725 -1.82 -43.29 3.74
CA THR D 725 -2.33 -43.52 5.08
C THR D 725 -2.64 -42.20 5.82
N PHE D 726 -1.95 -41.11 5.45
CA PHE D 726 -2.19 -39.78 6.00
C PHE D 726 -3.07 -38.98 5.04
N LYS D 727 -4.14 -38.37 5.56
CA LYS D 727 -5.27 -37.97 4.73
C LYS D 727 -5.56 -36.47 4.61
N ASP D 728 -4.90 -35.61 5.37
CA ASP D 728 -5.28 -34.20 5.43
C ASP D 728 -4.71 -33.48 4.21
N VAL D 729 -5.46 -33.49 3.11
CA VAL D 729 -4.95 -32.87 1.88
C VAL D 729 -5.00 -31.35 1.91
N ASP D 730 -5.74 -30.73 2.83
CA ASP D 730 -5.61 -29.29 3.01
C ASP D 730 -4.22 -28.95 3.56
N TYR D 731 -3.71 -29.79 4.48
CA TYR D 731 -2.39 -29.57 5.04
C TYR D 731 -1.30 -29.79 4.00
N LEU D 732 -1.42 -30.87 3.23
CA LEU D 732 -0.44 -31.12 2.18
C LEU D 732 -0.40 -29.99 1.18
N ALA D 733 -1.55 -29.37 0.88
CA ALA D 733 -1.56 -28.29 -0.08
C ALA D 733 -0.88 -27.04 0.45
N GLU D 734 -1.11 -26.71 1.73
CA GLU D 734 -0.39 -25.59 2.33
C GLU D 734 1.11 -25.87 2.37
N GLN D 735 1.49 -27.13 2.61
CA GLN D 735 2.90 -27.52 2.58
C GLN D 735 3.48 -27.33 1.18
N ALA D 736 2.70 -27.68 0.15
CA ALA D 736 3.17 -27.46 -1.21
C ALA D 736 3.44 -25.99 -1.48
N LEU D 737 2.52 -25.12 -1.05
CA LEU D 737 2.70 -23.68 -1.20
C LEU D 737 3.97 -23.21 -0.52
N LYS D 738 4.21 -23.67 0.71
CA LYS D 738 5.39 -23.24 1.45
C LYS D 738 6.67 -23.64 0.72
N PHE D 739 6.64 -24.81 0.06
CA PHE D 739 7.85 -25.27 -0.63
C PHE D 739 8.10 -24.49 -1.91
N THR D 740 7.12 -23.74 -2.44
CA THR D 740 7.44 -22.88 -3.57
C THR D 740 8.28 -21.69 -3.14
N SER D 741 8.21 -21.29 -1.87
CA SER D 741 8.96 -20.18 -1.33
C SER D 741 10.34 -20.57 -0.83
N LEU D 742 10.65 -21.86 -0.84
CA LEU D 742 11.92 -22.43 -0.38
C LEU D 742 12.99 -22.39 -1.46
N SER D 743 12.69 -21.89 -2.66
CA SER D 743 13.62 -21.97 -3.78
C SER D 743 14.71 -20.91 -3.67
N TRP D 744 15.95 -21.34 -3.93
CA TRP D 744 17.10 -20.44 -3.89
C TRP D 744 17.64 -20.14 -5.28
N ARG D 745 16.82 -20.32 -6.33
CA ARG D 745 17.19 -19.79 -7.63
C ARG D 745 16.76 -18.33 -7.80
N SER D 746 15.87 -17.86 -6.94
CA SER D 746 15.25 -16.54 -7.11
C SER D 746 14.73 -16.08 -5.76
N THR D 747 14.67 -14.76 -5.58
CA THR D 747 13.94 -14.22 -4.44
C THR D 747 12.45 -14.48 -4.55
N LEU D 748 11.93 -14.56 -5.80
CA LEU D 748 10.52 -14.80 -6.03
C LEU D 748 10.22 -16.29 -5.91
N PRO D 749 8.99 -16.64 -5.51
CA PRO D 749 8.65 -18.06 -5.41
C PRO D 749 8.66 -18.75 -6.76
N ALA D 750 8.84 -20.07 -6.70
CA ALA D 750 8.81 -20.91 -7.89
C ALA D 750 7.38 -21.34 -8.19
N ALA D 751 7.19 -21.85 -9.42
CA ALA D 751 5.87 -22.28 -9.87
C ALA D 751 5.45 -23.63 -9.30
N THR D 752 6.37 -24.36 -8.68
CA THR D 752 6.12 -25.71 -8.20
C THR D 752 7.03 -25.90 -6.97
N PRO D 753 6.61 -26.70 -6.00
CA PRO D 753 7.45 -26.85 -4.78
C PRO D 753 8.85 -27.34 -5.12
N VAL D 754 9.82 -26.96 -4.27
CA VAL D 754 11.23 -27.24 -4.59
C VAL D 754 11.49 -28.73 -4.65
N THR D 755 10.74 -29.51 -3.87
CA THR D 755 10.89 -30.96 -3.87
C THR D 755 10.82 -31.51 -5.28
N ILE D 756 9.95 -30.95 -6.11
CA ILE D 756 9.90 -31.36 -7.51
C ILE D 756 10.84 -30.51 -8.36
N PHE D 757 10.82 -29.19 -8.16
CA PHE D 757 11.56 -28.28 -9.02
C PHE D 757 13.04 -28.61 -9.05
N TYR D 758 13.66 -28.68 -7.87
CA TYR D 758 15.07 -29.07 -7.79
C TYR D 758 15.31 -30.40 -8.49
N SER D 759 14.46 -31.40 -8.22
CA SER D 759 14.65 -32.71 -8.82
C SER D 759 14.74 -32.61 -10.34
N GLU D 760 13.88 -31.79 -10.94
CA GLU D 760 13.92 -31.59 -12.39
C GLU D 760 15.22 -30.94 -12.83
N ARG D 761 15.68 -29.90 -12.13
CA ARG D 761 16.97 -29.31 -12.47
C ARG D 761 18.05 -30.38 -12.41
N ILE D 762 18.10 -31.13 -11.32
CA ILE D 762 19.13 -32.15 -11.14
C ILE D 762 19.09 -33.16 -12.28
N ALA D 763 17.89 -33.68 -12.58
CA ALA D 763 17.81 -34.71 -13.60
C ALA D 763 18.29 -34.19 -14.94
N GLU D 764 17.98 -32.93 -15.26
CA GLU D 764 18.38 -32.36 -16.54
C GLU D 764 19.90 -32.20 -16.59
N LEU D 765 20.50 -31.64 -15.54
CA LEU D 765 21.95 -31.46 -15.55
C LEU D 765 22.67 -32.80 -15.63
N LEU D 766 22.36 -33.71 -14.70
CA LEU D 766 23.04 -35.00 -14.70
C LEU D 766 22.78 -35.78 -16.00
N GLY D 767 21.56 -35.66 -16.56
CA GLY D 767 21.28 -36.32 -17.81
C GLY D 767 22.19 -35.83 -18.92
N ARG D 768 22.43 -34.52 -18.99
CA ARG D 768 23.32 -33.99 -20.03
C ARG D 768 24.79 -34.34 -19.75
N LEU D 769 25.17 -34.27 -18.48
CA LEU D 769 26.54 -34.53 -18.09
C LEU D 769 26.95 -35.95 -18.44
N LYS D 770 26.01 -36.90 -18.41
CA LYS D 770 26.35 -38.31 -18.63
C LYS D 770 27.00 -38.52 -20.00
N SER D 771 26.73 -37.63 -20.95
CA SER D 771 27.25 -37.74 -22.31
C SER D 771 28.53 -36.94 -22.54
N ILE D 772 29.03 -36.22 -21.55
CA ILE D 772 30.18 -35.33 -21.76
C ILE D 772 31.45 -36.11 -21.47
N PRO D 773 32.44 -36.07 -22.36
CA PRO D 773 33.69 -36.79 -22.07
C PRO D 773 34.36 -36.27 -20.81
N ASN D 774 34.91 -37.19 -20.03
CA ASN D 774 35.66 -36.89 -18.83
C ASN D 774 34.79 -36.37 -17.69
N TRP D 775 33.48 -36.34 -17.86
CA TRP D 775 32.60 -36.14 -16.72
C TRP D 775 32.80 -37.24 -15.68
N SER D 776 32.80 -36.84 -14.41
CA SER D 776 32.69 -37.81 -13.33
C SER D 776 31.87 -37.24 -12.20
N SER D 777 30.96 -38.05 -11.65
CA SER D 777 30.13 -37.62 -10.54
C SER D 777 30.80 -37.83 -9.18
N ALA D 778 32.07 -38.26 -9.14
CA ALA D 778 32.67 -38.69 -7.87
C ALA D 778 32.62 -37.62 -6.79
N ASN D 779 32.64 -36.35 -7.15
CA ASN D 779 32.67 -35.29 -6.16
C ASN D 779 31.28 -34.83 -5.74
N LEU D 780 30.22 -35.33 -6.39
CA LEU D 780 28.87 -34.85 -6.04
C LEU D 780 28.53 -35.16 -4.60
N ASN D 781 29.06 -36.24 -4.05
CA ASN D 781 28.82 -36.62 -2.66
C ASN D 781 30.05 -36.44 -1.78
N ILE D 782 31.07 -35.74 -2.28
CA ILE D 782 32.22 -35.39 -1.45
C ILE D 782 32.31 -33.87 -1.37
N LYS D 783 33.03 -33.24 -2.30
CA LYS D 783 33.21 -31.80 -2.22
C LYS D 783 31.88 -31.07 -2.35
N LEU D 784 30.96 -31.60 -3.16
CA LEU D 784 29.74 -30.89 -3.49
C LEU D 784 28.53 -31.36 -2.67
N LYS D 785 28.76 -32.09 -1.57
CA LYS D 785 27.66 -32.75 -0.87
C LYS D 785 26.65 -31.75 -0.31
N TRP D 786 27.11 -30.59 0.15
CA TRP D 786 26.23 -29.56 0.69
C TRP D 786 26.07 -28.38 -0.27
N SER D 787 26.62 -28.49 -1.48
CA SER D 787 26.52 -27.44 -2.47
C SER D 787 25.24 -27.60 -3.27
N ARG D 788 24.46 -26.52 -3.39
CA ARG D 788 23.28 -26.57 -4.25
C ARG D 788 23.73 -26.24 -5.68
N TRP D 789 24.62 -27.10 -6.19
CA TRP D 789 25.26 -26.90 -7.49
C TRP D 789 24.26 -26.92 -8.65
N PHE D 790 23.08 -27.46 -8.44
CA PHE D 790 22.06 -27.65 -9.46
C PHE D 790 21.20 -26.41 -9.68
N LEU D 791 21.38 -25.35 -8.91
CA LEU D 791 20.47 -24.22 -9.05
C LEU D 791 20.75 -23.42 -10.32
C1 MPD G . -12.95 12.83 21.27
C2 MPD G . -13.03 12.11 22.62
O2 MPD G . -14.43 11.95 22.93
CM MPD G . -12.43 10.72 22.50
C3 MPD G . -12.46 12.81 23.86
C4 MPD G . -10.99 13.20 23.77
O4 MPD G . -10.92 14.44 24.48
C5 MPD G . -9.90 12.35 24.39
H11 MPD G . -12.47 13.80 21.39
H12 MPD G . -13.96 12.97 20.88
H13 MPD G . -12.38 12.22 20.57
HO2 MPD G . -14.62 12.39 23.78
HM1 MPD G . -11.67 10.59 23.27
HM2 MPD G . -11.97 10.61 21.52
HM3 MPD G . -13.21 9.98 22.61
H31 MPD G . -12.58 12.14 24.71
H32 MPD G . -13.04 13.70 24.04
H4 MPD G . -10.78 13.15 22.71
HO4 MPD G . -11.58 15.07 24.10
H51 MPD G . -9.91 12.47 25.48
H52 MPD G . -10.07 11.30 24.14
H53 MPD G . -8.93 12.67 24.00
MG MG H . 9.34 33.65 18.98
C1 MPD I . 3.27 42.39 6.47
C2 MPD I . 2.39 41.39 5.74
O2 MPD I . 1.00 41.66 6.01
CM MPD I . 2.53 41.59 4.23
C3 MPD I . 2.82 39.96 6.03
C4 MPD I . 2.76 39.47 7.47
O4 MPD I . 4.03 39.55 8.08
C5 MPD I . 1.77 40.25 8.32
H11 MPD I . 4.10 41.86 6.95
H12 MPD I . 3.66 43.12 5.77
H13 MPD I . 2.68 42.90 7.24
HO2 MPD I . 0.46 40.85 5.85
HM1 MPD I . 2.70 40.62 3.75
HM2 MPD I . 3.38 42.25 4.03
HM3 MPD I . 1.63 42.03 3.84
H31 MPD I . 3.86 39.85 5.69
H32 MPD I . 2.20 39.30 5.43
H4 MPD I . 2.42 38.43 7.42
HO4 MPD I . 4.10 38.84 8.76
H51 MPD I . 0.86 40.41 7.75
H52 MPD I . 1.54 39.69 9.22
H53 MPD I . 2.21 41.21 8.59
C1 MPD J . -0.32 -34.86 -28.31
C2 MPD J . -1.66 -34.61 -27.62
O2 MPD J . -2.32 -33.53 -28.33
CM MPD J . -2.53 -35.86 -27.70
C3 MPD J . -1.41 -34.14 -26.20
C4 MPD J . -2.69 -33.94 -25.38
O4 MPD J . -2.30 -33.55 -24.08
C5 MPD J . -3.68 -32.91 -25.93
H11 MPD J . 0.49 -34.64 -27.61
H12 MPD J . -0.24 -34.22 -29.18
H13 MPD J . -0.25 -35.90 -28.61
HO2 MPD J . -2.04 -32.67 -27.95
HM1 MPD J . -3.45 -35.70 -27.14
HM2 MPD J . -1.99 -36.71 -27.29
HM3 MPD J . -2.78 -36.07 -28.75
H31 MPD J . -0.87 -33.20 -26.23
H32 MPD J . -0.78 -34.87 -25.69
H4 MPD J . -3.23 -34.88 -25.42
HO4 MPD J . -2.94 -33.90 -23.42
H51 MPD J . -4.21 -32.44 -25.09
H52 MPD J . -4.40 -33.41 -26.58
H53 MPD J . -3.14 -32.15 -26.48
C1 MPD K . -19.74 -26.98 -5.17
C2 MPD K . -21.25 -26.83 -5.00
O2 MPD K . -21.87 -28.00 -5.57
CM MPD K . -21.63 -26.72 -3.53
C3 MPD K . -21.84 -25.74 -5.90
C4 MPD K . -21.91 -24.33 -5.36
O4 MPD K . -22.19 -23.52 -6.47
C5 MPD K . -22.97 -24.10 -4.31
H11 MPD K . -19.38 -26.21 -5.85
H12 MPD K . -19.26 -26.86 -4.20
H13 MPD K . -19.52 -27.96 -5.58
HO2 MPD K . -22.15 -27.81 -6.49
HM1 MPD K . -21.19 -27.55 -2.98
HM2 MPD K . -21.25 -25.78 -3.14
HM3 MPD K . -22.71 -26.74 -3.44
H31 MPD K . -21.24 -25.72 -6.82
H32 MPD K . -22.85 -26.04 -6.17
H4 MPD K . -20.96 -24.11 -4.87
HO4 MPD K . -21.53 -22.80 -6.55
H51 MPD K . -23.57 -23.23 -4.59
H52 MPD K . -22.50 -23.93 -3.34
H53 MPD K . -23.62 -24.98 -4.25
C ACT L . 5.43 -41.25 -12.90
O ACT L . 5.70 -40.91 -14.05
OXT ACT L . 4.48 -41.90 -12.49
CH3 ACT L . 6.43 -40.81 -11.85
H1 ACT L . 6.02 -40.16 -11.26
H2 ACT L . 6.73 -41.58 -11.34
H3 ACT L . 7.19 -40.40 -12.29
MG MG M . 21.00 -21.39 -12.07
C1 MPD N . 6.41 -57.60 -35.12
C2 MPD N . 5.91 -58.37 -33.91
O2 MPD N . 6.90 -59.37 -33.58
CM MPD N . 5.77 -57.46 -32.70
C3 MPD N . 4.59 -59.08 -34.22
C4 MPD N . 3.40 -58.14 -34.14
O4 MPD N . 3.60 -57.03 -34.99
C5 MPD N . 2.11 -58.83 -34.54
H11 MPD N . 7.46 -57.35 -34.99
H12 MPD N . 6.30 -58.22 -36.02
H13 MPD N . 5.82 -56.68 -35.23
HO2 MPD N . 6.49 -60.26 -33.62
HM1 MPD N . 5.07 -57.90 -31.98
HM2 MPD N . 6.74 -57.33 -32.22
HM3 MPD N . 5.39 -56.49 -33.02
H31 MPD N . 4.45 -59.91 -33.51
H32 MPD N . 4.65 -59.52 -35.22
H4 MPD N . 3.32 -57.80 -33.11
HO4 MPD N . 2.73 -56.64 -35.23
H51 MPD N . 1.70 -58.36 -35.44
H52 MPD N . 1.37 -58.75 -33.74
H53 MPD N . 2.30 -59.88 -34.75
#